data_6R5I
#
_entry.id   6R5I
#
_cell.length_a   71.079
_cell.length_b   73.701
_cell.length_c   81.534
_cell.angle_alpha   65.58
_cell.angle_beta   73.91
_cell.angle_gamma   69.70
#
_symmetry.space_group_name_H-M   'P 1'
#
loop_
_entity.id
_entity.type
_entity.pdbx_description
1 polymer 'Periplasmic beta-glucosidase'
2 non-polymer 'SULFATE ION'
3 non-polymer 'MAGNESIUM ION'
4 water water
#
_entity_poly.entity_id   1
_entity_poly.type   'polypeptide(L)'
_entity_poly.pdbx_seq_one_letter_code
;TDKERFIASLMARMSNAEKIGQLRLVSVGADHPKEALMADIRAGKVGAIFNTVTRPDIRAMQDQVRHSRLKIPLFHAYDV
AHGHRTIFPISLGLAASWDPEVVARSARISALEASADGLDMSFSPMVDITRDARWGRVSEGFGEDTYLTSLLSGVMVRAY
QGSNLAAPDSIMAAVKHFALYGAAEGGRDYNTVDMSLPRMFQDYLPPYKAAVDAGAGAVMVSLNTINGVPATANRWLLTD
LLRQQWGFKGLTISDHGAVKELIKHGLAGNERDATRLAIQAGVDMNMNDDLYSTWLPKLLAAGEIDQADIDRACRDVLAA
KYDLGLFADPYRRLGKPDDPPFDTNAESRLHRQAAREVAREGLVLLKNRDGLLPLKKQGRIAVIGPLAKSQRDVIGSWSA
AGVPRQAVTVYQGLANAVGERATLLYAKGANVSGDQAILDYLNSYNPEVEVDPRSAEAMLEEALRTARDADLVVAVVGES
QGMAHEASSRTDLRIPASQRRLLKALKATGKPLVLVLMNGRPLSLGWEQENADAILETWFSGTEGGNAIADVLFGEHNPS
GKLTMSFPRSVGQVPVYYNHLNTGRPMDHDNPGKYTSRYFDEANGPLYPFGYGLSYTEFSLSPLRLSSERLARGATLEAR
VTLSNSGKRAGATVVQLYLQDPVASLSRPVKELRGFRKVMLEPGESREIVFRLGEADLKFYDSQLRHTAEPGEFKVFVGL
DSAQTESRSFTLL
;
_entity_poly.pdbx_strand_id   A,B
#
loop_
_chem_comp.id
_chem_comp.type
_chem_comp.name
_chem_comp.formula
MG non-polymer 'MAGNESIUM ION' 'Mg 2'
SO4 non-polymer 'SULFATE ION' 'O4 S -2'
#
# COMPACT_ATOMS: atom_id res chain seq x y z
N THR A 1 42.55 17.00 16.21
CA THR A 1 42.52 16.08 17.38
C THR A 1 42.53 16.86 18.70
N ASP A 2 42.59 18.20 18.68
CA ASP A 2 42.38 19.03 19.90
C ASP A 2 40.97 18.78 20.46
N LYS A 3 39.97 18.60 19.58
CA LYS A 3 38.59 18.26 20.00
C LYS A 3 38.57 16.87 20.65
N GLU A 4 39.20 15.87 20.02
CA GLU A 4 39.17 14.48 20.55
C GLU A 4 40.05 14.42 21.81
N ARG A 5 41.05 15.27 21.97
CA ARG A 5 41.90 15.36 23.19
C ARG A 5 41.07 15.94 24.33
N PHE A 6 40.30 16.99 24.07
CA PHE A 6 39.43 17.64 25.07
C PHE A 6 38.44 16.59 25.56
N ILE A 7 37.81 15.85 24.65
CA ILE A 7 36.73 14.88 24.98
C ILE A 7 37.36 13.69 25.72
N ALA A 8 38.49 13.16 25.26
CA ALA A 8 39.22 12.04 25.91
C ALA A 8 39.57 12.44 27.35
N SER A 9 40.05 13.66 27.56
CA SER A 9 40.47 14.16 28.90
CA SER A 9 40.48 14.14 28.89
C SER A 9 39.24 14.27 29.80
N LEU A 10 38.14 14.82 29.30
CA LEU A 10 36.89 14.93 30.09
C LEU A 10 36.37 13.53 30.44
N MET A 11 36.28 12.63 29.46
CA MET A 11 35.73 11.28 29.72
C MET A 11 36.63 10.51 30.70
N ALA A 12 37.95 10.78 30.73
CA ALA A 12 38.89 10.15 31.68
C ALA A 12 38.51 10.52 33.12
N ARG A 13 37.82 11.65 33.31
CA ARG A 13 37.39 12.17 34.63
C ARG A 13 36.03 11.61 35.08
N MET A 14 35.24 11.03 34.17
CA MET A 14 33.80 10.78 34.45
C MET A 14 33.58 9.37 34.98
N SER A 15 32.75 9.26 36.00
CA SER A 15 32.18 7.98 36.48
C SER A 15 31.22 7.48 35.42
N ASN A 16 30.95 6.20 35.41
CA ASN A 16 29.84 5.63 34.59
C ASN A 16 28.51 6.33 34.90
N ALA A 17 28.22 6.67 36.15
CA ALA A 17 26.98 7.43 36.47
C ALA A 17 26.94 8.75 35.68
N GLU A 18 28.05 9.46 35.59
CA GLU A 18 28.15 10.77 34.89
C GLU A 18 28.05 10.52 33.37
N LYS A 19 28.70 9.48 32.87
CA LYS A 19 28.64 9.12 31.43
C LYS A 19 27.20 8.78 31.06
N ILE A 20 26.52 7.99 31.89
CA ILE A 20 25.11 7.60 31.61
C ILE A 20 24.19 8.82 31.71
N GLY A 21 24.47 9.74 32.64
CA GLY A 21 23.69 10.99 32.76
C GLY A 21 23.67 11.77 31.46
N GLN A 22 24.76 11.75 30.70
CA GLN A 22 24.87 12.53 29.44
C GLN A 22 23.87 11.99 28.41
N LEU A 23 23.44 10.75 28.55
CA LEU A 23 22.60 10.09 27.52
C LEU A 23 21.13 10.42 27.75
N ARG A 24 20.80 11.09 28.85
CA ARG A 24 19.40 11.30 29.27
C ARG A 24 18.88 12.61 28.66
N LEU A 25 17.81 12.51 27.88
CA LEU A 25 17.14 13.63 27.22
C LEU A 25 15.71 13.69 27.74
N VAL A 26 15.35 14.79 28.39
CA VAL A 26 14.05 14.86 29.08
C VAL A 26 13.38 16.21 28.81
N SER A 27 12.08 16.25 29.05
CA SER A 27 11.25 17.48 29.01
C SER A 27 10.54 17.61 30.36
N VAL A 28 10.25 18.86 30.73
CA VAL A 28 9.39 19.15 31.90
C VAL A 28 7.99 18.61 31.55
N GLY A 29 7.43 17.81 32.44
CA GLY A 29 6.13 17.14 32.19
C GLY A 29 5.68 16.36 33.40
N ALA A 30 4.60 15.61 33.26
CA ALA A 30 4.08 14.72 34.32
C ALA A 30 5.20 13.78 34.78
N ASP A 31 5.94 13.19 33.86
CA ASP A 31 7.00 12.18 34.15
C ASP A 31 8.24 12.85 34.76
N HIS A 32 8.44 14.15 34.56
CA HIS A 32 9.64 14.87 35.05
C HIS A 32 9.23 16.27 35.50
N PRO A 33 8.64 16.40 36.71
CA PRO A 33 8.30 17.72 37.24
C PRO A 33 9.53 18.64 37.32
N LYS A 34 9.30 19.94 37.19
CA LYS A 34 10.39 20.93 36.99
C LYS A 34 11.38 20.81 38.15
N GLU A 35 10.92 20.76 39.40
CA GLU A 35 11.82 20.78 40.59
C GLU A 35 12.62 19.47 40.66
N ALA A 36 12.04 18.31 40.36
CA ALA A 36 12.76 17.02 40.29
C ALA A 36 13.84 17.10 39.21
N LEU A 37 13.50 17.70 38.07
CA LEU A 37 14.43 17.83 36.93
C LEU A 37 15.60 18.75 37.32
N MET A 38 15.31 19.87 37.96
CA MET A 38 16.35 20.82 38.42
C MET A 38 17.34 20.07 39.33
N ALA A 39 16.82 19.25 40.27
CA ALA A 39 17.66 18.48 41.21
C ALA A 39 18.53 17.50 40.42
N ASP A 40 17.99 16.88 39.37
CA ASP A 40 18.73 15.88 38.56
C ASP A 40 19.85 16.58 37.79
N ILE A 41 19.61 17.77 37.28
CA ILE A 41 20.65 18.59 36.59
C ILE A 41 21.79 18.89 37.58
N ARG A 42 21.45 19.36 38.78
CA ARG A 42 22.49 19.66 39.82
C ARG A 42 23.32 18.41 40.11
N ALA A 43 22.74 17.20 40.01
CA ALA A 43 23.41 15.92 40.28
C ALA A 43 24.18 15.38 39.07
N GLY A 44 24.18 16.07 37.92
CA GLY A 44 24.82 15.57 36.69
C GLY A 44 24.07 14.41 36.04
N LYS A 45 22.77 14.25 36.31
CA LYS A 45 21.95 13.11 35.83
C LYS A 45 21.18 13.45 34.54
N VAL A 46 21.36 14.64 33.97
CA VAL A 46 20.63 15.05 32.72
C VAL A 46 21.66 15.49 31.66
N GLY A 47 21.50 15.00 30.43
CA GLY A 47 22.37 15.36 29.29
C GLY A 47 21.79 16.51 28.50
N ALA A 48 20.49 16.52 28.32
CA ALA A 48 19.85 17.52 27.46
C ALA A 48 18.36 17.61 27.76
N ILE A 49 17.80 18.71 27.29
CA ILE A 49 16.40 19.10 27.54
C ILE A 49 15.75 19.35 26.18
N PHE A 50 14.48 18.99 26.02
CA PHE A 50 13.68 19.45 24.87
C PHE A 50 12.41 20.10 25.41
N ASN A 51 11.85 21.00 24.62
CA ASN A 51 10.53 21.64 24.83
C ASN A 51 10.59 22.73 25.89
N THR A 52 11.79 23.22 26.23
CA THR A 52 12.00 24.46 27.03
C THR A 52 12.60 25.49 26.08
N VAL A 53 11.91 26.61 25.84
CA VAL A 53 12.08 27.40 24.59
C VAL A 53 12.19 28.91 24.83
N THR A 54 12.27 29.39 26.06
CA THR A 54 12.48 30.85 26.30
C THR A 54 13.79 31.05 27.06
N ARG A 55 14.47 32.16 26.80
CA ARG A 55 15.80 32.47 27.38
C ARG A 55 15.76 32.33 28.91
N PRO A 56 14.80 32.94 29.64
CA PRO A 56 14.79 32.84 31.11
C PRO A 56 14.69 31.39 31.61
N ASP A 57 13.88 30.57 30.93
CA ASP A 57 13.64 29.15 31.29
C ASP A 57 14.89 28.33 31.00
N ILE A 58 15.50 28.55 29.85
CA ILE A 58 16.74 27.82 29.44
C ILE A 58 17.88 28.28 30.34
N ARG A 59 18.00 29.58 30.57
CA ARG A 59 19.06 30.14 31.47
C ARG A 59 18.95 29.43 32.84
N ALA A 60 17.71 29.26 33.36
CA ALA A 60 17.45 28.71 34.71
C ALA A 60 17.94 27.27 34.77
N MET A 61 17.76 26.51 33.68
CA MET A 61 18.23 25.11 33.64
CA MET A 61 18.22 25.11 33.60
C MET A 61 19.75 25.09 33.54
N GLN A 62 20.34 25.91 32.67
CA GLN A 62 21.82 25.95 32.52
C GLN A 62 22.43 26.36 33.87
N ASP A 63 21.74 27.21 34.64
CA ASP A 63 22.23 27.71 35.94
C ASP A 63 22.41 26.54 36.92
N GLN A 64 21.63 25.46 36.79
CA GLN A 64 21.69 24.32 37.75
C GLN A 64 23.00 23.56 37.56
N VAL A 65 23.58 23.63 36.36
CA VAL A 65 24.80 22.88 35.96
C VAL A 65 25.97 23.28 36.88
N ARG A 66 26.05 24.56 37.25
CA ARG A 66 27.07 25.15 38.17
C ARG A 66 27.24 24.30 39.43
N HIS A 67 26.20 23.54 39.83
CA HIS A 67 26.10 22.81 41.12
C HIS A 67 26.58 21.35 40.99
N SER A 68 26.78 20.84 39.78
CA SER A 68 27.26 19.45 39.58
C SER A 68 28.77 19.42 39.73
N ARG A 69 29.33 18.22 39.85
CA ARG A 69 30.80 18.08 40.02
C ARG A 69 31.53 18.58 38.78
N LEU A 70 31.15 18.14 37.56
CA LEU A 70 31.95 18.43 36.33
C LEU A 70 31.36 19.64 35.57
N LYS A 71 30.15 20.10 35.92
CA LYS A 71 29.56 21.33 35.36
C LYS A 71 29.45 21.21 33.83
N ILE A 72 29.12 20.02 33.34
CA ILE A 72 28.98 19.80 31.87
C ILE A 72 27.68 20.47 31.45
N PRO A 73 27.71 21.39 30.46
CA PRO A 73 26.51 22.14 30.08
C PRO A 73 25.47 21.25 29.39
N LEU A 74 24.20 21.63 29.57
CA LEU A 74 23.07 21.05 28.79
C LEU A 74 23.09 21.59 27.36
N PHE A 75 22.52 20.86 26.39
CA PHE A 75 21.94 21.47 25.18
C PHE A 75 20.42 21.40 25.31
N HIS A 76 19.77 22.31 24.61
CA HIS A 76 18.30 22.51 24.60
C HIS A 76 17.82 22.35 23.16
N ALA A 77 16.85 21.47 22.97
CA ALA A 77 16.30 21.14 21.64
C ALA A 77 14.81 21.49 21.58
N TYR A 78 14.33 21.70 20.37
CA TYR A 78 12.90 21.90 20.09
C TYR A 78 12.56 21.41 18.69
N ASP A 79 11.28 21.36 18.37
CA ASP A 79 10.77 20.91 17.06
C ASP A 79 10.50 22.16 16.24
N VAL A 80 11.56 22.75 15.71
CA VAL A 80 11.50 23.92 14.83
C VAL A 80 11.45 23.39 13.40
N ALA A 81 10.26 23.03 12.94
CA ALA A 81 10.08 22.25 11.71
C ALA A 81 9.96 23.21 10.52
N HIS A 82 9.15 24.27 10.63
CA HIS A 82 8.93 25.25 9.54
C HIS A 82 8.75 26.65 10.13
N GLY A 83 9.60 26.99 11.10
CA GLY A 83 9.56 28.28 11.80
C GLY A 83 9.62 28.06 13.29
N HIS A 84 10.11 29.07 14.01
CA HIS A 84 10.14 29.08 15.49
C HIS A 84 9.01 29.97 16.02
N ARG A 85 9.13 31.27 15.85
CA ARG A 85 8.06 32.24 16.23
C ARG A 85 7.39 32.79 14.96
N THR A 86 8.17 33.15 13.97
CA THR A 86 7.66 33.48 12.61
C THR A 86 7.44 32.16 11.88
N ILE A 87 6.20 31.79 11.64
CA ILE A 87 5.90 30.46 11.06
C ILE A 87 5.84 30.59 9.53
N PHE A 88 6.67 29.82 8.84
CA PHE A 88 6.68 29.71 7.38
C PHE A 88 5.67 28.64 6.97
N PRO A 89 5.38 28.50 5.67
CA PRO A 89 4.52 27.42 5.22
C PRO A 89 5.10 26.08 5.70
N ILE A 90 4.21 25.10 5.84
CA ILE A 90 4.67 23.72 6.13
C ILE A 90 5.65 23.29 5.04
N SER A 91 6.44 22.23 5.32
CA SER A 91 7.54 21.79 4.43
C SER A 91 6.99 21.43 3.05
N LEU A 92 5.83 20.82 2.98
CA LEU A 92 5.28 20.36 1.69
C LEU A 92 4.99 21.61 0.84
N GLY A 93 4.57 22.71 1.45
CA GLY A 93 4.42 24.04 0.81
C GLY A 93 5.76 24.69 0.47
N LEU A 94 6.77 24.60 1.34
CA LEU A 94 8.12 25.11 1.04
C LEU A 94 8.68 24.39 -0.19
N ALA A 95 8.46 23.08 -0.28
CA ALA A 95 8.95 22.25 -1.39
C ALA A 95 8.36 22.74 -2.72
N ALA A 96 7.10 23.16 -2.70
CA ALA A 96 6.34 23.62 -3.87
C ALA A 96 6.94 24.93 -4.43
N SER A 97 7.80 25.64 -3.69
CA SER A 97 8.61 26.77 -4.22
C SER A 97 9.61 26.30 -5.28
N TRP A 98 10.07 25.04 -5.23
CA TRP A 98 11.14 24.52 -6.13
C TRP A 98 12.34 25.48 -6.12
N ASP A 99 12.64 26.08 -4.98
CA ASP A 99 13.66 27.15 -4.90
C ASP A 99 14.48 26.94 -3.63
N PRO A 100 15.64 26.28 -3.75
CA PRO A 100 16.54 26.07 -2.62
C PRO A 100 16.83 27.34 -1.80
N GLU A 101 16.86 28.52 -2.44
CA GLU A 101 17.19 29.79 -1.75
C GLU A 101 16.00 30.21 -0.86
N VAL A 102 14.76 29.90 -1.28
CA VAL A 102 13.54 30.16 -0.45
C VAL A 102 13.56 29.24 0.76
N VAL A 103 13.81 27.97 0.52
CA VAL A 103 13.84 26.97 1.62
C VAL A 103 14.98 27.34 2.57
N ALA A 104 16.16 27.74 2.08
CA ALA A 104 17.31 28.12 2.93
C ALA A 104 16.94 29.32 3.79
N ARG A 105 16.16 30.25 3.24
CA ARG A 105 15.80 31.49 3.98
C ARG A 105 14.92 31.11 5.16
N SER A 106 13.95 30.20 4.96
CA SER A 106 13.01 29.78 6.03
C SER A 106 13.81 29.11 7.16
N ALA A 107 14.74 28.24 6.80
CA ALA A 107 15.58 27.50 7.76
C ALA A 107 16.51 28.47 8.51
N ARG A 108 17.15 29.37 7.77
CA ARG A 108 18.10 30.35 8.39
C ARG A 108 17.34 31.20 9.42
N ILE A 109 16.17 31.73 9.06
CA ILE A 109 15.35 32.58 9.97
C ILE A 109 14.88 31.74 11.17
N SER A 110 14.44 30.50 10.96
CA SER A 110 14.02 29.58 12.04
C SER A 110 15.17 29.44 13.04
N ALA A 111 16.39 29.14 12.58
CA ALA A 111 17.56 28.93 13.44
C ALA A 111 17.91 30.23 14.15
N LEU A 112 17.81 31.37 13.45
CA LEU A 112 18.05 32.73 14.00
C LEU A 112 17.11 32.98 15.19
N GLU A 113 15.80 32.72 15.02
CA GLU A 113 14.80 32.99 16.07
C GLU A 113 14.93 31.95 17.19
N ALA A 114 15.16 30.68 16.88
CA ALA A 114 15.26 29.62 17.91
C ALA A 114 16.48 29.89 18.80
N SER A 115 17.63 30.12 18.20
CA SER A 115 18.90 30.42 18.90
C SER A 115 18.77 31.73 19.69
N ALA A 116 18.02 32.71 19.17
CA ALA A 116 17.78 34.00 19.87
C ALA A 116 16.99 33.73 21.16
N ASP A 117 16.25 32.63 21.23
CA ASP A 117 15.51 32.23 22.45
C ASP A 117 16.35 31.26 23.31
N GLY A 118 17.57 30.90 22.86
CA GLY A 118 18.50 30.09 23.66
C GLY A 118 18.55 28.63 23.22
N LEU A 119 17.81 28.24 22.17
CA LEU A 119 17.81 26.81 21.73
C LEU A 119 19.09 26.51 20.95
N ASP A 120 19.61 25.29 21.09
CA ASP A 120 20.86 24.83 20.43
C ASP A 120 20.58 23.88 19.26
N MET A 121 19.40 23.25 19.22
CA MET A 121 19.16 22.13 18.30
C MET A 121 17.69 22.09 17.92
N SER A 122 17.41 21.75 16.67
CA SER A 122 16.04 21.43 16.24
C SER A 122 15.97 19.96 15.82
N PHE A 123 14.86 19.33 16.15
CA PHE A 123 14.49 18.00 15.59
C PHE A 123 13.89 18.25 14.19
N SER A 124 14.77 18.57 13.25
CA SER A 124 14.45 18.88 11.84
CA SER A 124 14.45 18.96 11.85
C SER A 124 15.78 18.97 11.07
N PRO A 125 15.79 18.82 9.73
CA PRO A 125 14.60 18.65 8.89
C PRO A 125 14.01 17.23 8.94
N MET A 126 12.69 17.14 8.74
CA MET A 126 12.00 15.88 8.43
C MET A 126 12.19 15.65 6.92
N VAL A 127 12.79 14.54 6.52
CA VAL A 127 13.18 14.29 5.10
C VAL A 127 12.71 12.91 4.65
N ASP A 128 11.67 12.37 5.27
CA ASP A 128 11.09 11.07 4.86
C ASP A 128 10.36 11.24 3.53
N ILE A 129 10.63 10.32 2.59
CA ILE A 129 9.92 10.22 1.30
C ILE A 129 8.48 9.77 1.59
N THR A 130 7.50 10.42 0.96
CA THR A 130 6.07 10.10 1.14
C THR A 130 5.40 9.86 -0.20
N ARG A 131 4.93 8.62 -0.40
CA ARG A 131 4.15 8.21 -1.59
C ARG A 131 2.71 7.87 -1.18
N ASP A 132 2.35 7.99 0.10
CA ASP A 132 1.02 7.59 0.64
C ASP A 132 0.39 8.82 1.28
N ALA A 133 -0.55 9.45 0.56
CA ALA A 133 -1.21 10.70 0.99
C ALA A 133 -2.02 10.51 2.27
N ARG A 134 -2.35 9.30 2.69
CA ARG A 134 -3.16 9.09 3.93
C ARG A 134 -2.37 9.47 5.19
N TRP A 135 -1.05 9.36 5.14
CA TRP A 135 -0.21 9.57 6.34
C TRP A 135 -0.30 11.04 6.78
N GLY A 136 -0.60 11.30 8.07
CA GLY A 136 -0.70 12.65 8.63
C GLY A 136 0.58 13.44 8.50
N ARG A 137 1.73 12.77 8.44
CA ARG A 137 3.03 13.52 8.53
C ARG A 137 3.57 13.89 7.16
N VAL A 138 2.78 13.66 6.09
CA VAL A 138 3.13 14.11 4.72
C VAL A 138 3.39 15.62 4.74
N SER A 139 2.71 16.37 5.61
CA SER A 139 2.84 17.84 5.67
C SER A 139 4.27 18.23 6.01
N GLU A 140 5.02 17.35 6.71
CA GLU A 140 6.32 17.67 7.33
C GLU A 140 7.47 17.45 6.34
N GLY A 141 7.22 16.68 5.28
CA GLY A 141 8.26 16.37 4.28
C GLY A 141 8.23 17.26 3.05
N PHE A 142 8.99 16.86 2.04
CA PHE A 142 9.16 17.64 0.80
C PHE A 142 8.46 16.98 -0.39
N GLY A 143 7.63 15.95 -0.15
CA GLY A 143 6.89 15.27 -1.22
C GLY A 143 7.48 13.91 -1.56
N GLU A 144 7.30 13.47 -2.80
CA GLU A 144 7.48 12.04 -3.18
C GLU A 144 8.81 11.82 -3.92
N ASP A 145 9.56 12.88 -4.20
CA ASP A 145 10.69 12.77 -5.13
C ASP A 145 12.00 12.67 -4.35
N THR A 146 12.81 11.66 -4.68
CA THR A 146 14.08 11.41 -3.97
C THR A 146 15.08 12.54 -4.28
N TYR A 147 15.17 12.98 -5.54
CA TYR A 147 16.15 14.02 -5.93
C TYR A 147 15.83 15.34 -5.21
N LEU A 148 14.56 15.78 -5.28
CA LEU A 148 14.18 17.08 -4.69
C LEU A 148 14.32 17.01 -3.16
N THR A 149 13.82 15.95 -2.54
CA THR A 149 13.86 15.83 -1.06
C THR A 149 15.33 15.79 -0.60
N SER A 150 16.19 15.06 -1.31
CA SER A 150 17.63 14.95 -0.94
C SER A 150 18.28 16.33 -1.06
N LEU A 151 17.97 17.07 -2.13
CA LEU A 151 18.54 18.42 -2.31
C LEU A 151 18.10 19.33 -1.15
N LEU A 152 16.81 19.32 -0.81
CA LEU A 152 16.26 20.24 0.22
C LEU A 152 16.76 19.81 1.60
N SER A 153 16.94 18.50 1.83
CA SER A 153 17.52 17.94 3.07
C SER A 153 18.87 18.62 3.37
N GLY A 154 19.80 18.56 2.43
CA GLY A 154 21.11 19.21 2.58
C GLY A 154 20.98 20.72 2.76
N VAL A 155 20.10 21.38 1.99
CA VAL A 155 19.87 22.84 2.07
C VAL A 155 19.45 23.24 3.50
N MET A 156 18.51 22.51 4.07
CA MET A 156 17.98 22.80 5.43
C MET A 156 19.11 22.65 6.44
N VAL A 157 19.88 21.56 6.33
CA VAL A 157 20.97 21.31 7.32
C VAL A 157 21.99 22.45 7.22
N ARG A 158 22.40 22.84 6.04
CA ARG A 158 23.44 23.90 5.86
CA ARG A 158 23.44 23.90 5.87
C ARG A 158 22.89 25.23 6.38
N ALA A 159 21.61 25.51 6.15
CA ALA A 159 20.99 26.80 6.56
C ALA A 159 20.85 26.86 8.07
N TYR A 160 20.43 25.76 8.72
CA TYR A 160 20.35 25.72 10.19
C TYR A 160 21.73 25.92 10.83
N GLN A 161 22.72 25.13 10.39
CA GLN A 161 24.01 24.98 11.12
C GLN A 161 25.01 26.08 10.70
N GLY A 162 24.83 26.71 9.54
CA GLY A 162 25.68 27.83 9.11
C GLY A 162 27.12 27.38 8.86
N SER A 163 28.07 28.31 8.88
CA SER A 163 29.51 28.00 8.67
C SER A 163 30.16 27.50 9.97
N ASN A 164 29.46 27.61 11.10
CA ASN A 164 30.04 27.33 12.43
C ASN A 164 28.92 27.03 13.43
N LEU A 165 28.88 25.79 13.93
CA LEU A 165 27.83 25.32 14.88
C LEU A 165 27.94 26.05 16.23
N ALA A 166 29.04 26.76 16.52
CA ALA A 166 29.19 27.53 17.77
C ALA A 166 28.60 28.95 17.62
N ALA A 167 28.28 29.40 16.41
CA ALA A 167 27.69 30.73 16.18
C ALA A 167 26.38 30.86 16.94
N PRO A 168 26.15 31.99 17.66
CA PRO A 168 24.92 32.20 18.41
C PRO A 168 23.64 32.37 17.57
N ASP A 169 23.76 32.35 16.25
CA ASP A 169 22.58 32.38 15.35
C ASP A 169 22.46 31.03 14.62
N SER A 170 23.27 30.03 14.98
CA SER A 170 23.21 28.65 14.42
C SER A 170 22.49 27.72 15.39
N ILE A 171 21.89 26.64 14.86
CA ILE A 171 21.44 25.49 15.69
C ILE A 171 21.92 24.20 15.01
N MET A 172 22.01 23.15 15.78
CA MET A 172 22.31 21.80 15.25
C MET A 172 21.04 21.23 14.64
N ALA A 173 21.17 20.58 13.50
CA ALA A 173 20.08 19.83 12.83
C ALA A 173 20.15 18.38 13.32
N ALA A 174 19.02 17.90 13.81
CA ALA A 174 18.79 16.47 14.08
C ALA A 174 17.83 15.98 13.01
N VAL A 175 18.38 15.55 11.89
CA VAL A 175 17.60 15.03 10.74
C VAL A 175 16.75 13.84 11.20
N LYS A 176 15.52 13.77 10.70
CA LYS A 176 14.55 12.71 11.10
C LYS A 176 13.70 12.33 9.89
N HIS A 177 13.04 11.16 9.93
CA HIS A 177 13.11 10.15 10.98
C HIS A 177 13.83 8.94 10.38
N PHE A 178 15.02 8.64 10.87
CA PHE A 178 15.88 7.59 10.26
C PHE A 178 15.37 6.23 10.75
N ALA A 179 14.69 5.43 9.91
CA ALA A 179 14.52 5.64 8.48
C ALA A 179 13.21 5.01 7.99
N LEU A 180 12.74 5.50 6.83
CA LEU A 180 11.68 4.92 5.98
C LEU A 180 10.30 5.14 6.60
N TYR A 181 10.21 6.09 7.52
CA TYR A 181 9.04 6.27 8.42
C TYR A 181 7.77 6.55 7.58
N GLY A 182 7.91 7.23 6.45
CA GLY A 182 6.80 7.65 5.59
C GLY A 182 6.26 6.52 4.72
N ALA A 183 6.86 5.33 4.75
CA ALA A 183 6.36 4.17 3.98
C ALA A 183 5.37 3.33 4.81
N ALA A 184 4.94 3.83 5.99
CA ALA A 184 4.00 3.14 6.89
C ALA A 184 2.92 2.41 6.09
N GLU A 185 2.74 1.11 6.35
CA GLU A 185 1.69 0.32 5.65
C GLU A 185 0.33 0.93 5.98
N GLY A 186 -0.51 1.09 4.97
CA GLY A 186 -1.87 1.62 5.14
C GLY A 186 -1.86 3.11 5.39
N GLY A 187 -0.70 3.75 5.36
CA GLY A 187 -0.58 5.16 5.76
C GLY A 187 -0.93 5.39 7.23
N ARG A 188 -0.96 4.33 8.05
CA ARG A 188 -1.24 4.39 9.51
C ARG A 188 0.05 4.79 10.19
N ASP A 189 0.02 5.87 10.99
CA ASP A 189 1.26 6.34 11.64
C ASP A 189 1.86 5.20 12.46
N TYR A 190 3.18 5.14 12.48
CA TYR A 190 3.97 4.19 13.29
C TYR A 190 3.88 2.78 12.73
N ASN A 191 3.18 2.57 11.63
CA ASN A 191 2.95 1.18 11.16
C ASN A 191 4.20 0.61 10.46
N THR A 192 4.20 -0.72 10.40
CA THR A 192 5.14 -1.57 9.65
C THR A 192 5.61 -0.94 8.34
N VAL A 193 6.93 -0.94 8.10
CA VAL A 193 7.53 -0.61 6.79
C VAL A 193 8.25 -1.86 6.27
N ASP A 194 7.90 -2.26 5.06
CA ASP A 194 8.46 -3.47 4.45
C ASP A 194 8.81 -3.11 3.00
N MET A 195 10.09 -3.20 2.62
CA MET A 195 10.45 -2.84 1.24
C MET A 195 11.76 -3.54 0.88
N SER A 196 11.98 -3.71 -0.43
CA SER A 196 13.19 -4.34 -0.98
C SER A 196 14.39 -3.45 -0.68
N LEU A 197 15.57 -4.04 -0.63
CA LEU A 197 16.81 -3.26 -0.43
C LEU A 197 17.07 -2.34 -1.62
N PRO A 198 16.90 -2.75 -2.90
CA PRO A 198 17.12 -1.79 -3.99
C PRO A 198 16.20 -0.57 -3.92
N ARG A 199 14.94 -0.74 -3.52
CA ARG A 199 14.01 0.43 -3.38
C ARG A 199 14.49 1.29 -2.20
N MET A 200 14.88 0.64 -1.11
CA MET A 200 15.36 1.35 0.10
C MET A 200 16.54 2.25 -0.27
N PHE A 201 17.54 1.68 -0.95
CA PHE A 201 18.79 2.42 -1.27
C PHE A 201 18.59 3.43 -2.40
N GLN A 202 17.81 3.11 -3.42
CA GLN A 202 17.59 4.02 -4.57
C GLN A 202 16.69 5.19 -4.16
N ASP A 203 15.59 4.93 -3.43
CA ASP A 203 14.47 5.90 -3.34
C ASP A 203 14.32 6.50 -1.94
N TYR A 204 14.53 5.74 -0.87
CA TYR A 204 14.11 6.17 0.48
C TYR A 204 15.30 6.67 1.32
N LEU A 205 16.48 6.06 1.21
CA LEU A 205 17.63 6.41 2.09
C LEU A 205 18.36 7.69 1.65
N PRO A 206 18.44 8.08 0.36
CA PRO A 206 19.29 9.21 -0.02
C PRO A 206 19.06 10.52 0.73
N PRO A 207 17.83 10.91 1.14
CA PRO A 207 17.65 12.18 1.84
C PRO A 207 18.35 12.20 3.22
N TYR A 208 18.42 11.05 3.89
CA TYR A 208 19.13 10.97 5.19
C TYR A 208 20.63 11.09 4.95
N LYS A 209 21.12 10.42 3.91
CA LYS A 209 22.56 10.47 3.56
C LYS A 209 22.92 11.91 3.16
N ALA A 210 22.05 12.61 2.43
CA ALA A 210 22.29 14.02 2.02
C ALA A 210 22.46 14.88 3.27
N ALA A 211 21.61 14.68 4.29
CA ALA A 211 21.73 15.41 5.57
C ALA A 211 23.06 15.10 6.26
N VAL A 212 23.45 13.83 6.31
CA VAL A 212 24.73 13.42 6.95
C VAL A 212 25.87 14.11 6.18
N ASP A 213 25.85 14.06 4.85
CA ASP A 213 26.93 14.61 3.99
C ASP A 213 26.98 16.14 4.12
N ALA A 214 25.85 16.82 4.40
CA ALA A 214 25.82 18.29 4.62
C ALA A 214 26.37 18.64 6.01
N GLY A 215 26.66 17.64 6.84
CA GLY A 215 27.28 17.81 8.17
C GLY A 215 26.27 17.87 9.30
N ALA A 216 25.08 17.27 9.15
CA ALA A 216 24.08 17.25 10.26
C ALA A 216 24.75 16.69 11.52
N GLY A 217 24.56 17.37 12.65
CA GLY A 217 25.17 16.98 13.93
C GLY A 217 24.46 15.81 14.59
N ALA A 218 23.20 15.57 14.25
CA ALA A 218 22.38 14.55 14.93
C ALA A 218 21.45 13.87 13.95
N VAL A 219 21.04 12.67 14.33
CA VAL A 219 20.04 11.84 13.61
C VAL A 219 19.01 11.40 14.64
N MET A 220 17.73 11.67 14.40
CA MET A 220 16.65 11.12 15.24
C MET A 220 16.17 9.81 14.60
N VAL A 221 16.14 8.77 15.42
CA VAL A 221 15.85 7.39 14.96
C VAL A 221 14.32 7.21 14.98
N SER A 222 13.81 6.50 13.98
CA SER A 222 12.33 6.39 13.73
C SER A 222 11.66 5.36 14.65
N LEU A 223 10.33 5.39 14.64
CA LEU A 223 9.47 4.58 15.53
C LEU A 223 9.09 3.27 14.85
N ASN A 224 9.33 3.14 13.55
CA ASN A 224 8.77 2.01 12.76
C ASN A 224 9.73 0.82 12.72
N THR A 225 9.18 -0.36 12.44
CA THR A 225 9.99 -1.50 11.97
C THR A 225 10.45 -1.25 10.54
N ILE A 226 11.65 -1.72 10.24
CA ILE A 226 12.20 -1.81 8.86
C ILE A 226 12.38 -3.31 8.59
N ASN A 227 11.55 -3.88 7.74
CA ASN A 227 11.61 -5.33 7.39
C ASN A 227 11.66 -6.17 8.68
N GLY A 228 10.82 -5.82 9.65
CA GLY A 228 10.67 -6.60 10.91
C GLY A 228 11.49 -6.08 12.07
N VAL A 229 12.48 -5.21 11.85
CA VAL A 229 13.35 -4.75 12.97
C VAL A 229 13.11 -3.27 13.24
N PRO A 230 12.59 -2.92 14.46
CA PRO A 230 12.44 -1.51 14.80
C PRO A 230 13.76 -0.76 14.58
N ALA A 231 13.69 0.43 14.00
CA ALA A 231 14.88 1.27 13.76
C ALA A 231 15.71 1.38 15.05
N THR A 232 15.04 1.48 16.20
CA THR A 232 15.66 1.77 17.52
C THR A 232 16.50 0.57 17.97
N ALA A 233 16.27 -0.63 17.40
CA ALA A 233 17.01 -1.88 17.72
C ALA A 233 17.76 -2.38 16.49
N ASN A 234 17.93 -1.55 15.47
CA ASN A 234 18.40 -2.01 14.14
C ASN A 234 19.89 -1.72 14.03
N ARG A 235 20.75 -2.68 14.41
CA ARG A 235 22.22 -2.46 14.37
C ARG A 235 22.68 -2.25 12.92
N TRP A 236 22.09 -2.98 11.99
CA TRP A 236 22.42 -2.79 10.56
C TRP A 236 22.24 -1.33 10.17
N LEU A 237 21.06 -0.76 10.47
CA LEU A 237 20.73 0.62 10.07
C LEU A 237 21.68 1.61 10.78
N LEU A 238 21.81 1.52 12.10
CA LEU A 238 22.40 2.61 12.92
C LEU A 238 23.91 2.48 13.02
N THR A 239 24.45 1.27 12.87
CA THR A 239 25.90 1.02 12.97
C THR A 239 26.46 0.72 11.56
N ASP A 240 26.04 -0.39 10.94
CA ASP A 240 26.65 -0.86 9.67
C ASP A 240 26.48 0.22 8.59
N LEU A 241 25.27 0.74 8.43
CA LEU A 241 24.97 1.71 7.37
C LEU A 241 25.39 3.12 7.81
N LEU A 242 24.78 3.65 8.84
CA LEU A 242 24.97 5.08 9.21
C LEU A 242 26.42 5.37 9.57
N ARG A 243 27.07 4.53 10.36
CA ARG A 243 28.43 4.83 10.86
C ARG A 243 29.48 4.27 9.90
N GLN A 244 29.44 2.97 9.62
CA GLN A 244 30.53 2.29 8.90
C GLN A 244 30.50 2.65 7.40
N GLN A 245 29.34 2.62 6.76
CA GLN A 245 29.25 2.91 5.30
C GLN A 245 29.18 4.42 5.05
N TRP A 246 28.34 5.15 5.78
CA TRP A 246 28.11 6.59 5.49
C TRP A 246 29.10 7.47 6.24
N GLY A 247 29.76 6.96 7.28
CA GLY A 247 30.79 7.71 8.01
C GLY A 247 30.22 8.77 8.92
N PHE A 248 28.98 8.62 9.37
CA PHE A 248 28.36 9.63 10.27
C PHE A 248 29.12 9.62 11.59
N LYS A 249 29.52 10.80 12.09
CA LYS A 249 30.35 10.93 13.30
C LYS A 249 29.61 11.67 14.42
N GLY A 250 28.31 11.89 14.28
CA GLY A 250 27.52 12.69 15.23
C GLY A 250 26.69 11.85 16.17
N LEU A 251 25.60 12.44 16.64
CA LEU A 251 24.81 11.95 17.78
C LEU A 251 23.54 11.27 17.24
N THR A 252 23.22 10.06 17.67
CA THR A 252 21.90 9.44 17.39
C THR A 252 20.98 9.68 18.58
N ILE A 253 19.73 10.01 18.32
CA ILE A 253 18.74 10.36 19.38
C ILE A 253 17.50 9.48 19.19
N SER A 254 17.02 8.87 20.25
CA SER A 254 15.75 8.10 20.20
C SER A 254 14.58 9.08 20.09
N ASP A 255 13.46 8.60 19.55
CA ASP A 255 12.16 9.30 19.62
C ASP A 255 11.55 8.99 20.99
N HIS A 256 10.42 9.62 21.29
CA HIS A 256 9.82 9.71 22.63
C HIS A 256 9.38 8.31 23.07
N GLY A 257 10.04 7.72 24.07
CA GLY A 257 9.69 6.39 24.57
C GLY A 257 10.01 5.26 23.59
N ALA A 258 10.85 5.50 22.58
CA ALA A 258 11.09 4.53 21.48
C ALA A 258 11.79 3.28 22.03
N VAL A 259 12.72 3.47 22.99
CA VAL A 259 13.46 2.32 23.61
C VAL A 259 12.45 1.42 24.32
N LYS A 260 11.58 1.99 25.16
CA LYS A 260 10.56 1.19 25.88
C LYS A 260 9.60 0.54 24.89
N GLU A 261 9.32 1.19 23.76
CA GLU A 261 8.37 0.65 22.76
C GLU A 261 8.92 -0.63 22.11
N LEU A 262 10.19 -0.98 22.29
CA LEU A 262 10.71 -2.27 21.76
C LEU A 262 9.98 -3.45 22.38
N ILE A 263 9.39 -3.28 23.55
CA ILE A 263 8.57 -4.32 24.21
C ILE A 263 7.28 -4.53 23.42
N LYS A 264 6.61 -3.45 23.03
CA LYS A 264 5.33 -3.53 22.27
C LYS A 264 5.61 -4.12 20.90
N HIS A 265 6.75 -3.78 20.30
CA HIS A 265 7.19 -4.34 18.99
C HIS A 265 7.42 -5.84 19.10
N GLY A 266 7.66 -6.36 20.31
CA GLY A 266 7.92 -7.79 20.50
C GLY A 266 9.36 -8.15 20.19
N LEU A 267 10.29 -7.21 20.38
CA LEU A 267 11.74 -7.54 20.32
C LEU A 267 12.29 -7.76 21.73
N ALA A 268 11.61 -7.30 22.75
CA ALA A 268 12.06 -7.40 24.16
C ALA A 268 10.89 -7.77 25.04
N GLY A 269 11.14 -8.55 26.09
CA GLY A 269 10.12 -8.90 27.09
C GLY A 269 10.12 -7.96 28.27
N ASN A 270 11.16 -7.14 28.39
CA ASN A 270 11.31 -6.27 29.57
C ASN A 270 12.17 -5.08 29.20
N GLU A 271 12.20 -4.09 30.08
CA GLU A 271 12.92 -2.82 29.85
C GLU A 271 14.43 -3.04 29.85
N ARG A 272 14.92 -4.01 30.63
CA ARG A 272 16.38 -4.31 30.66
C ARG A 272 16.85 -4.77 29.27
N ASP A 273 16.13 -5.71 28.65
CA ASP A 273 16.47 -6.23 27.29
C ASP A 273 16.26 -5.10 26.27
N ALA A 274 15.24 -4.25 26.41
CA ALA A 274 15.01 -3.16 25.43
C ALA A 274 16.21 -2.21 25.45
N THR A 275 16.69 -1.86 26.63
CA THR A 275 17.83 -0.94 26.82
C THR A 275 19.07 -1.53 26.14
N ARG A 276 19.32 -2.83 26.36
CA ARG A 276 20.52 -3.49 25.78
C ARG A 276 20.43 -3.41 24.26
N LEU A 277 19.27 -3.74 23.69
CA LEU A 277 19.11 -3.72 22.21
C LEU A 277 19.40 -2.33 21.66
N ALA A 278 18.83 -1.29 22.24
CA ALA A 278 18.95 0.09 21.73
C ALA A 278 20.40 0.56 21.82
N ILE A 279 21.09 0.37 22.95
CA ILE A 279 22.45 0.95 23.05
C ILE A 279 23.40 0.18 22.14
N GLN A 280 23.22 -1.13 22.01
CA GLN A 280 24.10 -1.97 21.16
C GLN A 280 23.80 -1.72 19.69
N ALA A 281 22.55 -1.41 19.33
CA ALA A 281 22.19 -1.05 17.95
C ALA A 281 22.91 0.24 17.50
N GLY A 282 23.08 1.20 18.40
CA GLY A 282 23.77 2.48 18.17
C GLY A 282 22.89 3.69 18.50
N VAL A 283 21.91 3.55 19.39
CA VAL A 283 21.12 4.72 19.88
C VAL A 283 21.91 5.36 21.02
N ASP A 284 22.30 6.63 20.89
CA ASP A 284 23.20 7.29 21.87
C ASP A 284 22.38 7.88 23.00
N MET A 285 21.31 8.59 22.66
CA MET A 285 20.56 9.39 23.63
C MET A 285 19.13 8.83 23.74
N ASN A 286 18.64 8.77 24.97
CA ASN A 286 17.39 8.10 25.39
C ASN A 286 16.39 9.20 25.75
N MET A 287 15.33 9.33 24.95
CA MET A 287 14.30 10.38 25.14
C MET A 287 13.21 9.89 26.10
N ASN A 288 13.13 10.59 27.24
CA ASN A 288 12.03 10.63 28.23
C ASN A 288 11.80 9.34 29.03
N ASP A 289 11.92 8.12 28.50
CA ASP A 289 11.47 6.91 29.25
C ASP A 289 12.48 6.53 30.35
N ASP A 290 13.68 7.10 30.35
CA ASP A 290 14.72 6.94 31.41
C ASP A 290 15.19 5.48 31.52
N LEU A 291 15.00 4.65 30.49
CA LEU A 291 15.46 3.25 30.54
C LEU A 291 17.00 3.23 30.63
N TYR A 292 17.71 4.10 29.93
CA TYR A 292 19.22 4.08 29.95
C TYR A 292 19.70 4.29 31.40
N SER A 293 19.18 5.32 32.07
CA SER A 293 19.56 5.67 33.46
C SER A 293 19.17 4.53 34.41
N THR A 294 18.05 3.88 34.17
CA THR A 294 17.53 2.79 35.01
C THR A 294 18.36 1.52 34.83
N TRP A 295 18.77 1.16 33.61
CA TRP A 295 19.21 -0.22 33.29
C TRP A 295 20.65 -0.31 32.84
N LEU A 296 21.29 0.76 32.36
CA LEU A 296 22.67 0.60 31.82
C LEU A 296 23.61 0.12 32.93
N PRO A 297 23.57 0.63 34.18
CA PRO A 297 24.48 0.12 35.21
C PRO A 297 24.36 -1.40 35.45
N LYS A 298 23.13 -1.91 35.58
CA LYS A 298 22.86 -3.36 35.79
C LYS A 298 23.36 -4.15 34.58
N LEU A 299 23.07 -3.68 33.37
CA LEU A 299 23.52 -4.34 32.12
C LEU A 299 25.05 -4.43 32.12
N LEU A 300 25.76 -3.35 32.45
CA LEU A 300 27.25 -3.34 32.38
C LEU A 300 27.79 -4.35 33.41
N ALA A 301 27.28 -4.28 34.64
CA ALA A 301 27.72 -5.14 35.78
C ALA A 301 27.47 -6.62 35.46
N ALA A 302 26.44 -6.95 34.67
CA ALA A 302 26.09 -8.35 34.30
C ALA A 302 26.87 -8.80 33.05
N GLY A 303 27.70 -7.93 32.46
CA GLY A 303 28.42 -8.23 31.20
C GLY A 303 27.49 -8.39 29.99
N GLU A 304 26.28 -7.83 30.05
CA GLU A 304 25.29 -7.85 28.93
C GLU A 304 25.62 -6.75 27.90
N ILE A 305 26.32 -5.68 28.29
CA ILE A 305 26.87 -4.65 27.37
C ILE A 305 28.35 -4.45 27.70
N ASP A 306 29.05 -3.74 26.84
CA ASP A 306 30.49 -3.41 26.96
C ASP A 306 30.62 -1.95 27.42
N GLN A 307 31.68 -1.66 28.18
CA GLN A 307 32.04 -0.27 28.54
C GLN A 307 32.04 0.59 27.26
N ALA A 308 32.53 0.04 26.16
CA ALA A 308 32.66 0.75 24.86
C ALA A 308 31.29 1.25 24.38
N ASP A 309 30.20 0.56 24.71
CA ASP A 309 28.81 0.95 24.33
C ASP A 309 28.45 2.28 25.02
N ILE A 310 28.72 2.37 26.31
CA ILE A 310 28.50 3.63 27.08
C ILE A 310 29.47 4.71 26.57
N ASP A 311 30.74 4.37 26.38
CA ASP A 311 31.77 5.35 25.97
C ASP A 311 31.41 5.98 24.61
N ARG A 312 30.96 5.20 23.66
CA ARG A 312 30.63 5.69 22.30
C ARG A 312 29.49 6.70 22.40
N ALA A 313 28.44 6.34 23.13
CA ALA A 313 27.21 7.16 23.28
C ALA A 313 27.57 8.49 23.96
N CYS A 314 28.31 8.43 25.06
CA CYS A 314 28.72 9.61 25.85
C CYS A 314 29.64 10.52 25.01
N ARG A 315 30.60 9.95 24.30
CA ARG A 315 31.50 10.70 23.41
C ARG A 315 30.65 11.48 22.39
N ASP A 316 29.64 10.85 21.82
CA ASP A 316 28.78 11.50 20.79
C ASP A 316 28.08 12.69 21.42
N VAL A 317 27.59 12.56 22.65
CA VAL A 317 26.87 13.69 23.31
C VAL A 317 27.86 14.83 23.56
N LEU A 318 29.00 14.52 24.13
CA LEU A 318 30.03 15.55 24.46
C LEU A 318 30.53 16.21 23.18
N ALA A 319 30.72 15.46 22.10
CA ALA A 319 31.19 16.04 20.81
C ALA A 319 30.14 17.03 20.28
N ALA A 320 28.86 16.73 20.40
CA ALA A 320 27.77 17.65 19.96
C ALA A 320 27.85 18.96 20.78
N LYS A 321 28.03 18.85 22.10
CA LYS A 321 28.10 20.04 22.97
C LYS A 321 29.34 20.86 22.61
N TYR A 322 30.43 20.17 22.30
CA TYR A 322 31.70 20.80 21.89
C TYR A 322 31.47 21.60 20.60
N ASP A 323 30.89 20.98 19.58
CA ASP A 323 30.63 21.65 18.28
C ASP A 323 29.70 22.84 18.49
N LEU A 324 28.74 22.74 19.43
CA LEU A 324 27.77 23.82 19.70
C LEU A 324 28.42 24.98 20.46
N GLY A 325 29.68 24.84 20.86
CA GLY A 325 30.42 25.90 21.58
C GLY A 325 30.08 25.96 23.06
N LEU A 326 29.39 24.95 23.59
CA LEU A 326 28.81 25.05 24.94
C LEU A 326 29.89 24.87 26.03
N PHE A 327 30.97 24.17 25.73
CA PHE A 327 32.15 24.08 26.64
C PHE A 327 32.91 25.41 26.68
N ALA A 328 32.92 26.18 25.60
CA ALA A 328 33.62 27.49 25.52
C ALA A 328 32.78 28.56 26.24
N ASP A 329 31.45 28.47 26.13
CA ASP A 329 30.53 29.41 26.82
C ASP A 329 29.14 28.79 26.80
N PRO A 330 28.70 28.20 27.93
CA PRO A 330 27.38 27.58 28.01
C PRO A 330 26.23 28.60 27.87
N TYR A 331 26.52 29.91 27.95
CA TYR A 331 25.53 31.00 27.80
C TYR A 331 25.65 31.70 26.44
N ARG A 332 26.35 31.12 25.46
CA ARG A 332 26.61 31.82 24.15
C ARG A 332 25.31 32.15 23.42
N ARG A 333 24.20 31.41 23.65
CA ARG A 333 22.89 31.67 23.00
C ARG A 333 21.93 32.34 24.00
N LEU A 334 22.39 32.72 25.19
CA LEU A 334 21.49 33.17 26.29
C LEU A 334 21.83 34.60 26.72
N GLY A 335 22.65 35.32 25.95
CA GLY A 335 23.06 36.69 26.24
C GLY A 335 23.79 36.80 27.57
N LYS A 336 23.74 37.98 28.19
CA LYS A 336 24.53 38.31 29.41
C LYS A 336 23.60 38.42 30.61
N PRO A 337 24.10 38.19 31.84
CA PRO A 337 23.30 38.43 33.05
C PRO A 337 22.79 39.87 33.15
N ASP A 338 23.55 40.83 32.57
CA ASP A 338 23.22 42.29 32.52
C ASP A 338 22.05 42.59 31.58
N ASP A 339 21.73 41.70 30.64
CA ASP A 339 20.67 41.93 29.62
C ASP A 339 19.34 42.13 30.35
N PRO A 340 18.57 43.20 30.04
CA PRO A 340 17.27 43.40 30.66
C PRO A 340 16.25 42.38 30.15
N PRO A 341 15.15 42.11 30.89
CA PRO A 341 14.07 41.27 30.39
C PRO A 341 13.42 41.88 29.15
N PHE A 342 12.76 41.04 28.36
CA PHE A 342 12.14 41.42 27.08
C PHE A 342 10.93 40.53 26.86
N ASP A 343 10.06 40.97 25.95
CA ASP A 343 8.88 40.18 25.53
C ASP A 343 9.34 39.17 24.48
N THR A 344 9.33 37.88 24.79
CA THR A 344 9.73 36.81 23.83
C THR A 344 8.93 37.00 22.52
N ASN A 345 7.65 37.37 22.64
CA ASN A 345 6.72 37.43 21.48
C ASN A 345 6.54 38.85 20.94
N ALA A 346 7.49 39.76 21.19
CA ALA A 346 7.42 41.13 20.65
C ALA A 346 7.40 41.08 19.11
N GLU A 347 6.54 41.90 18.49
CA GLU A 347 6.47 42.12 17.02
C GLU A 347 7.87 42.37 16.47
N SER A 348 8.71 43.12 17.21
CA SER A 348 10.06 43.54 16.74
C SER A 348 10.97 42.33 16.53
N ARG A 349 10.65 41.18 17.12
CA ARG A 349 11.50 39.97 17.06
C ARG A 349 11.02 39.02 15.94
N LEU A 350 9.94 39.34 15.25
CA LEU A 350 9.40 38.54 14.11
C LEU A 350 10.12 38.89 12.80
N HIS A 351 9.92 38.05 11.79
CA HIS A 351 10.49 38.24 10.45
C HIS A 351 9.36 38.15 9.43
N ARG A 352 8.38 39.06 9.50
CA ARG A 352 7.15 38.98 8.67
C ARG A 352 7.47 39.18 7.18
N GLN A 353 8.44 40.02 6.83
CA GLN A 353 8.82 40.24 5.41
C GLN A 353 9.27 38.90 4.81
N ALA A 354 10.09 38.14 5.51
CA ALA A 354 10.59 36.83 5.02
C ALA A 354 9.42 35.85 4.95
N ALA A 355 8.55 35.80 5.96
CA ALA A 355 7.42 34.83 5.95
C ALA A 355 6.52 35.15 4.76
N ARG A 356 6.24 36.42 4.48
CA ARG A 356 5.31 36.82 3.38
C ARG A 356 5.95 36.46 2.03
N GLU A 357 7.23 36.79 1.84
CA GLU A 357 7.94 36.52 0.56
C GLU A 357 8.04 35.01 0.35
N VAL A 358 8.37 34.26 1.39
CA VAL A 358 8.52 32.78 1.27
C VAL A 358 7.14 32.16 0.99
N ALA A 359 6.11 32.57 1.70
CA ALA A 359 4.76 31.97 1.56
C ALA A 359 4.23 32.19 0.12
N ARG A 360 4.55 33.32 -0.50
CA ARG A 360 4.13 33.60 -1.89
C ARG A 360 4.60 32.47 -2.82
N GLU A 361 5.80 31.93 -2.62
CA GLU A 361 6.50 31.06 -3.59
C GLU A 361 5.89 29.65 -3.62
N GLY A 362 5.22 29.22 -2.57
CA GLY A 362 4.74 27.83 -2.44
C GLY A 362 3.29 27.68 -2.88
N LEU A 363 2.58 28.77 -3.13
CA LEU A 363 1.15 28.72 -3.52
C LEU A 363 1.04 28.14 -4.94
N VAL A 364 0.17 27.14 -5.12
CA VAL A 364 0.01 26.42 -6.41
C VAL A 364 -1.34 26.75 -7.03
N LEU A 365 -1.32 27.35 -8.21
CA LEU A 365 -2.56 27.58 -9.00
C LEU A 365 -2.91 26.27 -9.71
N LEU A 366 -4.03 25.64 -9.36
CA LEU A 366 -4.44 24.33 -9.90
C LEU A 366 -5.44 24.50 -11.05
N LYS A 367 -6.22 25.58 -11.03
CA LYS A 367 -7.27 25.83 -12.05
C LYS A 367 -7.54 27.33 -12.10
N ASN A 368 -7.82 27.86 -13.29
CA ASN A 368 -8.14 29.30 -13.44
C ASN A 368 -8.91 29.46 -14.74
N ARG A 369 -10.22 29.22 -14.69
CA ARG A 369 -11.11 29.21 -15.89
C ARG A 369 -11.28 30.66 -16.39
N ASP A 370 -10.93 30.89 -17.66
CA ASP A 370 -11.20 32.16 -18.40
C ASP A 370 -10.58 33.35 -17.66
N GLY A 371 -9.43 33.14 -17.00
CA GLY A 371 -8.66 34.20 -16.33
C GLY A 371 -9.46 34.94 -15.26
N LEU A 372 -10.33 34.24 -14.52
CA LEU A 372 -11.01 34.83 -13.33
C LEU A 372 -9.99 35.45 -12.38
N LEU A 373 -8.92 34.72 -12.06
CA LEU A 373 -7.79 35.29 -11.31
C LEU A 373 -6.78 35.86 -12.30
N PRO A 374 -6.07 36.95 -11.94
CA PRO A 374 -6.23 37.61 -10.64
C PRO A 374 -7.47 38.50 -10.52
N LEU A 375 -7.96 38.66 -9.30
CA LEU A 375 -9.18 39.47 -8.98
C LEU A 375 -8.81 40.95 -9.02
N LYS A 376 -9.81 41.77 -9.35
CA LYS A 376 -9.76 43.25 -9.18
C LYS A 376 -10.25 43.57 -7.76
N LYS A 377 -9.65 44.58 -7.14
CA LYS A 377 -10.02 44.95 -5.76
C LYS A 377 -11.13 45.98 -5.84
N GLN A 378 -12.32 45.47 -6.05
CA GLN A 378 -13.54 46.28 -6.16
C GLN A 378 -14.73 45.34 -5.98
N GLY A 379 -15.91 45.91 -5.81
CA GLY A 379 -17.18 45.16 -5.73
C GLY A 379 -17.34 44.49 -4.39
N ARG A 380 -18.15 43.44 -4.38
CA ARG A 380 -18.59 42.74 -3.16
C ARG A 380 -18.05 41.31 -3.28
N ILE A 381 -17.20 40.92 -2.33
CA ILE A 381 -16.56 39.57 -2.34
C ILE A 381 -17.07 38.83 -1.09
N ALA A 382 -17.74 37.71 -1.28
CA ALA A 382 -18.13 36.85 -0.15
C ALA A 382 -16.92 35.97 0.19
N VAL A 383 -16.51 35.96 1.45
CA VAL A 383 -15.41 35.09 1.96
C VAL A 383 -16.06 34.06 2.85
N ILE A 384 -16.09 32.80 2.41
CA ILE A 384 -16.95 31.78 3.04
C ILE A 384 -16.11 30.55 3.35
N GLY A 385 -16.28 29.99 4.54
CA GLY A 385 -15.71 28.68 4.85
C GLY A 385 -15.08 28.67 6.23
N PRO A 386 -14.92 27.45 6.79
CA PRO A 386 -14.44 27.33 8.16
C PRO A 386 -12.96 27.71 8.32
N LEU A 387 -12.19 27.81 7.24
CA LEU A 387 -10.75 28.15 7.34
CA LEU A 387 -10.75 28.15 7.35
C LEU A 387 -10.52 29.65 7.06
N ALA A 388 -11.56 30.40 6.70
CA ALA A 388 -11.40 31.81 6.26
C ALA A 388 -10.83 32.68 7.39
N LYS A 389 -11.30 32.47 8.61
CA LYS A 389 -10.92 33.29 9.79
C LYS A 389 -10.12 32.45 10.79
N SER A 390 -9.50 31.36 10.34
CA SER A 390 -8.74 30.46 11.25
C SER A 390 -7.27 30.89 11.35
N GLN A 391 -6.88 31.43 12.51
CA GLN A 391 -5.46 31.70 12.86
C GLN A 391 -4.75 30.40 13.24
N ARG A 392 -5.43 29.51 13.94
CA ARG A 392 -4.82 28.24 14.42
C ARG A 392 -4.42 27.38 13.21
N ASP A 393 -5.24 27.34 12.16
CA ASP A 393 -4.98 26.42 11.03
C ASP A 393 -3.93 26.99 10.06
N VAL A 394 -3.91 28.30 9.85
CA VAL A 394 -2.98 28.90 8.85
C VAL A 394 -1.52 28.59 9.21
N ILE A 395 -1.17 28.47 10.50
CA ILE A 395 0.24 28.21 10.90
C ILE A 395 0.56 26.72 10.84
N GLY A 396 -0.40 25.85 10.55
CA GLY A 396 -0.17 24.41 10.29
C GLY A 396 0.13 23.61 11.55
N SER A 397 0.40 22.32 11.38
CA SER A 397 0.90 21.40 12.42
C SER A 397 2.39 21.70 12.68
N TRP A 398 2.89 21.31 13.86
CA TRP A 398 4.31 21.50 14.26
C TRP A 398 4.68 22.98 14.10
N SER A 399 3.87 23.84 14.68
CA SER A 399 3.97 25.31 14.61
C SER A 399 4.86 25.85 15.73
N ALA A 400 5.60 24.99 16.44
CA ALA A 400 6.68 25.40 17.35
C ALA A 400 6.17 26.49 18.29
N ALA A 401 6.89 27.61 18.45
CA ALA A 401 6.50 28.72 19.33
C ALA A 401 5.58 29.73 18.63
N GLY A 402 5.01 29.37 17.48
CA GLY A 402 4.10 30.24 16.71
C GLY A 402 2.89 30.61 17.55
N VAL A 403 2.51 31.89 17.53
CA VAL A 403 1.37 32.48 18.28
C VAL A 403 0.23 32.68 17.29
N PRO A 404 -0.84 31.88 17.35
CA PRO A 404 -1.97 32.06 16.43
C PRO A 404 -2.45 33.51 16.31
N ARG A 405 -2.53 34.25 17.41
CA ARG A 405 -3.05 35.64 17.43
C ARG A 405 -2.16 36.55 16.56
N GLN A 406 -0.91 36.17 16.29
CA GLN A 406 -0.02 37.00 15.45
C GLN A 406 -0.16 36.65 13.96
N ALA A 407 -0.93 35.61 13.62
CA ALA A 407 -1.05 35.09 12.24
C ALA A 407 -2.10 35.89 11.46
N VAL A 408 -1.91 35.96 10.14
CA VAL A 408 -2.83 36.68 9.22
C VAL A 408 -3.74 35.64 8.57
N THR A 409 -5.03 35.67 8.89
CA THR A 409 -5.99 34.75 8.26
C THR A 409 -6.21 35.14 6.78
N VAL A 410 -6.84 34.24 6.02
CA VAL A 410 -7.18 34.57 4.61
C VAL A 410 -8.11 35.79 4.62
N TYR A 411 -9.13 35.80 5.48
CA TYR A 411 -10.06 36.94 5.56
C TYR A 411 -9.29 38.23 5.84
N GLN A 412 -8.39 38.23 6.84
CA GLN A 412 -7.62 39.44 7.20
C GLN A 412 -6.70 39.85 6.05
N GLY A 413 -6.09 38.89 5.34
CA GLY A 413 -5.23 39.22 4.19
C GLY A 413 -6.04 39.92 3.10
N LEU A 414 -7.26 39.45 2.84
CA LEU A 414 -8.17 40.10 1.87
C LEU A 414 -8.53 41.52 2.37
N ALA A 415 -8.86 41.68 3.65
CA ALA A 415 -9.21 43.00 4.24
C ALA A 415 -8.02 43.95 4.09
N ASN A 416 -6.80 43.46 4.32
CA ASN A 416 -5.56 44.29 4.24
C ASN A 416 -5.37 44.76 2.80
N ALA A 417 -5.68 43.91 1.82
CA ALA A 417 -5.48 44.17 0.38
C ALA A 417 -6.50 45.22 -0.12
N VAL A 418 -7.76 45.09 0.24
CA VAL A 418 -8.88 45.83 -0.42
C VAL A 418 -9.13 47.17 0.30
N GLY A 419 -8.81 47.26 1.59
CA GLY A 419 -9.07 48.47 2.40
C GLY A 419 -10.51 48.93 2.21
N GLU A 420 -10.70 50.14 1.69
CA GLU A 420 -12.03 50.77 1.48
C GLU A 420 -12.57 50.46 0.06
N ARG A 421 -11.75 49.90 -0.83
CA ARG A 421 -12.04 49.80 -2.29
C ARG A 421 -13.04 48.69 -2.60
N ALA A 422 -13.16 47.68 -1.75
CA ALA A 422 -14.13 46.58 -1.94
C ALA A 422 -14.78 46.25 -0.61
N THR A 423 -15.89 45.52 -0.66
CA THR A 423 -16.64 45.11 0.55
CA THR A 423 -16.65 45.11 0.54
C THR A 423 -16.53 43.58 0.70
N LEU A 424 -15.94 43.13 1.80
CA LEU A 424 -15.89 41.70 2.16
C LEU A 424 -17.14 41.37 2.95
N LEU A 425 -17.75 40.23 2.63
CA LEU A 425 -18.90 39.66 3.36
C LEU A 425 -18.37 38.31 3.85
N TYR A 426 -18.55 38.02 5.11
CA TYR A 426 -18.07 36.76 5.70
C TYR A 426 -19.25 35.87 6.06
N ALA A 427 -19.11 34.57 5.85
CA ALA A 427 -19.97 33.53 6.46
C ALA A 427 -19.12 32.29 6.69
N LYS A 428 -19.24 31.67 7.84
CA LYS A 428 -18.48 30.44 8.15
C LYS A 428 -18.90 29.31 7.21
N GLY A 429 -20.20 29.19 6.93
CA GLY A 429 -20.77 28.23 5.96
C GLY A 429 -20.88 26.81 6.45
N ALA A 430 -19.84 26.27 7.08
CA ALA A 430 -19.87 24.93 7.68
C ALA A 430 -18.78 24.85 8.75
N ASN A 431 -18.93 23.88 9.64
CA ASN A 431 -17.82 23.46 10.52
C ASN A 431 -16.82 22.68 9.67
N VAL A 432 -15.59 22.59 10.16
CA VAL A 432 -14.50 21.89 9.39
C VAL A 432 -14.93 20.45 9.14
N SER A 433 -15.76 19.87 10.01
CA SER A 433 -16.36 18.53 9.83
C SER A 433 -17.81 18.52 10.31
N GLY A 434 -18.66 17.75 9.64
CA GLY A 434 -20.05 17.47 10.03
C GLY A 434 -20.13 16.23 10.90
N ASP A 435 -19.02 15.51 11.04
CA ASP A 435 -18.93 14.24 11.80
C ASP A 435 -18.53 14.58 13.23
N GLN A 436 -19.45 14.42 14.20
CA GLN A 436 -19.16 14.77 15.62
C GLN A 436 -17.95 13.96 16.12
N ALA A 437 -17.79 12.71 15.71
CA ALA A 437 -16.66 11.87 16.20
C ALA A 437 -15.32 12.46 15.70
N ILE A 438 -15.31 13.06 14.52
CA ILE A 438 -14.10 13.76 13.98
C ILE A 438 -13.86 15.05 14.76
N LEU A 439 -14.91 15.83 15.04
CA LEU A 439 -14.74 17.06 15.84
C LEU A 439 -14.21 16.68 17.23
N ASP A 440 -14.70 15.58 17.81
CA ASP A 440 -14.25 15.06 19.13
C ASP A 440 -12.75 14.75 19.06
N TYR A 441 -12.31 14.07 18.02
CA TYR A 441 -10.88 13.79 17.81
C TYR A 441 -10.08 15.12 17.75
N LEU A 442 -10.52 16.08 16.94
CA LEU A 442 -9.70 17.29 16.67
C LEU A 442 -9.62 18.17 17.93
N ASN A 443 -10.63 18.10 18.80
CA ASN A 443 -10.60 18.85 20.09
C ASN A 443 -10.08 18.02 21.28
N SER A 444 -9.54 16.83 21.05
CA SER A 444 -8.85 15.98 22.04
C SER A 444 -7.50 16.61 22.44
N TYR A 445 -7.22 16.66 23.73
CA TYR A 445 -5.97 17.21 24.31
C TYR A 445 -6.04 18.72 24.33
N ASN A 446 -6.23 19.36 23.18
CA ASN A 446 -6.30 20.84 23.08
C ASN A 446 -7.51 21.18 22.24
N PRO A 447 -8.32 22.17 22.67
CA PRO A 447 -9.45 22.63 21.86
C PRO A 447 -8.88 23.48 20.71
N GLU A 448 -8.84 22.91 19.51
CA GLU A 448 -8.15 23.53 18.35
C GLU A 448 -9.14 23.92 17.24
N VAL A 449 -10.38 23.45 17.31
CA VAL A 449 -11.39 23.66 16.24
C VAL A 449 -12.61 24.35 16.83
N GLU A 450 -12.88 25.58 16.41
CA GLU A 450 -14.09 26.33 16.82
C GLU A 450 -15.30 25.64 16.20
N VAL A 451 -16.25 25.23 17.02
CA VAL A 451 -17.48 24.57 16.54
C VAL A 451 -18.60 25.60 16.60
N ASP A 452 -19.16 25.98 15.46
CA ASP A 452 -20.43 26.73 15.41
C ASP A 452 -21.52 25.79 15.91
N PRO A 453 -22.28 26.18 16.95
CA PRO A 453 -23.29 25.30 17.52
C PRO A 453 -24.56 25.18 16.67
N ARG A 454 -24.69 26.00 15.61
CA ARG A 454 -25.90 25.99 14.74
C ARG A 454 -25.93 24.71 13.91
N SER A 455 -27.10 24.38 13.38
CA SER A 455 -27.28 23.24 12.46
C SER A 455 -26.48 23.52 11.19
N ALA A 456 -26.10 22.47 10.48
CA ALA A 456 -25.44 22.58 9.15
C ALA A 456 -26.34 23.40 8.20
N GLU A 457 -27.67 23.14 8.23
CA GLU A 457 -28.64 23.83 7.35
C GLU A 457 -28.63 25.35 7.60
N ALA A 458 -28.70 25.78 8.85
CA ALA A 458 -28.67 27.22 9.24
C ALA A 458 -27.39 27.88 8.73
N MET A 459 -26.24 27.21 8.90
CA MET A 459 -24.94 27.77 8.45
C MET A 459 -24.93 27.87 6.91
N LEU A 460 -25.51 26.89 6.23
CA LEU A 460 -25.58 26.86 4.75
C LEU A 460 -26.46 28.01 4.27
N GLU A 461 -27.62 28.22 4.90
CA GLU A 461 -28.58 29.28 4.50
C GLU A 461 -27.89 30.64 4.71
N GLU A 462 -27.12 30.81 5.77
CA GLU A 462 -26.37 32.07 6.01
C GLU A 462 -25.33 32.27 4.92
N ALA A 463 -24.58 31.23 4.56
CA ALA A 463 -23.56 31.31 3.49
C ALA A 463 -24.25 31.64 2.15
N LEU A 464 -25.39 31.01 1.85
CA LEU A 464 -26.12 31.28 0.57
C LEU A 464 -26.59 32.74 0.53
N ARG A 465 -27.12 33.26 1.66
CA ARG A 465 -27.53 34.68 1.77
C ARG A 465 -26.34 35.60 1.47
N THR A 466 -25.17 35.27 2.02
CA THR A 466 -23.94 36.07 1.85
C THR A 466 -23.52 36.03 0.39
N ALA A 467 -23.47 34.83 -0.21
CA ALA A 467 -23.04 34.64 -1.62
C ALA A 467 -23.99 35.44 -2.56
N ARG A 468 -25.28 35.38 -2.30
CA ARG A 468 -26.30 36.07 -3.12
C ARG A 468 -26.08 37.57 -3.11
N ASP A 469 -25.52 38.10 -2.02
CA ASP A 469 -25.33 39.56 -1.86
C ASP A 469 -23.95 39.97 -2.39
N ALA A 470 -23.21 39.05 -3.02
CA ALA A 470 -21.84 39.33 -3.50
C ALA A 470 -21.74 39.19 -5.03
N ASP A 471 -20.63 39.66 -5.60
CA ASP A 471 -20.28 39.51 -7.05
C ASP A 471 -19.52 38.20 -7.29
N LEU A 472 -18.82 37.67 -6.28
CA LEU A 472 -18.09 36.39 -6.40
C LEU A 472 -17.81 35.85 -5.00
N VAL A 473 -17.46 34.56 -4.95
CA VAL A 473 -17.27 33.80 -3.69
C VAL A 473 -15.83 33.32 -3.63
N VAL A 474 -15.16 33.67 -2.54
CA VAL A 474 -13.84 33.09 -2.18
C VAL A 474 -14.10 32.07 -1.08
N ALA A 475 -14.11 30.77 -1.43
CA ALA A 475 -14.41 29.69 -0.50
C ALA A 475 -13.08 29.21 0.10
N VAL A 476 -12.94 29.32 1.41
CA VAL A 476 -11.67 28.97 2.11
C VAL A 476 -11.96 27.66 2.84
N VAL A 477 -11.51 26.56 2.25
CA VAL A 477 -11.95 25.19 2.60
C VAL A 477 -10.75 24.25 2.64
N GLY A 478 -10.95 23.10 3.29
CA GLY A 478 -9.95 22.02 3.29
C GLY A 478 -9.85 21.40 4.64
N GLU A 479 -8.64 21.12 5.07
CA GLU A 479 -8.38 20.41 6.35
C GLU A 479 -8.04 21.45 7.42
N SER A 480 -8.42 21.19 8.66
CA SER A 480 -7.79 21.81 9.84
C SER A 480 -6.40 21.20 10.05
N GLN A 481 -5.51 21.92 10.71
CA GLN A 481 -4.09 21.48 10.79
C GLN A 481 -4.01 20.18 11.60
N GLY A 482 -4.97 19.91 12.49
CA GLY A 482 -5.00 18.67 13.29
C GLY A 482 -5.31 17.43 12.44
N MET A 483 -5.75 17.61 11.20
CA MET A 483 -6.08 16.49 10.26
C MET A 483 -4.81 15.98 9.57
N ALA A 484 -3.73 16.73 9.63
CA ALA A 484 -2.45 16.44 8.92
C ALA A 484 -1.32 16.66 9.92
N HIS A 485 -1.33 15.81 10.94
CA HIS A 485 -0.44 15.87 12.11
C HIS A 485 0.03 14.44 12.42
N GLU A 486 0.96 14.31 13.35
CA GLU A 486 1.32 12.99 13.91
C GLU A 486 0.05 12.23 14.32
N ALA A 487 -0.05 10.98 13.90
CA ALA A 487 -1.10 10.01 14.23
C ALA A 487 -2.47 10.46 13.68
N SER A 488 -2.54 11.37 12.71
CA SER A 488 -3.82 11.80 12.07
CA SER A 488 -3.82 11.80 12.07
C SER A 488 -3.90 11.20 10.66
N SER A 489 -3.98 9.88 10.54
CA SER A 489 -4.09 9.21 9.24
C SER A 489 -5.57 9.23 8.80
N ARG A 490 -5.80 9.52 7.51
CA ARG A 490 -7.14 9.65 6.90
C ARG A 490 -7.43 8.46 5.97
N THR A 491 -8.68 8.01 5.94
CA THR A 491 -9.17 6.97 5.00
C THR A 491 -9.89 7.61 3.81
N ASP A 492 -10.00 8.94 3.81
CA ASP A 492 -10.71 9.74 2.77
C ASP A 492 -9.78 10.92 2.45
N LEU A 493 -9.50 11.22 1.19
CA LEU A 493 -8.61 12.36 0.80
C LEU A 493 -9.43 13.56 0.33
N ARG A 494 -10.76 13.48 0.41
CA ARG A 494 -11.61 14.59 -0.07
C ARG A 494 -11.61 15.76 0.92
N ILE A 495 -11.99 16.93 0.45
CA ILE A 495 -12.41 18.00 1.39
C ILE A 495 -13.49 17.37 2.27
N PRO A 496 -13.54 17.67 3.59
CA PRO A 496 -14.60 17.11 4.41
C PRO A 496 -16.02 17.32 3.87
N ALA A 497 -16.90 16.33 4.11
CA ALA A 497 -18.26 16.26 3.55
C ALA A 497 -19.04 17.54 3.88
N SER A 498 -18.93 18.07 5.09
CA SER A 498 -19.67 19.30 5.50
C SER A 498 -19.27 20.44 4.57
N GLN A 499 -18.00 20.50 4.16
CA GLN A 499 -17.52 21.64 3.35
C GLN A 499 -17.85 21.36 1.87
N ARG A 500 -17.88 20.10 1.45
CA ARG A 500 -18.27 19.75 0.06
C ARG A 500 -19.75 20.08 -0.15
N ARG A 501 -20.58 19.82 0.86
CA ARG A 501 -22.02 20.18 0.76
C ARG A 501 -22.13 21.72 0.59
N LEU A 502 -21.34 22.48 1.35
CA LEU A 502 -21.25 23.95 1.24
C LEU A 502 -20.84 24.34 -0.18
N LEU A 503 -19.78 23.73 -0.70
CA LEU A 503 -19.30 24.11 -2.05
C LEU A 503 -20.40 23.83 -3.09
N LYS A 504 -21.10 22.70 -2.99
CA LYS A 504 -22.13 22.34 -4.01
C LYS A 504 -23.28 23.37 -3.96
N ALA A 505 -23.66 23.78 -2.76
CA ALA A 505 -24.69 24.83 -2.54
C ALA A 505 -24.20 26.16 -3.11
N LEU A 506 -22.94 26.54 -2.86
CA LEU A 506 -22.37 27.81 -3.39
C LEU A 506 -22.32 27.78 -4.93
N LYS A 507 -21.96 26.62 -5.51
CA LYS A 507 -21.89 26.45 -6.97
C LYS A 507 -23.27 26.79 -7.58
N ALA A 508 -24.34 26.34 -6.93
CA ALA A 508 -25.74 26.46 -7.40
C ALA A 508 -26.19 27.92 -7.42
N THR A 509 -25.48 28.85 -6.75
CA THR A 509 -25.86 30.30 -6.81
C THR A 509 -25.49 30.90 -8.17
N GLY A 510 -24.58 30.26 -8.92
CA GLY A 510 -24.09 30.79 -10.20
C GLY A 510 -23.07 31.89 -10.01
N LYS A 511 -22.67 32.23 -8.78
CA LYS A 511 -21.60 33.23 -8.56
C LYS A 511 -20.26 32.57 -8.91
N PRO A 512 -19.30 33.33 -9.48
CA PRO A 512 -17.96 32.79 -9.73
C PRO A 512 -17.42 32.26 -8.39
N LEU A 513 -16.81 31.08 -8.43
CA LEU A 513 -16.40 30.36 -7.20
C LEU A 513 -14.89 30.13 -7.27
N VAL A 514 -14.17 30.79 -6.35
CA VAL A 514 -12.70 30.70 -6.21
C VAL A 514 -12.43 29.87 -4.96
N LEU A 515 -11.72 28.74 -5.11
CA LEU A 515 -11.38 27.87 -3.98
C LEU A 515 -9.97 28.22 -3.49
N VAL A 516 -9.87 28.58 -2.23
CA VAL A 516 -8.57 28.70 -1.52
C VAL A 516 -8.47 27.49 -0.58
N LEU A 517 -7.62 26.54 -0.93
CA LEU A 517 -7.46 25.26 -0.22
C LEU A 517 -6.40 25.39 0.85
N MET A 518 -6.73 24.95 2.06
CA MET A 518 -5.76 24.70 3.15
C MET A 518 -5.74 23.21 3.44
N ASN A 519 -4.55 22.65 3.51
CA ASN A 519 -4.42 21.19 3.67
C ASN A 519 -2.95 20.87 3.87
N GLY A 520 -2.69 19.74 4.51
CA GLY A 520 -1.32 19.27 4.78
C GLY A 520 -1.00 17.99 4.05
N ARG A 521 -1.87 17.58 3.13
CA ARG A 521 -1.64 16.37 2.31
C ARG A 521 -2.31 16.59 0.96
N PRO A 522 -1.93 15.83 -0.08
CA PRO A 522 -2.71 15.79 -1.32
C PRO A 522 -4.19 15.48 -1.01
N LEU A 523 -5.08 16.17 -1.71
CA LEU A 523 -6.53 15.97 -1.59
C LEU A 523 -7.06 15.41 -2.91
N SER A 524 -8.14 14.67 -2.82
CA SER A 524 -8.97 14.20 -3.96
CA SER A 524 -8.97 14.21 -3.96
C SER A 524 -9.93 15.33 -4.38
N LEU A 525 -9.71 15.93 -5.55
CA LEU A 525 -10.41 17.20 -5.95
C LEU A 525 -11.13 17.06 -7.31
N GLY A 526 -11.64 15.87 -7.64
CA GLY A 526 -12.39 15.61 -8.90
C GLY A 526 -13.56 16.57 -9.09
N TRP A 527 -14.43 16.72 -8.09
CA TRP A 527 -15.62 17.61 -8.19
C TRP A 527 -15.16 19.06 -8.36
N GLU A 528 -14.16 19.46 -7.58
CA GLU A 528 -13.66 20.85 -7.57
C GLU A 528 -13.04 21.19 -8.93
N GLN A 529 -12.23 20.28 -9.48
CA GLN A 529 -11.58 20.50 -10.81
C GLN A 529 -12.66 20.70 -11.90
N GLU A 530 -13.78 20.01 -11.77
CA GLU A 530 -14.89 20.10 -12.74
C GLU A 530 -15.68 21.40 -12.51
N ASN A 531 -15.90 21.82 -11.27
CA ASN A 531 -16.99 22.78 -10.95
C ASN A 531 -16.47 24.15 -10.47
N ALA A 532 -15.34 24.22 -9.76
CA ALA A 532 -14.82 25.53 -9.28
C ALA A 532 -14.36 26.34 -10.48
N ASP A 533 -14.42 27.66 -10.39
CA ASP A 533 -13.90 28.53 -11.46
C ASP A 533 -12.39 28.68 -11.31
N ALA A 534 -11.87 28.74 -10.08
CA ALA A 534 -10.40 28.77 -9.87
C ALA A 534 -10.08 28.01 -8.59
N ILE A 535 -8.89 27.45 -8.49
CA ILE A 535 -8.44 26.67 -7.31
C ILE A 535 -7.00 27.07 -7.03
N LEU A 536 -6.79 27.57 -5.81
CA LEU A 536 -5.45 27.93 -5.32
C LEU A 536 -5.12 27.04 -4.14
N GLU A 537 -4.09 26.21 -4.30
CA GLU A 537 -3.55 25.37 -3.21
C GLU A 537 -2.64 26.24 -2.33
N THR A 538 -2.94 26.34 -1.03
CA THR A 538 -2.19 27.22 -0.12
C THR A 538 -1.56 26.40 1.01
N TRP A 539 -1.72 25.08 1.03
CA TRP A 539 -1.14 24.22 2.09
C TRP A 539 -1.59 24.78 3.47
N PHE A 540 -0.67 24.92 4.42
CA PHE A 540 -0.82 25.85 5.58
C PHE A 540 0.34 26.85 5.41
N SER A 541 0.02 28.12 5.13
CA SER A 541 1.00 29.10 4.58
CA SER A 541 1.04 29.07 4.58
C SER A 541 1.69 29.92 5.69
N GLY A 542 1.34 29.69 6.96
CA GLY A 542 2.08 30.24 8.12
C GLY A 542 1.60 31.61 8.60
N THR A 543 2.47 32.28 9.36
CA THR A 543 2.17 33.55 10.07
C THR A 543 1.71 34.62 9.08
N GLU A 544 2.30 34.68 7.89
CA GLU A 544 1.91 35.72 6.90
C GLU A 544 1.04 35.09 5.80
N GLY A 545 0.49 33.91 6.04
CA GLY A 545 -0.21 33.16 4.99
C GLY A 545 -1.28 34.01 4.33
N GLY A 546 -2.18 34.60 5.11
CA GLY A 546 -3.31 35.35 4.53
C GLY A 546 -2.82 36.49 3.65
N ASN A 547 -1.71 37.13 4.00
CA ASN A 547 -1.17 38.25 3.18
C ASN A 547 -0.59 37.71 1.86
N ALA A 548 0.19 36.63 1.92
CA ALA A 548 0.77 35.97 0.72
C ALA A 548 -0.38 35.50 -0.21
N ILE A 549 -1.44 34.93 0.35
CA ILE A 549 -2.60 34.42 -0.45
CA ILE A 549 -2.60 34.42 -0.45
C ILE A 549 -3.30 35.60 -1.15
N ALA A 550 -3.54 36.70 -0.44
CA ALA A 550 -4.16 37.90 -1.06
C ALA A 550 -3.24 38.48 -2.14
N ASP A 551 -1.91 38.47 -1.93
CA ASP A 551 -0.91 38.94 -2.93
C ASP A 551 -1.12 38.18 -4.24
N VAL A 552 -1.36 36.87 -4.18
CA VAL A 552 -1.59 36.03 -5.39
C VAL A 552 -2.99 36.27 -5.94
N LEU A 553 -4.02 36.32 -5.09
CA LEU A 553 -5.42 36.43 -5.57
C LEU A 553 -5.63 37.74 -6.32
N PHE A 554 -4.95 38.82 -5.92
CA PHE A 554 -5.09 40.15 -6.57
C PHE A 554 -3.95 40.42 -7.56
N GLY A 555 -3.05 39.44 -7.77
CA GLY A 555 -2.06 39.47 -8.88
C GLY A 555 -0.83 40.31 -8.58
N GLU A 556 -0.59 40.67 -7.32
CA GLU A 556 0.71 41.28 -6.91
C GLU A 556 1.82 40.24 -7.10
N HIS A 557 1.51 38.96 -6.89
CA HIS A 557 2.46 37.86 -7.17
C HIS A 557 1.79 36.89 -8.13
N ASN A 558 2.48 36.52 -9.19
CA ASN A 558 2.02 35.55 -10.20
C ASN A 558 2.32 34.16 -9.64
N PRO A 559 1.30 33.31 -9.38
CA PRO A 559 1.56 32.01 -8.80
C PRO A 559 2.66 31.24 -9.54
N SER A 560 3.61 30.71 -8.80
CA SER A 560 4.77 29.98 -9.38
C SER A 560 4.98 28.62 -8.68
N GLY A 561 4.14 28.26 -7.71
CA GLY A 561 4.30 26.99 -6.99
C GLY A 561 3.97 25.82 -7.89
N LYS A 562 4.65 24.68 -7.69
CA LYS A 562 4.39 23.43 -8.45
C LYS A 562 4.36 22.28 -7.46
N LEU A 563 3.44 21.33 -7.64
CA LEU A 563 3.27 20.19 -6.72
C LEU A 563 4.56 19.37 -6.65
N THR A 564 4.91 18.89 -5.44
CA THR A 564 6.05 17.93 -5.27
C THR A 564 5.50 16.56 -4.88
N MET A 565 4.19 16.40 -4.90
CA MET A 565 3.54 15.12 -4.58
C MET A 565 2.31 15.00 -5.48
N SER A 566 2.12 13.83 -6.08
CA SER A 566 1.01 13.53 -7.01
C SER A 566 -0.32 13.60 -6.25
N PHE A 567 -1.34 14.20 -6.83
CA PHE A 567 -2.67 14.27 -6.17
C PHE A 567 -3.51 13.15 -6.75
N PRO A 568 -3.80 12.10 -5.98
CA PRO A 568 -4.63 10.99 -6.46
C PRO A 568 -6.05 11.44 -6.73
N ARG A 569 -6.72 10.78 -7.68
CA ARG A 569 -8.17 11.04 -7.93
C ARG A 569 -9.01 10.61 -6.73
N SER A 570 -8.59 9.56 -6.02
CA SER A 570 -9.28 9.07 -4.82
C SER A 570 -8.31 8.26 -3.98
N VAL A 571 -8.68 8.05 -2.71
CA VAL A 571 -7.83 7.28 -1.77
C VAL A 571 -7.69 5.83 -2.29
N GLY A 572 -8.65 5.34 -3.08
CA GLY A 572 -8.62 3.98 -3.65
C GLY A 572 -7.50 3.77 -4.64
N GLN A 573 -6.84 4.85 -5.08
CA GLN A 573 -5.72 4.76 -6.06
C GLN A 573 -4.36 4.77 -5.35
N VAL A 574 -4.31 4.89 -4.02
CA VAL A 574 -3.02 5.01 -3.29
C VAL A 574 -2.25 3.70 -3.43
N PRO A 575 -0.92 3.73 -3.65
CA PRO A 575 -0.17 4.95 -3.93
C PRO A 575 -0.14 5.37 -5.41
N VAL A 576 -0.08 6.68 -5.66
CA VAL A 576 0.16 7.25 -7.01
C VAL A 576 1.39 8.13 -6.87
N TYR A 577 2.37 7.91 -7.72
CA TYR A 577 3.60 8.74 -7.73
C TYR A 577 4.18 8.67 -9.14
N TYR A 578 4.94 9.70 -9.55
CA TYR A 578 5.29 9.90 -10.96
C TYR A 578 6.38 8.90 -11.36
N ASN A 579 7.26 8.51 -10.43
CA ASN A 579 8.45 7.69 -10.78
C ASN A 579 8.15 6.23 -10.52
N HIS A 580 7.04 5.75 -11.06
CA HIS A 580 6.58 4.35 -10.99
C HIS A 580 7.25 3.52 -12.08
N LEU A 581 7.18 2.21 -11.94
CA LEU A 581 7.68 1.28 -13.00
C LEU A 581 6.60 1.10 -14.06
N ASN A 582 7.01 0.72 -15.26
CA ASN A 582 6.10 0.67 -16.43
C ASN A 582 5.11 -0.51 -16.32
N THR A 583 5.54 -1.63 -15.70
CA THR A 583 4.88 -2.96 -15.75
C THR A 583 4.99 -3.51 -17.18
N GLY A 584 4.56 -4.76 -17.37
CA GLY A 584 4.51 -5.43 -18.68
C GLY A 584 3.29 -5.01 -19.48
N ARG A 585 2.32 -4.36 -18.85
CA ARG A 585 0.99 -4.04 -19.42
C ARG A 585 0.63 -2.63 -18.99
N PRO A 586 1.42 -1.62 -19.36
CA PRO A 586 1.16 -0.26 -18.87
C PRO A 586 -0.20 0.23 -19.36
N MET A 587 -0.84 1.07 -18.55
CA MET A 587 -2.02 1.88 -18.93
C MET A 587 -1.51 3.33 -18.99
N ASP A 588 -1.51 3.93 -20.17
CA ASP A 588 -1.23 5.38 -20.34
C ASP A 588 -1.98 5.81 -21.61
N HIS A 589 -1.79 7.02 -22.09
CA HIS A 589 -2.46 7.50 -23.33
C HIS A 589 -2.13 6.53 -24.48
N ASP A 590 -0.87 6.10 -24.57
CA ASP A 590 -0.34 5.25 -25.68
C ASP A 590 -0.64 3.75 -25.44
N ASN A 591 -1.26 3.39 -24.32
CA ASN A 591 -1.58 1.97 -23.99
C ASN A 591 -2.89 1.95 -23.20
N PRO A 592 -4.06 2.15 -23.85
CA PRO A 592 -5.35 2.33 -23.18
C PRO A 592 -6.32 1.12 -23.12
N GLY A 593 -5.80 -0.08 -23.20
CA GLY A 593 -6.61 -1.32 -23.29
C GLY A 593 -7.24 -1.74 -21.97
N LYS A 594 -8.11 -2.74 -22.06
CA LYS A 594 -8.75 -3.38 -20.91
C LYS A 594 -7.67 -4.10 -20.09
N TYR A 595 -6.81 -4.91 -20.72
CA TYR A 595 -5.87 -5.81 -20.00
C TYR A 595 -4.57 -5.06 -19.73
N THR A 596 -4.70 -3.99 -18.96
CA THR A 596 -3.57 -3.16 -18.52
C THR A 596 -3.62 -2.95 -17.02
N SER A 597 -2.57 -2.33 -16.47
CA SER A 597 -2.43 -2.03 -15.03
C SER A 597 -3.26 -0.77 -14.70
N ARG A 598 -4.52 -0.94 -14.34
CA ARG A 598 -5.48 0.19 -14.23
C ARG A 598 -6.63 -0.19 -13.31
N TYR A 599 -7.39 0.80 -12.87
CA TYR A 599 -8.72 0.58 -12.25
C TYR A 599 -9.78 0.74 -13.34
N PHE A 600 -10.94 0.09 -13.18
CA PHE A 600 -12.04 0.19 -14.16
C PHE A 600 -13.16 1.13 -13.70
N ASP A 601 -13.23 1.50 -12.42
CA ASP A 601 -14.40 2.25 -11.85
C ASP A 601 -14.07 3.75 -11.68
N GLU A 602 -12.94 4.22 -12.19
CA GLU A 602 -12.49 5.62 -12.01
C GLU A 602 -11.46 5.92 -13.08
N ALA A 603 -11.34 7.18 -13.49
CA ALA A 603 -10.28 7.60 -14.44
C ALA A 603 -8.94 7.27 -13.79
N ASN A 604 -7.94 6.96 -14.59
CA ASN A 604 -6.61 6.52 -14.13
C ASN A 604 -5.61 7.68 -14.19
N GLY A 605 -4.49 7.48 -13.50
CA GLY A 605 -3.43 8.47 -13.29
C GLY A 605 -3.86 9.51 -12.26
N PRO A 606 -2.92 10.37 -11.83
CA PRO A 606 -3.23 11.38 -10.82
C PRO A 606 -4.15 12.43 -11.43
N LEU A 607 -4.92 13.12 -10.59
CA LEU A 607 -5.71 14.27 -11.07
C LEU A 607 -4.72 15.39 -11.40
N TYR A 608 -3.74 15.62 -10.54
CA TYR A 608 -2.66 16.60 -10.82
C TYR A 608 -1.35 15.89 -10.64
N PRO A 609 -0.52 15.85 -11.69
CA PRO A 609 0.77 15.17 -11.59
C PRO A 609 1.86 15.96 -10.86
N PHE A 610 2.91 15.22 -10.51
CA PHE A 610 4.16 15.77 -9.96
C PHE A 610 4.63 16.89 -10.88
N GLY A 611 4.96 18.05 -10.31
CA GLY A 611 5.52 19.18 -11.08
C GLY A 611 4.44 20.10 -11.64
N TYR A 612 3.17 19.84 -11.36
CA TYR A 612 2.04 20.60 -11.94
C TYR A 612 1.84 21.94 -11.22
N GLY A 613 1.56 22.98 -11.99
CA GLY A 613 1.12 24.27 -11.44
C GLY A 613 0.96 25.29 -12.53
N LEU A 614 -0.08 26.10 -12.45
CA LEU A 614 -0.43 27.05 -13.52
C LEU A 614 0.13 28.42 -13.17
N SER A 615 -0.02 29.33 -14.10
CA SER A 615 0.44 30.72 -13.97
C SER A 615 -0.64 31.62 -14.54
N TYR A 616 -0.55 32.92 -14.23
CA TYR A 616 -1.38 33.94 -14.88
C TYR A 616 -0.75 34.34 -16.24
N THR A 617 0.46 33.88 -16.56
CA THR A 617 1.03 34.06 -17.92
C THR A 617 1.17 32.68 -18.56
N GLU A 618 1.65 32.65 -19.79
CA GLU A 618 1.88 31.40 -20.57
C GLU A 618 3.38 31.31 -20.85
N PHE A 619 3.91 30.09 -20.85
CA PHE A 619 5.34 29.84 -21.16
C PHE A 619 5.46 28.88 -22.33
N SER A 620 6.57 28.99 -23.04
CA SER A 620 6.93 28.09 -24.17
C SER A 620 8.34 27.57 -23.93
N LEU A 621 8.59 26.30 -24.24
CA LEU A 621 9.97 25.76 -24.33
C LEU A 621 10.30 25.52 -25.81
N SER A 622 11.51 25.89 -26.23
CA SER A 622 12.10 25.54 -27.53
C SER A 622 12.36 24.04 -27.55
N PRO A 623 12.68 23.46 -28.71
CA PRO A 623 13.09 22.06 -28.76
C PRO A 623 14.26 21.71 -27.84
N LEU A 624 14.18 20.56 -27.17
CA LEU A 624 15.27 20.04 -26.33
C LEU A 624 16.43 19.64 -27.25
N ARG A 625 17.65 20.07 -26.95
CA ARG A 625 18.84 19.69 -27.73
C ARG A 625 19.91 19.16 -26.77
N LEU A 626 20.48 18.00 -27.08
CA LEU A 626 21.62 17.43 -26.30
C LEU A 626 22.93 17.78 -27.01
N SER A 627 23.99 17.97 -26.22
CA SER A 627 25.31 18.39 -26.73
C SER A 627 26.00 17.26 -27.52
N SER A 628 25.58 16.02 -27.34
CA SER A 628 26.15 14.85 -28.05
C SER A 628 25.12 13.71 -28.04
N GLU A 629 25.27 12.77 -28.96
CA GLU A 629 24.43 11.55 -29.03
C GLU A 629 25.10 10.45 -28.20
N ARG A 630 26.38 10.63 -27.85
CA ARG A 630 27.19 9.62 -27.14
C ARG A 630 27.83 10.30 -25.95
N LEU A 631 27.86 9.62 -24.81
CA LEU A 631 28.53 10.12 -23.58
C LEU A 631 29.61 9.12 -23.17
N ALA A 632 30.86 9.57 -23.14
CA ALA A 632 31.98 8.74 -22.66
C ALA A 632 31.97 8.77 -21.13
N ARG A 633 32.31 7.66 -20.46
CA ARG A 633 32.53 7.68 -19.00
C ARG A 633 33.62 8.72 -18.69
N GLY A 634 33.40 9.51 -17.66
CA GLY A 634 34.30 10.61 -17.26
C GLY A 634 33.86 11.93 -17.85
N ALA A 635 32.89 11.93 -18.76
CA ALA A 635 32.46 13.16 -19.47
C ALA A 635 31.12 13.64 -18.92
N THR A 636 30.76 14.88 -19.26
CA THR A 636 29.47 15.52 -18.94
C THR A 636 28.79 15.80 -20.28
N LEU A 637 27.47 15.72 -20.35
CA LEU A 637 26.79 16.33 -21.51
C LEU A 637 25.79 17.36 -21.00
N GLU A 638 25.40 18.23 -21.91
CA GLU A 638 24.47 19.36 -21.66
C GLU A 638 23.17 19.07 -22.39
N ALA A 639 22.07 19.23 -21.67
CA ALA A 639 20.71 19.32 -22.24
C ALA A 639 20.28 20.78 -22.22
N ARG A 640 19.92 21.32 -23.38
CA ARG A 640 19.70 22.77 -23.55
C ARG A 640 18.29 23.02 -24.06
N VAL A 641 17.64 24.01 -23.47
CA VAL A 641 16.27 24.40 -23.90
C VAL A 641 16.13 25.89 -23.59
N THR A 642 15.34 26.60 -24.37
CA THR A 642 15.05 28.02 -24.10
C THR A 642 13.63 28.14 -23.59
N LEU A 643 13.48 28.77 -22.42
CA LEU A 643 12.18 29.11 -21.83
C LEU A 643 11.82 30.54 -22.20
N SER A 644 10.59 30.79 -22.62
CA SER A 644 10.08 32.14 -22.97
C SER A 644 8.78 32.38 -22.25
N ASN A 645 8.58 33.60 -21.81
CA ASN A 645 7.28 34.08 -21.32
C ASN A 645 6.51 34.62 -22.53
N SER A 646 5.49 33.90 -22.98
CA SER A 646 4.72 34.25 -24.19
C SER A 646 3.40 34.95 -23.82
N GLY A 647 3.23 35.33 -22.54
CA GLY A 647 2.01 36.02 -22.07
C GLY A 647 2.29 37.48 -21.71
N LYS A 648 1.40 38.09 -20.92
CA LYS A 648 1.36 39.56 -20.72
C LYS A 648 1.76 39.92 -19.30
N ARG A 649 2.05 38.93 -18.43
CA ARG A 649 2.41 39.20 -17.02
C ARG A 649 3.75 38.56 -16.73
N ALA A 650 4.56 39.26 -15.94
CA ALA A 650 5.81 38.70 -15.39
C ALA A 650 5.45 37.46 -14.57
N GLY A 651 6.30 36.46 -14.55
CA GLY A 651 6.04 35.29 -13.67
C GLY A 651 7.12 34.25 -13.80
N ALA A 652 7.20 33.38 -12.81
CA ALA A 652 8.18 32.31 -12.73
C ALA A 652 7.48 30.99 -13.08
N THR A 653 8.27 30.07 -13.57
CA THR A 653 7.86 28.64 -13.71
C THR A 653 9.11 27.81 -13.45
N VAL A 654 8.93 26.52 -13.47
CA VAL A 654 10.01 25.57 -13.10
C VAL A 654 10.21 24.63 -14.28
N VAL A 655 11.39 24.72 -14.90
CA VAL A 655 11.76 23.73 -15.95
C VAL A 655 12.29 22.48 -15.26
N GLN A 656 11.75 21.33 -15.62
CA GLN A 656 12.05 20.05 -14.95
C GLN A 656 12.73 19.12 -15.96
N LEU A 657 13.78 18.47 -15.53
CA LEU A 657 14.55 17.50 -16.31
C LEU A 657 14.40 16.13 -15.66
N TYR A 658 13.92 15.19 -16.45
CA TYR A 658 13.72 13.78 -16.06
C TYR A 658 14.59 12.90 -16.94
N LEU A 659 14.97 11.75 -16.37
CA LEU A 659 15.75 10.72 -17.08
C LEU A 659 14.98 9.42 -17.04
N GLN A 660 15.03 8.68 -18.14
CA GLN A 660 14.62 7.26 -18.15
C GLN A 660 15.79 6.42 -18.65
N ASP A 661 16.00 5.27 -18.02
CA ASP A 661 16.93 4.22 -18.47
C ASP A 661 16.08 3.07 -18.99
N PRO A 662 15.73 3.07 -20.30
CA PRO A 662 14.67 2.18 -20.80
C PRO A 662 15.02 0.70 -20.88
N VAL A 663 16.30 0.35 -20.82
CA VAL A 663 16.74 -1.07 -20.76
C VAL A 663 17.74 -1.19 -19.61
N ALA A 664 17.46 -2.02 -18.63
CA ALA A 664 18.36 -2.14 -17.46
C ALA A 664 18.24 -3.55 -16.86
N SER A 665 19.15 -3.90 -15.97
CA SER A 665 19.18 -5.21 -15.26
C SER A 665 18.07 -5.25 -14.18
N LEU A 666 17.47 -4.11 -13.82
CA LEU A 666 16.13 -4.14 -13.19
C LEU A 666 15.23 -3.13 -13.86
N SER A 667 13.92 -3.33 -13.71
CA SER A 667 12.90 -2.43 -14.24
C SER A 667 13.08 -1.05 -13.59
N ARG A 668 13.36 -0.03 -14.39
CA ARG A 668 13.63 1.33 -13.86
C ARG A 668 12.40 2.20 -14.08
N PRO A 669 12.26 3.28 -13.29
CA PRO A 669 11.09 4.14 -13.40
C PRO A 669 10.94 4.75 -14.78
N VAL A 670 9.68 5.02 -15.14
CA VAL A 670 9.31 5.64 -16.45
C VAL A 670 9.99 7.01 -16.57
N LYS A 671 10.20 7.68 -15.45
CA LYS A 671 10.92 8.99 -15.38
C LYS A 671 11.45 9.15 -13.95
N GLU A 672 12.58 9.83 -13.82
CA GLU A 672 13.15 10.17 -12.50
C GLU A 672 13.69 11.61 -12.62
N LEU A 673 13.28 12.52 -11.74
CA LEU A 673 13.78 13.91 -11.75
C LEU A 673 15.29 13.93 -11.56
N ARG A 674 16.02 14.65 -12.40
CA ARG A 674 17.48 14.77 -12.28
C ARG A 674 17.93 16.24 -12.39
N GLY A 675 17.00 17.18 -12.48
CA GLY A 675 17.39 18.60 -12.45
C GLY A 675 16.18 19.49 -12.58
N PHE A 676 16.34 20.75 -12.27
CA PHE A 676 15.24 21.72 -12.44
C PHE A 676 15.84 23.12 -12.34
N ARG A 677 15.12 24.07 -12.90
CA ARG A 677 15.52 25.50 -12.86
C ARG A 677 14.25 26.30 -12.71
N LYS A 678 14.13 27.04 -11.62
CA LYS A 678 13.04 28.00 -11.47
C LYS A 678 13.50 29.32 -12.08
N VAL A 679 12.69 29.85 -12.99
CA VAL A 679 13.08 31.06 -13.79
C VAL A 679 11.96 32.09 -13.70
N MET A 680 12.29 33.31 -13.28
CA MET A 680 11.37 34.46 -13.31
C MET A 680 11.59 35.21 -14.64
N LEU A 681 10.52 35.41 -15.43
CA LEU A 681 10.63 36.05 -16.77
C LEU A 681 9.62 37.20 -16.90
N GLU A 682 10.08 38.32 -17.42
CA GLU A 682 9.19 39.39 -17.89
C GLU A 682 8.47 38.89 -19.14
N PRO A 683 7.31 39.48 -19.51
CA PRO A 683 6.67 39.17 -20.79
C PRO A 683 7.69 39.32 -21.93
N GLY A 684 7.75 38.32 -22.84
CA GLY A 684 8.66 38.31 -24.00
C GLY A 684 10.11 37.98 -23.66
N GLU A 685 10.44 37.76 -22.39
CA GLU A 685 11.83 37.46 -22.00
C GLU A 685 12.06 35.97 -22.20
N SER A 686 13.30 35.62 -22.53
CA SER A 686 13.76 34.25 -22.80
C SER A 686 14.97 33.97 -21.93
N ARG A 687 15.17 32.72 -21.59
CA ARG A 687 16.36 32.27 -20.82
C ARG A 687 16.77 30.93 -21.41
N GLU A 688 18.04 30.82 -21.79
CA GLU A 688 18.60 29.53 -22.24
C GLU A 688 18.95 28.76 -20.98
N ILE A 689 18.33 27.62 -20.77
CA ILE A 689 18.63 26.73 -19.62
C ILE A 689 19.61 25.66 -20.11
N VAL A 690 20.67 25.45 -19.35
CA VAL A 690 21.68 24.39 -19.62
C VAL A 690 21.66 23.46 -18.42
N PHE A 691 21.19 22.23 -18.61
CA PHE A 691 21.30 21.15 -17.60
C PHE A 691 22.57 20.35 -17.87
N ARG A 692 23.34 20.03 -16.82
CA ARG A 692 24.53 19.16 -16.92
C ARG A 692 24.15 17.77 -16.43
N LEU A 693 24.47 16.74 -17.22
CA LEU A 693 24.22 15.32 -16.88
C LEU A 693 25.54 14.58 -16.97
N GLY A 694 25.83 13.74 -15.99
CA GLY A 694 26.98 12.82 -16.03
C GLY A 694 26.59 11.45 -15.58
N GLU A 695 27.58 10.56 -15.52
CA GLU A 695 27.42 9.15 -15.07
C GLU A 695 26.72 9.12 -13.71
N ALA A 696 27.01 10.07 -12.79
CA ALA A 696 26.43 10.07 -11.43
C ALA A 696 24.89 10.12 -11.52
N ASP A 697 24.36 10.80 -12.54
CA ASP A 697 22.89 10.95 -12.73
C ASP A 697 22.27 9.65 -13.23
N LEU A 698 23.08 8.71 -13.73
CA LEU A 698 22.59 7.56 -14.52
C LEU A 698 22.62 6.26 -13.69
N LYS A 699 23.17 6.31 -12.49
CA LYS A 699 23.41 5.11 -11.66
C LYS A 699 22.13 4.66 -10.97
N PHE A 700 22.03 3.37 -10.71
CA PHE A 700 20.98 2.78 -9.87
C PHE A 700 21.58 1.59 -9.11
N TYR A 701 20.92 1.17 -8.05
CA TYR A 701 21.28 -0.04 -7.28
C TYR A 701 20.59 -1.23 -7.92
N ASP A 702 21.38 -2.22 -8.31
CA ASP A 702 20.83 -3.45 -8.92
C ASP A 702 20.43 -4.41 -7.80
N SER A 703 20.06 -5.64 -8.17
CA SER A 703 19.55 -6.65 -7.21
C SER A 703 20.62 -6.98 -6.17
N GLN A 704 21.91 -6.88 -6.50
CA GLN A 704 23.01 -7.18 -5.56
C GLN A 704 23.42 -5.90 -4.80
N LEU A 705 22.73 -4.78 -5.03
CA LEU A 705 23.05 -3.44 -4.44
C LEU A 705 24.41 -2.94 -4.93
N ARG A 706 24.78 -3.25 -6.16
CA ARG A 706 25.88 -2.53 -6.84
C ARG A 706 25.29 -1.24 -7.43
N HIS A 707 25.93 -0.11 -7.19
CA HIS A 707 25.49 1.24 -7.62
C HIS A 707 26.21 1.58 -8.92
N THR A 708 25.58 1.31 -10.06
CA THR A 708 26.22 1.22 -11.40
C THR A 708 25.40 2.00 -12.43
N ALA A 709 26.07 2.49 -13.49
CA ALA A 709 25.40 3.05 -14.67
C ALA A 709 25.72 2.12 -15.83
N GLU A 710 24.72 1.51 -16.45
CA GLU A 710 24.96 0.50 -17.50
C GLU A 710 24.98 1.20 -18.85
N PRO A 711 25.90 0.76 -19.74
CA PRO A 711 25.94 1.30 -21.09
C PRO A 711 24.60 1.05 -21.79
N GLY A 712 24.24 1.94 -22.71
CA GLY A 712 23.01 1.88 -23.51
C GLY A 712 22.28 3.20 -23.53
N GLU A 713 21.02 3.16 -23.95
CA GLU A 713 20.23 4.38 -24.19
C GLU A 713 19.81 5.00 -22.85
N PHE A 714 19.80 6.33 -22.80
CA PHE A 714 19.12 7.12 -21.77
C PHE A 714 18.22 8.11 -22.51
N LYS A 715 17.01 8.30 -21.97
CA LYS A 715 16.05 9.28 -22.50
C LYS A 715 16.07 10.47 -21.54
N VAL A 716 16.19 11.67 -22.11
CA VAL A 716 16.16 12.96 -21.38
C VAL A 716 14.84 13.63 -21.71
N PHE A 717 14.06 13.93 -20.69
CA PHE A 717 12.76 14.61 -20.84
C PHE A 717 12.86 15.97 -20.19
N VAL A 718 12.33 16.99 -20.87
N VAL A 718 12.34 16.99 -20.87
CA VAL A 718 12.20 18.34 -20.29
CA VAL A 718 12.21 18.35 -20.28
C VAL A 718 10.76 18.79 -20.46
C VAL A 718 10.77 18.81 -20.47
N GLY A 719 10.22 19.45 -19.43
CA GLY A 719 8.88 20.01 -19.48
C GLY A 719 8.60 20.85 -18.26
N LEU A 720 7.40 21.41 -18.21
CA LEU A 720 6.99 22.29 -17.07
C LEU A 720 6.13 21.48 -16.09
N ASP A 721 5.93 20.19 -16.35
CA ASP A 721 5.49 19.22 -15.31
C ASP A 721 5.89 17.82 -15.79
N SER A 722 5.67 16.81 -14.97
CA SER A 722 6.15 15.44 -15.25
C SER A 722 5.29 14.81 -16.38
N ALA A 723 4.13 15.37 -16.69
CA ALA A 723 3.14 14.82 -17.68
C ALA A 723 3.22 15.55 -19.03
N GLN A 724 3.85 16.73 -19.10
CA GLN A 724 3.91 17.54 -20.34
C GLN A 724 5.38 17.71 -20.75
N THR A 725 5.98 16.66 -21.30
CA THR A 725 7.42 16.62 -21.61
C THR A 725 7.63 16.25 -23.08
N GLU A 726 8.83 16.52 -23.56
CA GLU A 726 9.35 15.83 -24.77
C GLU A 726 10.71 15.25 -24.44
N SER A 727 11.17 14.30 -25.26
CA SER A 727 12.39 13.52 -24.99
C SER A 727 13.38 13.55 -26.14
N ARG A 728 14.65 13.48 -25.80
CA ARG A 728 15.76 13.17 -26.73
C ARG A 728 16.63 12.11 -26.07
N SER A 729 17.26 11.25 -26.84
CA SER A 729 18.04 10.12 -26.30
C SER A 729 19.53 10.36 -26.53
N PHE A 730 20.35 9.78 -25.67
CA PHE A 730 21.82 9.63 -25.92
C PHE A 730 22.20 8.21 -25.51
N THR A 731 23.39 7.79 -25.87
CA THR A 731 23.92 6.45 -25.49
C THR A 731 25.13 6.66 -24.59
N LEU A 732 25.09 6.03 -23.41
CA LEU A 732 26.26 5.97 -22.52
C LEU A 732 27.16 4.85 -23.04
N LEU A 733 28.44 5.19 -23.27
CA LEU A 733 29.45 4.19 -23.68
C LEU A 733 29.98 3.47 -22.43
N THR B 1 14.34 -45.00 -12.94
CA THR B 1 15.25 -44.33 -13.93
C THR B 1 14.81 -44.59 -15.37
N ASP B 2 13.65 -45.23 -15.57
CA ASP B 2 13.05 -45.48 -16.92
C ASP B 2 12.84 -44.13 -17.61
N LYS B 3 12.37 -43.14 -16.85
CA LYS B 3 12.03 -41.81 -17.39
C LYS B 3 13.30 -41.10 -17.87
N GLU B 4 14.38 -41.11 -17.08
CA GLU B 4 15.63 -40.39 -17.42
C GLU B 4 16.21 -41.01 -18.71
N ARG B 5 16.16 -42.35 -18.83
CA ARG B 5 16.79 -43.09 -19.95
C ARG B 5 15.98 -42.82 -21.22
N PHE B 6 14.65 -42.84 -21.09
CA PHE B 6 13.74 -42.62 -22.22
C PHE B 6 14.01 -41.23 -22.79
N ILE B 7 14.08 -40.21 -21.92
CA ILE B 7 14.18 -38.81 -22.36
C ILE B 7 15.57 -38.56 -22.93
N ALA B 8 16.62 -39.06 -22.28
CA ALA B 8 18.02 -38.93 -22.76
C ALA B 8 18.12 -39.54 -24.18
N SER B 9 17.52 -40.71 -24.40
CA SER B 9 17.64 -41.42 -25.71
C SER B 9 16.85 -40.64 -26.78
N LEU B 10 15.65 -40.17 -26.45
CA LEU B 10 14.86 -39.33 -27.39
C LEU B 10 15.62 -38.05 -27.73
N MET B 11 16.10 -37.32 -26.72
CA MET B 11 16.73 -36.01 -26.94
C MET B 11 18.02 -36.18 -27.72
N ALA B 12 18.70 -37.33 -27.60
CA ALA B 12 19.94 -37.65 -28.34
C ALA B 12 19.62 -37.66 -29.85
N ARG B 13 18.36 -37.92 -30.22
CA ARG B 13 17.95 -38.06 -31.64
C ARG B 13 17.36 -36.75 -32.19
N MET B 14 17.14 -35.71 -31.37
CA MET B 14 16.39 -34.51 -31.77
C MET B 14 17.34 -33.44 -32.28
N SER B 15 16.95 -32.79 -33.38
CA SER B 15 17.56 -31.53 -33.83
C SER B 15 17.19 -30.43 -32.83
N ASN B 16 17.99 -29.37 -32.81
CA ASN B 16 17.65 -28.14 -32.06
C ASN B 16 16.30 -27.59 -32.50
N ALA B 17 15.97 -27.65 -33.78
CA ALA B 17 14.65 -27.17 -34.27
C ALA B 17 13.54 -27.96 -33.56
N GLU B 18 13.68 -29.28 -33.44
CA GLU B 18 12.69 -30.16 -32.77
C GLU B 18 12.62 -29.83 -31.27
N LYS B 19 13.78 -29.64 -30.64
CA LYS B 19 13.84 -29.31 -29.20
C LYS B 19 13.14 -27.96 -28.97
N ILE B 20 13.41 -26.97 -29.79
CA ILE B 20 12.78 -25.62 -29.68
C ILE B 20 11.27 -25.72 -29.94
N GLY B 21 10.83 -26.55 -30.88
CA GLY B 21 9.39 -26.76 -31.13
C GLY B 21 8.67 -27.20 -29.89
N GLN B 22 9.31 -28.00 -29.04
CA GLN B 22 8.67 -28.54 -27.81
C GLN B 22 8.35 -27.39 -26.84
N LEU B 23 9.03 -26.25 -26.97
CA LEU B 23 8.87 -25.13 -25.99
C LEU B 23 7.68 -24.25 -26.36
N ARG B 24 7.06 -24.47 -27.52
CA ARG B 24 6.05 -23.55 -28.07
C ARG B 24 4.66 -23.96 -27.58
N LEU B 25 3.99 -23.03 -26.92
CA LEU B 25 2.63 -23.22 -26.35
C LEU B 25 1.70 -22.20 -26.98
N VAL B 26 0.71 -22.67 -27.73
CA VAL B 26 -0.15 -21.73 -28.50
C VAL B 26 -1.63 -22.11 -28.36
N SER B 27 -2.49 -21.17 -28.72
CA SER B 27 -3.96 -21.36 -28.80
C SER B 27 -4.42 -21.00 -30.22
N VAL B 28 -5.48 -21.65 -30.68
CA VAL B 28 -6.18 -21.25 -31.93
C VAL B 28 -6.73 -19.84 -31.72
N GLY B 29 -6.39 -18.92 -32.62
CA GLY B 29 -6.88 -17.52 -32.49
C GLY B 29 -6.41 -16.66 -33.64
N ALA B 30 -6.58 -15.36 -33.50
CA ALA B 30 -6.13 -14.35 -34.48
C ALA B 30 -4.65 -14.61 -34.84
N ASP B 31 -3.79 -14.80 -33.83
CA ASP B 31 -2.32 -14.88 -34.04
C ASP B 31 -1.94 -16.28 -34.54
N HIS B 32 -2.81 -17.28 -34.37
CA HIS B 32 -2.51 -18.68 -34.79
C HIS B 32 -3.77 -19.31 -35.39
N PRO B 33 -4.12 -18.97 -36.65
CA PRO B 33 -5.30 -19.56 -37.28
C PRO B 33 -5.22 -21.09 -37.32
N LYS B 34 -6.38 -21.74 -37.24
CA LYS B 34 -6.50 -23.20 -37.00
C LYS B 34 -5.68 -23.96 -38.03
N GLU B 35 -5.82 -23.66 -39.32
CA GLU B 35 -5.24 -24.54 -40.37
C GLU B 35 -3.72 -24.32 -40.41
N ALA B 36 -3.24 -23.10 -40.20
CA ALA B 36 -1.79 -22.82 -40.13
C ALA B 36 -1.20 -23.57 -38.91
N LEU B 37 -1.95 -23.57 -37.81
CA LEU B 37 -1.52 -24.27 -36.57
C LEU B 37 -1.47 -25.78 -36.82
N MET B 38 -2.47 -26.34 -37.51
CA MET B 38 -2.49 -27.78 -37.86
C MET B 38 -1.20 -28.12 -38.63
N ALA B 39 -0.83 -27.30 -39.59
CA ALA B 39 0.38 -27.51 -40.44
C ALA B 39 1.63 -27.46 -39.53
N ASP B 40 1.67 -26.56 -38.55
CA ASP B 40 2.84 -26.41 -37.64
C ASP B 40 2.98 -27.65 -36.74
N ILE B 41 1.86 -28.20 -36.27
CA ILE B 41 1.86 -29.43 -35.46
C ILE B 41 2.42 -30.58 -36.32
N ARG B 42 1.94 -30.72 -37.55
CA ARG B 42 2.45 -31.80 -38.46
C ARG B 42 3.97 -31.66 -38.63
N ALA B 43 4.51 -30.44 -38.61
CA ALA B 43 5.95 -30.17 -38.81
C ALA B 43 6.76 -30.29 -37.52
N GLY B 44 6.14 -30.61 -36.37
CA GLY B 44 6.87 -30.71 -35.09
C GLY B 44 7.26 -29.34 -34.51
N LYS B 45 6.52 -28.30 -34.89
CA LYS B 45 6.85 -26.90 -34.47
C LYS B 45 6.05 -26.51 -33.21
N VAL B 46 5.23 -27.39 -32.67
CA VAL B 46 4.32 -27.07 -31.54
C VAL B 46 4.55 -28.07 -30.41
N GLY B 47 4.70 -27.59 -29.18
CA GLY B 47 4.89 -28.43 -27.99
C GLY B 47 3.57 -28.70 -27.30
N ALA B 48 2.67 -27.72 -27.26
CA ALA B 48 1.42 -27.86 -26.49
C ALA B 48 0.41 -26.81 -26.93
N ILE B 49 -0.83 -27.08 -26.57
CA ILE B 49 -1.99 -26.23 -26.91
C ILE B 49 -2.70 -25.83 -25.61
N PHE B 50 -3.22 -24.62 -25.56
CA PHE B 50 -4.20 -24.25 -24.51
C PHE B 50 -5.46 -23.70 -25.17
N ASN B 51 -6.60 -23.84 -24.46
CA ASN B 51 -7.88 -23.19 -24.82
C ASN B 51 -8.62 -23.96 -25.92
N THR B 52 -8.22 -25.20 -26.19
CA THR B 52 -9.00 -26.17 -27.00
C THR B 52 -9.50 -27.24 -26.05
N VAL B 53 -10.84 -27.38 -25.91
CA VAL B 53 -11.43 -28.00 -24.69
C VAL B 53 -12.50 -29.06 -25.03
N THR B 54 -12.64 -29.51 -26.28
CA THR B 54 -13.54 -30.65 -26.58
C THR B 54 -12.74 -31.81 -27.18
N ARG B 55 -13.19 -33.04 -26.91
CA ARG B 55 -12.50 -34.28 -27.32
C ARG B 55 -12.25 -34.27 -28.83
N PRO B 56 -13.25 -34.01 -29.70
CA PRO B 56 -13.00 -34.11 -31.15
C PRO B 56 -11.96 -33.10 -31.63
N ASP B 57 -11.95 -31.90 -31.04
CA ASP B 57 -10.97 -30.82 -31.37
C ASP B 57 -9.58 -31.21 -30.89
N ILE B 58 -9.47 -31.72 -29.66
CA ILE B 58 -8.17 -32.18 -29.10
C ILE B 58 -7.69 -33.41 -29.89
N ARG B 59 -8.56 -34.36 -30.15
CA ARG B 59 -8.17 -35.58 -30.89
C ARG B 59 -7.60 -35.17 -32.27
N ALA B 60 -8.21 -34.18 -32.91
CA ALA B 60 -7.85 -33.72 -34.28
C ALA B 60 -6.43 -33.15 -34.24
N MET B 61 -6.09 -32.46 -33.16
CA MET B 61 -4.74 -31.86 -33.01
CA MET B 61 -4.75 -31.85 -32.94
C MET B 61 -3.73 -32.97 -32.75
N GLN B 62 -4.06 -33.92 -31.87
CA GLN B 62 -3.16 -35.06 -31.55
C GLN B 62 -2.95 -35.88 -32.83
N ASP B 63 -3.96 -35.99 -33.68
CA ASP B 63 -3.86 -36.73 -34.96
C ASP B 63 -2.76 -36.13 -35.85
N GLN B 64 -2.51 -34.83 -35.76
CA GLN B 64 -1.55 -34.13 -36.65
C GLN B 64 -0.13 -34.58 -36.30
N VAL B 65 0.11 -34.97 -35.06
CA VAL B 65 1.45 -35.34 -34.53
C VAL B 65 2.02 -36.55 -35.30
N ARG B 66 1.19 -37.49 -35.74
CA ARG B 66 1.67 -38.68 -36.51
C ARG B 66 2.44 -38.25 -37.77
N HIS B 67 2.33 -36.99 -38.22
CA HIS B 67 3.02 -36.49 -39.45
C HIS B 67 4.43 -35.99 -39.13
N SER B 68 4.78 -35.73 -37.87
CA SER B 68 6.11 -35.20 -37.49
C SER B 68 7.08 -36.37 -37.47
N ARG B 69 8.38 -36.07 -37.48
CA ARG B 69 9.39 -37.14 -37.58
C ARG B 69 9.35 -38.04 -36.33
N LEU B 70 9.29 -37.46 -35.12
CA LEU B 70 9.37 -38.21 -33.85
C LEU B 70 7.98 -38.48 -33.26
N LYS B 71 6.94 -37.87 -33.79
CA LYS B 71 5.53 -38.08 -33.34
C LYS B 71 5.42 -37.79 -31.84
N ILE B 72 6.11 -36.76 -31.37
CA ILE B 72 6.05 -36.38 -29.94
C ILE B 72 4.66 -35.80 -29.69
N PRO B 73 3.88 -36.40 -28.76
CA PRO B 73 2.50 -35.98 -28.54
C PRO B 73 2.42 -34.58 -27.92
N LEU B 74 1.34 -33.86 -28.26
CA LEU B 74 0.97 -32.60 -27.56
C LEU B 74 0.47 -32.93 -26.15
N PHE B 75 0.53 -31.96 -25.24
CA PHE B 75 -0.41 -31.90 -24.10
C PHE B 75 -1.34 -30.71 -24.38
N HIS B 76 -2.52 -30.77 -23.78
CA HIS B 76 -3.58 -29.76 -23.92
C HIS B 76 -3.91 -29.22 -22.53
N ALA B 77 -3.87 -27.90 -22.38
CA ALA B 77 -4.14 -27.21 -21.10
C ALA B 77 -5.36 -26.28 -21.19
N TYR B 78 -5.89 -25.95 -20.02
CA TYR B 78 -7.02 -25.01 -19.86
C TYR B 78 -6.98 -24.38 -18.47
N ASP B 79 -7.76 -23.32 -18.29
CA ASP B 79 -7.87 -22.62 -16.98
C ASP B 79 -9.08 -23.20 -16.27
N VAL B 80 -8.91 -24.37 -15.69
CA VAL B 80 -9.92 -25.02 -14.84
C VAL B 80 -9.63 -24.59 -13.40
N ALA B 81 -10.12 -23.42 -13.03
CA ALA B 81 -9.78 -22.74 -11.78
C ALA B 81 -10.68 -23.23 -10.64
N HIS B 82 -12.00 -23.29 -10.87
CA HIS B 82 -12.99 -23.73 -9.83
C HIS B 82 -14.13 -24.49 -10.50
N GLY B 83 -13.78 -25.37 -11.43
CA GLY B 83 -14.72 -26.19 -12.20
C GLY B 83 -14.39 -26.10 -13.66
N HIS B 84 -14.78 -27.13 -14.41
CA HIS B 84 -14.61 -27.19 -15.88
C HIS B 84 -15.95 -26.88 -16.54
N ARG B 85 -16.92 -27.80 -16.44
CA ARG B 85 -18.29 -27.59 -16.99
C ARG B 85 -19.27 -27.41 -15.81
N THR B 86 -19.15 -28.20 -14.76
CA THR B 86 -19.86 -27.99 -13.49
C THR B 86 -19.03 -26.98 -12.69
N ILE B 87 -19.57 -25.79 -12.48
CA ILE B 87 -18.79 -24.69 -11.86
C ILE B 87 -19.06 -24.70 -10.36
N PHE B 88 -18.00 -24.85 -9.58
CA PHE B 88 -18.03 -24.74 -8.10
C PHE B 88 -17.90 -23.27 -7.71
N PRO B 89 -18.09 -22.94 -6.43
CA PRO B 89 -17.85 -21.57 -5.99
C PRO B 89 -16.43 -21.14 -6.38
N ILE B 90 -16.25 -19.83 -6.55
CA ILE B 90 -14.87 -19.30 -6.73
C ILE B 90 -14.01 -19.76 -5.56
N SER B 91 -12.69 -19.74 -5.74
CA SER B 91 -11.73 -20.26 -4.74
C SER B 91 -11.89 -19.53 -3.40
N LEU B 92 -12.16 -18.22 -3.42
CA LEU B 92 -12.22 -17.46 -2.17
C LEU B 92 -13.41 -18.00 -1.36
N GLY B 93 -14.49 -18.42 -2.04
CA GLY B 93 -15.63 -19.09 -1.40
C GLY B 93 -15.35 -20.54 -1.02
N LEU B 94 -14.59 -21.30 -1.82
CA LEU B 94 -14.16 -22.67 -1.44
C LEU B 94 -13.34 -22.61 -0.14
N ALA B 95 -12.48 -21.59 -0.01
CA ALA B 95 -11.60 -21.43 1.18
C ALA B 95 -12.45 -21.27 2.44
N ALA B 96 -13.58 -20.57 2.30
CA ALA B 96 -14.51 -20.26 3.41
C ALA B 96 -15.16 -21.53 3.96
N SER B 97 -15.09 -22.66 3.25
CA SER B 97 -15.52 -23.98 3.79
C SER B 97 -14.62 -24.43 4.95
N TRP B 98 -13.34 -24.01 4.99
CA TRP B 98 -12.35 -24.46 5.99
C TRP B 98 -12.32 -26.00 6.02
N ASP B 99 -12.49 -26.64 4.87
CA ASP B 99 -12.67 -28.11 4.82
C ASP B 99 -11.89 -28.62 3.62
N PRO B 100 -10.66 -29.10 3.85
CA PRO B 100 -9.83 -29.63 2.76
C PRO B 100 -10.53 -30.71 1.93
N GLU B 101 -11.43 -31.50 2.54
CA GLU B 101 -12.15 -32.58 1.81
C GLU B 101 -13.15 -31.97 0.81
N VAL B 102 -13.77 -30.84 1.16
CA VAL B 102 -14.69 -30.12 0.24
C VAL B 102 -13.88 -29.54 -0.92
N VAL B 103 -12.77 -28.87 -0.60
CA VAL B 103 -11.90 -28.28 -1.64
C VAL B 103 -11.37 -29.41 -2.55
N ALA B 104 -10.95 -30.54 -2.00
CA ALA B 104 -10.41 -31.68 -2.79
C ALA B 104 -11.51 -32.20 -3.73
N ARG B 105 -12.75 -32.20 -3.27
CA ARG B 105 -13.87 -32.75 -4.06
C ARG B 105 -14.06 -31.86 -5.29
N SER B 106 -14.00 -30.52 -5.13
CA SER B 106 -14.22 -29.59 -6.25
C SER B 106 -13.10 -29.81 -7.28
N ALA B 107 -11.87 -29.97 -6.81
CA ALA B 107 -10.68 -30.15 -7.67
C ALA B 107 -10.77 -31.52 -8.38
N ARG B 108 -11.12 -32.56 -7.65
CA ARG B 108 -11.21 -33.92 -8.24
C ARG B 108 -12.27 -33.93 -9.37
N ILE B 109 -13.43 -33.34 -9.13
CA ILE B 109 -14.52 -33.30 -10.15
C ILE B 109 -14.09 -32.43 -11.33
N SER B 110 -13.46 -31.28 -11.09
CA SER B 110 -12.87 -30.45 -12.15
C SER B 110 -11.96 -31.29 -13.05
N ALA B 111 -11.04 -32.04 -12.47
CA ALA B 111 -10.04 -32.86 -13.21
C ALA B 111 -10.78 -33.98 -13.94
N LEU B 112 -11.81 -34.58 -13.33
CA LEU B 112 -12.62 -35.65 -13.94
C LEU B 112 -13.30 -35.11 -15.23
N GLU B 113 -13.94 -33.94 -15.15
CA GLU B 113 -14.66 -33.33 -16.29
C GLU B 113 -13.66 -32.86 -17.35
N ALA B 114 -12.56 -32.24 -16.96
CA ALA B 114 -11.57 -31.69 -17.92
C ALA B 114 -10.94 -32.85 -18.70
N SER B 115 -10.44 -33.86 -17.99
CA SER B 115 -9.79 -35.05 -18.58
C SER B 115 -10.79 -35.79 -19.46
N ALA B 116 -12.08 -35.85 -19.07
CA ALA B 116 -13.14 -36.51 -19.86
C ALA B 116 -13.31 -35.79 -21.20
N ASP B 117 -12.93 -34.50 -21.29
CA ASP B 117 -12.99 -33.73 -22.54
C ASP B 117 -11.62 -33.80 -23.26
N GLY B 118 -10.62 -34.51 -22.69
CA GLY B 118 -9.31 -34.73 -23.32
C GLY B 118 -8.23 -33.77 -22.87
N LEU B 119 -8.49 -32.94 -21.85
CA LEU B 119 -7.46 -32.03 -21.34
C LEU B 119 -6.49 -32.79 -20.42
N ASP B 120 -5.21 -32.42 -20.45
CA ASP B 120 -4.11 -33.02 -19.67
C ASP B 120 -3.67 -32.14 -18.48
N MET B 121 -3.98 -30.85 -18.51
CA MET B 121 -3.34 -29.90 -17.57
C MET B 121 -4.27 -28.72 -17.33
N SER B 122 -4.28 -28.23 -16.11
CA SER B 122 -4.97 -26.97 -15.75
C SER B 122 -3.94 -25.95 -15.27
N PHE B 123 -4.10 -24.71 -15.68
CA PHE B 123 -3.39 -23.55 -15.10
C PHE B 123 -4.10 -23.20 -13.79
N SER B 124 -3.85 -24.05 -12.79
CA SER B 124 -4.47 -24.00 -11.43
CA SER B 124 -4.42 -23.95 -11.42
C SER B 124 -3.69 -24.98 -10.56
N PRO B 125 -3.68 -24.85 -9.21
CA PRO B 125 -4.41 -23.82 -8.46
C PRO B 125 -3.70 -22.45 -8.51
N MET B 126 -4.50 -21.39 -8.41
CA MET B 126 -4.01 -20.03 -8.09
C MET B 126 -3.82 -19.98 -6.57
N VAL B 127 -2.60 -19.72 -6.08
CA VAL B 127 -2.28 -19.80 -4.63
C VAL B 127 -1.58 -18.54 -4.14
N ASP B 128 -1.80 -17.42 -4.80
CA ASP B 128 -1.20 -16.12 -4.40
C ASP B 128 -1.88 -15.62 -3.13
N ILE B 129 -1.11 -15.21 -2.14
CA ILE B 129 -1.61 -14.55 -0.90
C ILE B 129 -2.14 -13.18 -1.31
N THR B 130 -3.32 -12.81 -0.79
CA THR B 130 -3.95 -11.51 -1.09
C THR B 130 -4.27 -10.78 0.21
N ARG B 131 -3.64 -9.62 0.44
CA ARG B 131 -3.99 -8.71 1.56
C ARG B 131 -4.64 -7.41 1.04
N ASP B 132 -4.85 -7.26 -0.28
CA ASP B 132 -5.38 -6.03 -0.92
C ASP B 132 -6.67 -6.37 -1.65
N ALA B 133 -7.79 -5.99 -1.05
CA ALA B 133 -9.15 -6.29 -1.55
C ALA B 133 -9.42 -5.62 -2.91
N ARG B 134 -8.64 -4.62 -3.32
CA ARG B 134 -8.89 -3.91 -4.61
C ARG B 134 -8.60 -4.82 -5.81
N TRP B 135 -7.66 -5.75 -5.64
CA TRP B 135 -7.17 -6.58 -6.77
C TRP B 135 -8.30 -7.49 -7.26
N GLY B 136 -8.60 -7.42 -8.56
CA GLY B 136 -9.66 -8.24 -9.18
C GLY B 136 -9.42 -9.72 -8.98
N ARG B 137 -8.18 -10.17 -8.87
CA ARG B 137 -7.90 -11.62 -8.85
C ARG B 137 -7.96 -12.22 -7.43
N VAL B 138 -8.37 -11.46 -6.41
CA VAL B 138 -8.52 -12.03 -5.06
C VAL B 138 -9.58 -13.16 -5.13
N SER B 139 -10.52 -13.14 -6.08
CA SER B 139 -11.56 -14.18 -6.19
C SER B 139 -10.93 -15.54 -6.44
N GLU B 140 -9.72 -15.57 -7.00
CA GLU B 140 -9.08 -16.82 -7.54
C GLU B 140 -8.24 -17.50 -6.46
N GLY B 141 -7.90 -16.79 -5.39
CA GLY B 141 -7.11 -17.36 -4.30
C GLY B 141 -7.94 -17.81 -3.11
N PHE B 142 -7.25 -18.13 -2.02
CA PHE B 142 -7.84 -18.71 -0.80
C PHE B 142 -7.80 -17.73 0.36
N GLY B 143 -7.55 -16.45 0.09
CA GLY B 143 -7.58 -15.37 1.10
C GLY B 143 -6.19 -14.94 1.52
N GLU B 144 -6.05 -14.51 2.76
CA GLU B 144 -4.87 -13.72 3.24
C GLU B 144 -3.93 -14.58 4.08
N ASP B 145 -4.31 -15.81 4.41
CA ASP B 145 -3.58 -16.57 5.46
C ASP B 145 -2.59 -17.54 4.80
N THR B 146 -1.34 -17.48 5.20
CA THR B 146 -0.27 -18.33 4.62
C THR B 146 -0.52 -19.80 4.94
N TYR B 147 -0.93 -20.12 6.16
CA TYR B 147 -1.12 -21.50 6.63
C TYR B 147 -2.25 -22.16 5.82
N LEU B 148 -3.41 -21.50 5.75
CA LEU B 148 -4.60 -22.08 5.08
C LEU B 148 -4.33 -22.17 3.57
N THR B 149 -3.79 -21.14 2.96
CA THR B 149 -3.53 -21.13 1.49
C THR B 149 -2.52 -22.23 1.16
N SER B 150 -1.51 -22.41 1.99
CA SER B 150 -0.46 -23.46 1.75
C SER B 150 -1.12 -24.84 1.85
N LEU B 151 -1.97 -25.03 2.86
CA LEU B 151 -2.67 -26.32 3.06
C LEU B 151 -3.51 -26.61 1.82
N LEU B 152 -4.29 -25.64 1.36
CA LEU B 152 -5.23 -25.86 0.23
C LEU B 152 -4.46 -25.97 -1.08
N SER B 153 -3.33 -25.28 -1.22
CA SER B 153 -2.41 -25.41 -2.39
C SER B 153 -2.06 -26.89 -2.58
N GLY B 154 -1.54 -27.55 -1.54
CA GLY B 154 -1.20 -28.98 -1.63
C GLY B 154 -2.43 -29.84 -1.87
N VAL B 155 -3.55 -29.53 -1.23
CA VAL B 155 -4.82 -30.30 -1.41
C VAL B 155 -5.27 -30.27 -2.86
N MET B 156 -5.26 -29.10 -3.48
CA MET B 156 -5.67 -28.92 -4.90
C MET B 156 -4.75 -29.73 -5.80
N VAL B 157 -3.44 -29.63 -5.59
CA VAL B 157 -2.46 -30.33 -6.47
C VAL B 157 -2.70 -31.84 -6.37
N ARG B 158 -2.84 -32.37 -5.16
CA ARG B 158 -3.03 -33.85 -4.99
C ARG B 158 -4.35 -34.27 -5.58
N ALA B 159 -5.41 -33.47 -5.46
CA ALA B 159 -6.75 -33.80 -5.97
C ALA B 159 -6.73 -33.81 -7.50
N TYR B 160 -6.08 -32.82 -8.12
CA TYR B 160 -5.97 -32.77 -9.61
C TYR B 160 -5.18 -33.99 -10.11
N GLN B 161 -3.99 -34.24 -9.55
CA GLN B 161 -2.99 -35.17 -10.14
C GLN B 161 -3.25 -36.61 -9.68
N GLY B 162 -3.96 -36.81 -8.58
CA GLY B 162 -4.27 -38.17 -8.07
C GLY B 162 -3.04 -38.95 -7.66
N SER B 163 -3.15 -40.27 -7.61
CA SER B 163 -2.04 -41.19 -7.24
C SER B 163 -1.08 -41.39 -8.42
N ASN B 164 -1.49 -41.00 -9.64
CA ASN B 164 -0.73 -41.31 -10.88
C ASN B 164 -1.11 -40.31 -11.97
N LEU B 165 -0.16 -39.49 -12.43
CA LEU B 165 -0.40 -38.46 -13.47
C LEU B 165 -0.77 -39.10 -14.82
N ALA B 166 -0.55 -40.40 -15.02
CA ALA B 166 -0.90 -41.08 -16.28
C ALA B 166 -2.35 -41.59 -16.23
N ALA B 167 -3.03 -41.56 -15.08
CA ALA B 167 -4.45 -41.94 -14.97
C ALA B 167 -5.27 -41.04 -15.90
N PRO B 168 -6.20 -41.64 -16.69
CA PRO B 168 -7.01 -40.86 -17.62
C PRO B 168 -7.97 -39.85 -16.96
N ASP B 169 -8.13 -39.89 -15.64
CA ASP B 169 -8.99 -38.93 -14.91
C ASP B 169 -8.12 -37.98 -14.08
N SER B 170 -6.79 -38.02 -14.26
CA SER B 170 -5.83 -37.06 -13.65
C SER B 170 -5.52 -35.97 -14.66
N ILE B 171 -5.20 -34.77 -14.15
CA ILE B 171 -4.60 -33.68 -14.95
C ILE B 171 -3.40 -33.15 -14.15
N MET B 172 -2.43 -32.60 -14.85
CA MET B 172 -1.26 -31.97 -14.25
C MET B 172 -1.71 -30.61 -13.72
N ALA B 173 -1.26 -30.26 -12.52
CA ALA B 173 -1.46 -28.92 -11.96
C ALA B 173 -0.27 -28.06 -12.39
N ALA B 174 -0.57 -26.91 -12.98
CA ALA B 174 0.40 -25.82 -13.19
C ALA B 174 0.07 -24.73 -12.17
N VAL B 175 0.66 -24.82 -11.00
CA VAL B 175 0.47 -23.84 -9.90
C VAL B 175 0.87 -22.45 -10.36
N LYS B 176 0.08 -21.45 -9.95
CA LYS B 176 0.28 -20.04 -10.41
C LYS B 176 -0.05 -19.09 -9.25
N HIS B 177 0.42 -17.85 -9.28
CA HIS B 177 1.31 -17.29 -10.29
C HIS B 177 2.64 -17.05 -9.60
N PHE B 178 3.68 -17.81 -9.99
CA PHE B 178 4.98 -17.79 -9.29
C PHE B 178 5.72 -16.52 -9.75
N ALA B 179 5.80 -15.47 -8.91
CA ALA B 179 5.44 -15.43 -7.51
C ALA B 179 5.04 -14.01 -7.11
N LEU B 180 4.29 -13.91 -6.00
CA LEU B 180 3.99 -12.65 -5.26
C LEU B 180 3.01 -11.77 -6.02
N TYR B 181 2.30 -12.35 -6.97
CA TYR B 181 1.48 -11.60 -7.95
C TYR B 181 0.37 -10.78 -7.23
N GLY B 182 -0.14 -11.29 -6.12
CA GLY B 182 -1.26 -10.68 -5.37
C GLY B 182 -0.79 -9.53 -4.48
N ALA B 183 0.50 -9.22 -4.44
CA ALA B 183 1.02 -8.06 -3.68
C ALA B 183 1.11 -6.82 -4.56
N ALA B 184 0.50 -6.82 -5.76
CA ALA B 184 0.51 -5.68 -6.70
C ALA B 184 0.28 -4.36 -5.95
N GLU B 185 1.20 -3.41 -6.08
CA GLU B 185 1.04 -2.06 -5.49
C GLU B 185 -0.26 -1.43 -5.97
N GLY B 186 -1.02 -0.85 -5.04
CA GLY B 186 -2.27 -0.16 -5.37
C GLY B 186 -3.37 -1.12 -5.72
N GLY B 187 -3.13 -2.43 -5.64
CA GLY B 187 -4.09 -3.46 -6.06
C GLY B 187 -4.36 -3.39 -7.56
N ARG B 188 -3.48 -2.73 -8.33
CA ARG B 188 -3.60 -2.61 -9.79
C ARG B 188 -3.01 -3.87 -10.41
N ASP B 189 -3.76 -4.56 -11.24
CA ASP B 189 -3.28 -5.85 -11.78
C ASP B 189 -1.96 -5.61 -12.53
N TYR B 190 -1.07 -6.58 -12.43
CA TYR B 190 0.23 -6.64 -13.13
C TYR B 190 1.21 -5.64 -12.52
N ASN B 191 0.82 -4.88 -11.50
CA ASN B 191 1.70 -3.81 -10.99
C ASN B 191 2.86 -4.37 -10.13
N THR B 192 3.86 -3.52 -9.99
CA THR B 192 5.06 -3.64 -9.14
C THR B 192 4.77 -4.37 -7.83
N VAL B 193 5.62 -5.33 -7.50
CA VAL B 193 5.65 -5.97 -6.17
C VAL B 193 7.02 -5.72 -5.56
N ASP B 194 7.01 -5.15 -4.35
CA ASP B 194 8.27 -4.79 -3.66
C ASP B 194 8.10 -5.22 -2.20
N MET B 195 8.92 -6.16 -1.73
CA MET B 195 8.80 -6.63 -0.33
C MET B 195 10.15 -7.15 0.14
N SER B 196 10.30 -7.18 1.46
CA SER B 196 11.50 -7.69 2.16
C SER B 196 11.59 -9.20 1.93
N LEU B 197 12.80 -9.73 2.04
CA LEU B 197 13.00 -11.19 1.92
C LEU B 197 12.34 -11.92 3.08
N PRO B 198 12.45 -11.48 4.36
CA PRO B 198 11.74 -12.17 5.42
C PRO B 198 10.22 -12.27 5.19
N ARG B 199 9.58 -11.22 4.68
CA ARG B 199 8.12 -11.22 4.44
C ARG B 199 7.83 -12.20 3.29
N MET B 200 8.64 -12.13 2.23
CA MET B 200 8.52 -13.00 1.06
C MET B 200 8.56 -14.45 1.52
N PHE B 201 9.58 -14.85 2.27
CA PHE B 201 9.79 -16.25 2.67
C PHE B 201 8.77 -16.72 3.72
N GLN B 202 8.47 -15.88 4.71
CA GLN B 202 7.55 -16.24 5.80
C GLN B 202 6.11 -16.33 5.28
N ASP B 203 5.65 -15.37 4.48
CA ASP B 203 4.21 -15.11 4.24
C ASP B 203 3.77 -15.45 2.82
N TYR B 204 4.57 -15.13 1.80
CA TYR B 204 4.07 -15.16 0.40
C TYR B 204 4.51 -16.42 -0.36
N LEU B 205 5.73 -16.92 -0.14
CA LEU B 205 6.25 -18.05 -0.94
C LEU B 205 5.72 -19.41 -0.49
N PRO B 206 5.39 -19.68 0.79
CA PRO B 206 5.07 -21.05 1.19
C PRO B 206 3.98 -21.76 0.40
N PRO B 207 2.92 -21.08 -0.13
CA PRO B 207 1.90 -21.79 -0.90
C PRO B 207 2.46 -22.37 -2.21
N TYR B 208 3.45 -21.70 -2.81
CA TYR B 208 4.08 -22.25 -4.04
C TYR B 208 4.92 -23.46 -3.67
N LYS B 209 5.68 -23.35 -2.60
CA LYS B 209 6.50 -24.48 -2.11
C LYS B 209 5.61 -25.67 -1.75
N ALA B 210 4.45 -25.43 -1.12
CA ALA B 210 3.50 -26.50 -0.75
C ALA B 210 3.04 -27.24 -2.01
N ALA B 211 2.77 -26.50 -3.09
CA ALA B 211 2.39 -27.10 -4.39
C ALA B 211 3.54 -27.94 -4.92
N VAL B 212 4.76 -27.40 -4.92
CA VAL B 212 5.95 -28.15 -5.42
C VAL B 212 6.08 -29.44 -4.58
N ASP B 213 5.98 -29.34 -3.25
CA ASP B 213 6.18 -30.49 -2.34
C ASP B 213 5.04 -31.52 -2.52
N ALA B 214 3.83 -31.10 -2.93
CA ALA B 214 2.71 -32.04 -3.21
C ALA B 214 2.90 -32.70 -4.57
N GLY B 215 3.95 -32.35 -5.31
CA GLY B 215 4.33 -32.99 -6.59
C GLY B 215 3.77 -32.27 -7.81
N ALA B 216 3.48 -30.97 -7.73
CA ALA B 216 2.93 -30.22 -8.90
C ALA B 216 3.87 -30.41 -10.10
N GLY B 217 3.30 -30.73 -11.26
CA GLY B 217 4.07 -31.03 -12.47
C GLY B 217 4.61 -29.78 -13.14
N ALA B 218 3.93 -28.65 -12.93
CA ALA B 218 4.21 -27.41 -13.68
C ALA B 218 4.03 -26.21 -12.74
N VAL B 219 4.69 -25.13 -13.11
CA VAL B 219 4.61 -23.80 -12.45
C VAL B 219 4.39 -22.77 -13.55
N MET B 220 3.37 -21.92 -13.41
CA MET B 220 3.16 -20.79 -14.32
C MET B 220 3.78 -19.54 -13.70
N VAL B 221 4.65 -18.92 -14.45
CA VAL B 221 5.48 -17.79 -13.98
C VAL B 221 4.62 -16.53 -14.06
N SER B 222 4.78 -15.63 -13.09
CA SER B 222 3.92 -14.41 -12.97
C SER B 222 4.34 -13.28 -13.89
N LEU B 223 3.43 -12.31 -14.02
CA LEU B 223 3.59 -11.17 -14.92
C LEU B 223 4.28 -10.01 -14.21
N ASN B 224 4.42 -10.06 -12.90
CA ASN B 224 4.87 -8.86 -12.12
C ASN B 224 6.41 -8.85 -11.96
N THR B 225 6.96 -7.66 -11.69
CA THR B 225 8.30 -7.51 -11.11
C THR B 225 8.27 -7.98 -9.66
N ILE B 226 9.37 -8.57 -9.23
CA ILE B 226 9.68 -8.88 -7.81
C ILE B 226 10.92 -8.07 -7.48
N ASN B 227 10.77 -7.03 -6.66
CA ASN B 227 11.93 -6.17 -6.26
C ASN B 227 12.70 -5.74 -7.51
N GLY B 228 12.00 -5.33 -8.57
CA GLY B 228 12.58 -4.73 -9.78
C GLY B 228 12.79 -5.72 -10.91
N VAL B 229 12.71 -7.02 -10.63
CA VAL B 229 13.00 -8.04 -11.67
C VAL B 229 11.73 -8.80 -12.04
N PRO B 230 11.24 -8.65 -13.30
CA PRO B 230 10.11 -9.45 -13.76
C PRO B 230 10.37 -10.94 -13.48
N ALA B 231 9.33 -11.63 -13.02
CA ALA B 231 9.46 -13.07 -12.69
C ALA B 231 10.00 -13.82 -13.90
N THR B 232 9.57 -13.43 -15.10
CA THR B 232 9.86 -14.13 -16.37
C THR B 232 11.36 -14.00 -16.71
N ALA B 233 12.08 -13.04 -16.11
CA ALA B 233 13.54 -12.82 -16.31
C ALA B 233 14.31 -13.05 -15.00
N ASN B 234 13.70 -13.71 -14.02
CA ASN B 234 14.24 -13.73 -12.64
C ASN B 234 14.96 -15.06 -12.39
N ARG B 235 16.26 -15.11 -12.66
CA ARG B 235 17.06 -16.35 -12.50
C ARG B 235 17.08 -16.79 -11.02
N TRP B 236 17.13 -15.83 -10.10
CA TRP B 236 17.08 -16.16 -8.65
C TRP B 236 15.78 -16.93 -8.34
N LEU B 237 14.63 -16.41 -8.74
CA LEU B 237 13.32 -17.02 -8.43
C LEU B 237 13.22 -18.40 -9.11
N LEU B 238 13.51 -18.49 -10.41
CA LEU B 238 13.12 -19.68 -11.20
C LEU B 238 14.21 -20.73 -11.18
N THR B 239 15.45 -20.35 -10.98
CA THR B 239 16.59 -21.32 -10.94
C THR B 239 17.06 -21.52 -9.49
N ASP B 240 17.59 -20.47 -8.84
CA ASP B 240 18.22 -20.58 -7.51
C ASP B 240 17.19 -21.09 -6.50
N LEU B 241 15.99 -20.48 -6.47
CA LEU B 241 14.99 -20.83 -5.45
C LEU B 241 14.22 -22.08 -5.89
N LEU B 242 13.50 -21.99 -6.98
CA LEU B 242 12.53 -23.04 -7.38
C LEU B 242 13.25 -24.37 -7.60
N ARG B 243 14.37 -24.37 -8.32
CA ARG B 243 15.05 -25.64 -8.68
C ARG B 243 16.09 -26.02 -7.62
N GLN B 244 17.03 -25.14 -7.33
CA GLN B 244 18.23 -25.52 -6.53
C GLN B 244 17.89 -25.56 -5.03
N GLN B 245 17.02 -24.70 -4.51
CA GLN B 245 16.67 -24.71 -3.06
C GLN B 245 15.48 -25.65 -2.86
N TRP B 246 14.42 -25.55 -3.65
CA TRP B 246 13.17 -26.29 -3.42
C TRP B 246 13.18 -27.66 -4.11
N GLY B 247 14.05 -27.88 -5.09
CA GLY B 247 14.18 -29.17 -5.77
C GLY B 247 13.08 -29.44 -6.78
N PHE B 248 12.44 -28.41 -7.32
CA PHE B 248 11.41 -28.58 -8.36
C PHE B 248 12.03 -29.20 -9.61
N LYS B 249 11.45 -30.28 -10.09
CA LYS B 249 11.95 -31.05 -11.26
C LYS B 249 10.98 -30.98 -12.43
N GLY B 250 9.97 -30.10 -12.40
CA GLY B 250 8.92 -30.05 -13.42
C GLY B 250 9.10 -28.92 -14.41
N LEU B 251 8.00 -28.46 -14.97
CA LEU B 251 7.95 -27.60 -16.18
C LEU B 251 7.59 -26.17 -15.77
N THR B 252 8.36 -25.16 -16.17
CA THR B 252 7.98 -23.75 -16.00
C THR B 252 7.31 -23.26 -17.27
N ILE B 253 6.21 -22.55 -17.11
CA ILE B 253 5.40 -22.08 -18.26
C ILE B 253 5.23 -20.58 -18.14
N SER B 254 5.53 -19.84 -19.22
CA SER B 254 5.31 -18.36 -19.22
C SER B 254 3.81 -18.09 -19.25
N ASP B 255 3.40 -16.91 -18.77
CA ASP B 255 2.05 -16.37 -19.04
C ASP B 255 2.03 -15.76 -20.46
N HIS B 256 0.86 -15.33 -20.89
CA HIS B 256 0.51 -14.98 -22.29
C HIS B 256 1.30 -13.72 -22.70
N GLY B 257 2.29 -13.89 -23.57
CA GLY B 257 3.12 -12.78 -24.06
C GLY B 257 4.10 -12.29 -23.01
N ALA B 258 4.35 -13.04 -21.93
CA ALA B 258 5.16 -12.59 -20.79
C ALA B 258 6.63 -12.36 -21.22
N VAL B 259 7.15 -13.19 -22.12
CA VAL B 259 8.55 -13.03 -22.60
C VAL B 259 8.66 -11.69 -23.34
N LYS B 260 7.78 -11.44 -24.30
CA LYS B 260 7.77 -10.18 -25.07
C LYS B 260 7.58 -8.99 -24.12
N GLU B 261 6.79 -9.15 -23.06
CA GLU B 261 6.50 -8.06 -22.09
C GLU B 261 7.78 -7.66 -21.34
N LEU B 262 8.88 -8.40 -21.44
CA LEU B 262 10.15 -7.93 -20.81
C LEU B 262 10.61 -6.63 -21.46
N ILE B 263 10.16 -6.33 -22.69
CA ILE B 263 10.52 -5.07 -23.37
C ILE B 263 9.76 -3.92 -22.68
N LYS B 264 8.48 -4.10 -22.39
CA LYS B 264 7.68 -3.06 -21.70
C LYS B 264 8.21 -2.87 -20.26
N HIS B 265 8.64 -3.92 -19.58
CA HIS B 265 9.24 -3.84 -18.23
C HIS B 265 10.56 -3.06 -18.28
N GLY B 266 11.17 -2.93 -19.45
CA GLY B 266 12.47 -2.23 -19.59
C GLY B 266 13.65 -3.10 -19.15
N LEU B 267 13.52 -4.41 -19.25
CA LEU B 267 14.65 -5.35 -19.08
C LEU B 267 15.31 -5.66 -20.43
N ALA B 268 14.60 -5.44 -21.54
CA ALA B 268 15.08 -5.81 -22.88
C ALA B 268 14.72 -4.68 -23.85
N GLY B 269 15.58 -4.47 -24.85
CA GLY B 269 15.34 -3.47 -25.90
C GLY B 269 14.74 -4.09 -27.12
N ASN B 270 14.76 -5.42 -27.22
CA ASN B 270 14.31 -6.11 -28.43
C ASN B 270 13.88 -7.53 -28.06
N GLU B 271 13.24 -8.21 -28.99
CA GLU B 271 12.67 -9.57 -28.76
C GLU B 271 13.80 -10.59 -28.61
N ARG B 272 14.93 -10.39 -29.29
CA ARG B 272 16.07 -11.33 -29.19
C ARG B 272 16.59 -11.34 -27.76
N ASP B 273 16.82 -10.17 -27.16
CA ASP B 273 17.32 -10.05 -25.78
C ASP B 273 16.24 -10.55 -24.80
N ALA B 274 14.96 -10.30 -25.05
CA ALA B 274 13.89 -10.78 -24.14
C ALA B 274 13.93 -12.31 -24.09
N THR B 275 14.08 -12.94 -25.25
CA THR B 275 14.13 -14.41 -25.37
C THR B 275 15.31 -14.95 -24.55
N ARG B 276 16.49 -14.33 -24.69
CA ARG B 276 17.71 -14.77 -23.98
C ARG B 276 17.47 -14.70 -22.47
N LEU B 277 16.88 -13.60 -22.00
CA LEU B 277 16.69 -13.42 -20.54
C LEU B 277 15.74 -14.49 -19.99
N ALA B 278 14.64 -14.75 -20.69
CA ALA B 278 13.62 -15.72 -20.23
C ALA B 278 14.21 -17.13 -20.23
N ILE B 279 14.87 -17.56 -21.30
CA ILE B 279 15.34 -18.97 -21.30
C ILE B 279 16.45 -19.15 -20.25
N GLN B 280 17.33 -18.18 -20.09
CA GLN B 280 18.47 -18.30 -19.15
C GLN B 280 17.97 -18.15 -17.72
N ALA B 281 16.89 -17.39 -17.49
CA ALA B 281 16.28 -17.29 -16.14
C ALA B 281 15.72 -18.66 -15.69
N GLY B 282 15.14 -19.42 -16.60
CA GLY B 282 14.55 -20.74 -16.31
C GLY B 282 13.11 -20.85 -16.75
N VAL B 283 12.65 -20.02 -17.71
CA VAL B 283 11.31 -20.23 -18.35
C VAL B 283 11.44 -21.28 -19.46
N ASP B 284 10.74 -22.41 -19.33
CA ASP B 284 10.89 -23.54 -20.27
C ASP B 284 9.99 -23.33 -21.47
N MET B 285 8.73 -22.97 -21.23
CA MET B 285 7.71 -22.98 -22.30
C MET B 285 7.23 -21.54 -22.50
N ASN B 286 7.10 -21.16 -23.76
CA ASN B 286 6.84 -19.78 -24.24
C ASN B 286 5.39 -19.75 -24.72
N MET B 287 4.53 -19.02 -24.02
CA MET B 287 3.08 -18.92 -24.38
C MET B 287 2.85 -17.78 -25.40
N ASN B 288 2.39 -18.19 -26.58
CA ASN B 288 1.73 -17.39 -27.64
C ASN B 288 2.64 -16.43 -28.43
N ASP B 289 3.59 -15.72 -27.85
CA ASP B 289 4.30 -14.64 -28.60
C ASP B 289 5.33 -15.23 -29.59
N ASP B 290 5.64 -16.53 -29.50
CA ASP B 290 6.51 -17.26 -30.46
C ASP B 290 7.95 -16.72 -30.49
N LEU B 291 8.38 -15.97 -29.48
CA LEU B 291 9.76 -15.44 -29.43
C LEU B 291 10.76 -16.60 -29.38
N TYR B 292 10.50 -17.69 -28.64
CA TYR B 292 11.46 -18.82 -28.52
C TYR B 292 11.74 -19.40 -29.91
N SER B 293 10.68 -19.72 -30.65
CA SER B 293 10.78 -20.30 -32.02
C SER B 293 11.48 -19.31 -32.97
N THR B 294 11.22 -18.01 -32.80
CA THR B 294 11.81 -16.95 -33.65
C THR B 294 13.31 -16.79 -33.36
N TRP B 295 13.73 -16.82 -32.09
CA TRP B 295 15.06 -16.28 -31.69
C TRP B 295 16.04 -17.33 -31.18
N LEU B 296 15.59 -18.47 -30.65
CA LEU B 296 16.54 -19.39 -29.96
C LEU B 296 17.64 -19.87 -30.93
N PRO B 297 17.34 -20.21 -32.22
CA PRO B 297 18.42 -20.67 -33.12
C PRO B 297 19.54 -19.63 -33.29
N LYS B 298 19.18 -18.37 -33.49
CA LYS B 298 20.13 -17.24 -33.71
C LYS B 298 20.91 -17.01 -32.43
N LEU B 299 20.23 -17.01 -31.28
CA LEU B 299 20.88 -16.86 -29.97
C LEU B 299 21.94 -17.96 -29.79
N LEU B 300 21.61 -19.21 -30.09
CA LEU B 300 22.57 -20.33 -29.88
C LEU B 300 23.79 -20.15 -30.80
N ALA B 301 23.55 -19.86 -32.09
CA ALA B 301 24.60 -19.73 -33.12
C ALA B 301 25.54 -18.57 -32.78
N ALA B 302 25.04 -17.52 -32.12
CA ALA B 302 25.85 -16.33 -31.72
C ALA B 302 26.55 -16.58 -30.37
N GLY B 303 26.33 -17.73 -29.72
CA GLY B 303 26.91 -18.05 -28.40
C GLY B 303 26.33 -17.20 -27.29
N GLU B 304 25.17 -16.60 -27.48
CA GLU B 304 24.48 -15.75 -26.47
C GLU B 304 23.74 -16.64 -25.45
N ILE B 305 23.35 -17.86 -25.82
CA ILE B 305 22.84 -18.91 -24.89
C ILE B 305 23.65 -20.18 -25.12
N ASP B 306 23.53 -21.12 -24.18
CA ASP B 306 24.21 -22.43 -24.20
C ASP B 306 23.23 -23.50 -24.65
N GLN B 307 23.76 -24.55 -25.26
CA GLN B 307 22.95 -25.75 -25.61
C GLN B 307 22.20 -26.22 -24.36
N ALA B 308 22.82 -26.16 -23.19
CA ALA B 308 22.24 -26.64 -21.92
C ALA B 308 20.94 -25.89 -21.58
N ASP B 309 20.79 -24.62 -22.01
CA ASP B 309 19.55 -23.82 -21.83
C ASP B 309 18.39 -24.43 -22.62
N ILE B 310 18.63 -24.79 -23.87
CA ILE B 310 17.64 -25.49 -24.73
C ILE B 310 17.35 -26.87 -24.15
N ASP B 311 18.40 -27.63 -23.83
CA ASP B 311 18.25 -29.03 -23.37
C ASP B 311 17.45 -29.06 -22.05
N ARG B 312 17.68 -28.12 -21.14
CA ARG B 312 16.97 -28.10 -19.83
C ARG B 312 15.47 -27.92 -20.10
N ALA B 313 15.11 -26.95 -20.94
CA ALA B 313 13.71 -26.57 -21.24
C ALA B 313 12.99 -27.73 -21.92
N CYS B 314 13.64 -28.32 -22.92
CA CYS B 314 13.08 -29.43 -23.70
C CYS B 314 12.91 -30.67 -22.81
N ARG B 315 13.90 -30.99 -21.99
CA ARG B 315 13.82 -32.13 -21.04
C ARG B 315 12.59 -31.93 -20.15
N ASP B 316 12.37 -30.72 -19.68
CA ASP B 316 11.23 -30.46 -18.75
C ASP B 316 9.92 -30.71 -19.50
N VAL B 317 9.82 -30.33 -20.78
CA VAL B 317 8.55 -30.52 -21.53
C VAL B 317 8.32 -32.01 -21.71
N LEU B 318 9.35 -32.72 -22.18
CA LEU B 318 9.24 -34.18 -22.42
C LEU B 318 8.93 -34.90 -21.12
N ALA B 319 9.53 -34.50 -20.00
CA ALA B 319 9.29 -35.14 -18.68
C ALA B 319 7.82 -34.97 -18.30
N ALA B 320 7.20 -33.82 -18.59
CA ALA B 320 5.78 -33.61 -18.26
C ALA B 320 4.91 -34.57 -19.08
N LYS B 321 5.20 -34.69 -20.36
CA LYS B 321 4.42 -35.54 -21.28
C LYS B 321 4.58 -37.01 -20.86
N TYR B 322 5.79 -37.36 -20.45
CA TYR B 322 6.13 -38.71 -19.94
C TYR B 322 5.24 -38.99 -18.71
N ASP B 323 5.27 -38.11 -17.71
CA ASP B 323 4.49 -38.32 -16.45
C ASP B 323 3.00 -38.39 -16.79
N LEU B 324 2.53 -37.65 -17.81
CA LEU B 324 1.10 -37.62 -18.19
C LEU B 324 0.71 -38.90 -18.94
N GLY B 325 1.66 -39.79 -19.21
CA GLY B 325 1.43 -41.08 -19.88
C GLY B 325 1.32 -40.94 -21.38
N LEU B 326 1.71 -39.78 -21.94
CA LEU B 326 1.36 -39.49 -23.35
C LEU B 326 2.31 -40.23 -24.30
N PHE B 327 3.50 -40.63 -23.86
CA PHE B 327 4.39 -41.49 -24.68
C PHE B 327 3.90 -42.95 -24.66
N ALA B 328 3.21 -43.39 -23.61
CA ALA B 328 2.61 -44.74 -23.54
C ALA B 328 1.34 -44.81 -24.40
N ASP B 329 0.55 -43.74 -24.42
CA ASP B 329 -0.70 -43.66 -25.22
C ASP B 329 -1.10 -42.19 -25.32
N PRO B 330 -0.82 -41.54 -26.47
CA PRO B 330 -1.17 -40.13 -26.65
C PRO B 330 -2.69 -39.89 -26.65
N TYR B 331 -3.50 -40.95 -26.76
CA TYR B 331 -4.99 -40.86 -26.75
C TYR B 331 -5.57 -41.36 -25.42
N ARG B 332 -4.78 -41.47 -24.34
CA ARG B 332 -5.28 -42.08 -23.07
C ARG B 332 -6.46 -41.28 -22.49
N ARG B 333 -6.58 -39.97 -22.79
CA ARG B 333 -7.70 -39.11 -22.29
C ARG B 333 -8.69 -38.84 -23.43
N LEU B 334 -8.54 -39.50 -24.58
CA LEU B 334 -9.34 -39.15 -25.79
C LEU B 334 -10.15 -40.36 -26.29
N GLY B 335 -10.23 -41.43 -25.51
CA GLY B 335 -11.02 -42.62 -25.84
C GLY B 335 -10.44 -43.34 -27.05
N LYS B 336 -11.28 -44.06 -27.81
CA LYS B 336 -10.86 -44.90 -28.96
C LYS B 336 -11.35 -44.30 -30.27
N PRO B 337 -10.70 -44.61 -31.42
CA PRO B 337 -11.08 -44.06 -32.72
C PRO B 337 -12.57 -44.14 -33.09
N PRO B 340 -17.85 -43.37 -30.76
CA PRO B 340 -19.21 -42.82 -30.75
C PRO B 340 -19.19 -41.34 -30.34
N PRO B 341 -19.68 -40.42 -31.20
CA PRO B 341 -19.74 -39.00 -30.82
C PRO B 341 -20.69 -38.77 -29.64
N PHE B 342 -20.55 -37.64 -28.94
CA PHE B 342 -21.41 -37.30 -27.77
C PHE B 342 -21.54 -35.79 -27.66
N ASP B 343 -22.56 -35.34 -26.92
CA ASP B 343 -22.80 -33.90 -26.62
C ASP B 343 -21.92 -33.52 -25.43
N THR B 344 -20.90 -32.69 -25.66
CA THR B 344 -19.95 -32.25 -24.61
C THR B 344 -20.73 -31.59 -23.47
N ASN B 345 -21.80 -30.84 -23.77
CA ASN B 345 -22.53 -30.04 -22.76
C ASN B 345 -23.81 -30.74 -22.31
N ALA B 346 -23.91 -32.06 -22.48
CA ALA B 346 -25.07 -32.84 -22.02
C ALA B 346 -25.23 -32.63 -20.49
N GLU B 347 -26.48 -32.42 -20.06
CA GLU B 347 -26.86 -32.35 -18.63
C GLU B 347 -26.33 -33.61 -17.91
N SER B 348 -26.35 -34.77 -18.57
CA SER B 348 -25.91 -36.07 -17.99
C SER B 348 -24.41 -36.04 -17.62
N ARG B 349 -23.62 -35.12 -18.15
CA ARG B 349 -22.15 -35.06 -17.89
C ARG B 349 -21.84 -34.06 -16.77
N LEU B 350 -22.85 -33.40 -16.19
CA LEU B 350 -22.61 -32.43 -15.08
C LEU B 350 -22.57 -33.17 -13.73
N HIS B 351 -22.16 -32.47 -12.70
CA HIS B 351 -22.04 -33.01 -11.32
C HIS B 351 -22.81 -32.08 -10.36
N ARG B 352 -24.11 -31.96 -10.54
CA ARG B 352 -24.95 -31.00 -9.77
C ARG B 352 -25.00 -31.36 -8.28
N GLN B 353 -25.07 -32.66 -7.92
CA GLN B 353 -25.09 -33.05 -6.49
C GLN B 353 -23.84 -32.49 -5.81
N ALA B 354 -22.68 -32.70 -6.42
CA ALA B 354 -21.40 -32.29 -5.82
C ALA B 354 -21.34 -30.76 -5.75
N ALA B 355 -21.77 -30.07 -6.80
CA ALA B 355 -21.67 -28.58 -6.83
C ALA B 355 -22.56 -28.02 -5.72
N ARG B 356 -23.75 -28.59 -5.53
CA ARG B 356 -24.70 -28.09 -4.50
C ARG B 356 -24.15 -28.36 -3.10
N GLU B 357 -23.63 -29.55 -2.83
CA GLU B 357 -23.07 -29.90 -1.52
C GLU B 357 -21.83 -29.05 -1.23
N VAL B 358 -20.98 -28.83 -2.22
CA VAL B 358 -19.75 -28.00 -2.01
C VAL B 358 -20.15 -26.55 -1.75
N ALA B 359 -21.08 -26.02 -2.55
CA ALA B 359 -21.46 -24.59 -2.51
C ALA B 359 -22.09 -24.28 -1.14
N ARG B 360 -22.79 -25.23 -0.52
CA ARG B 360 -23.38 -24.99 0.82
C ARG B 360 -22.29 -24.57 1.82
N GLU B 361 -21.09 -25.17 1.73
CA GLU B 361 -20.07 -25.13 2.83
C GLU B 361 -19.38 -23.77 2.87
N GLY B 362 -19.36 -23.02 1.77
CA GLY B 362 -18.59 -21.75 1.68
C GLY B 362 -19.40 -20.53 2.06
N LEU B 363 -20.72 -20.67 2.22
CA LEU B 363 -21.59 -19.50 2.46
C LEU B 363 -21.37 -19.02 3.89
N VAL B 364 -21.21 -17.71 4.07
CA VAL B 364 -20.83 -17.12 5.37
C VAL B 364 -21.99 -16.22 5.86
N LEU B 365 -22.54 -16.57 7.01
CA LEU B 365 -23.57 -15.74 7.66
C LEU B 365 -22.85 -14.60 8.39
N LEU B 366 -23.04 -13.36 7.97
CA LEU B 366 -22.29 -12.20 8.52
C LEU B 366 -23.15 -11.46 9.55
N LYS B 367 -24.47 -11.53 9.44
CA LYS B 367 -25.38 -10.84 10.40
C LYS B 367 -26.69 -11.63 10.43
N ASN B 368 -27.31 -11.71 11.59
CA ASN B 368 -28.65 -12.37 11.69
C ASN B 368 -29.34 -11.83 12.94
N ARG B 369 -29.99 -10.67 12.81
CA ARG B 369 -30.63 -9.96 13.95
C ARG B 369 -31.86 -10.75 14.40
N ASP B 370 -31.91 -11.13 15.68
CA ASP B 370 -33.12 -11.68 16.35
C ASP B 370 -33.60 -12.95 15.64
N GLY B 371 -32.67 -13.74 15.08
CA GLY B 371 -32.97 -15.03 14.42
C GLY B 371 -33.95 -14.89 13.26
N LEU B 372 -33.88 -13.82 12.46
CA LEU B 372 -34.68 -13.69 11.22
C LEU B 372 -34.45 -14.91 10.32
N LEU B 373 -33.18 -15.28 10.11
CA LEU B 373 -32.85 -16.54 9.42
C LEU B 373 -32.71 -17.65 10.45
N PRO B 374 -33.08 -18.90 10.10
CA PRO B 374 -33.59 -19.23 8.77
C PRO B 374 -35.04 -18.81 8.53
N LEU B 375 -35.39 -18.57 7.26
CA LEU B 375 -36.77 -18.23 6.84
C LEU B 375 -37.62 -19.50 6.88
N LYS B 376 -38.91 -19.34 7.17
CA LYS B 376 -39.93 -20.39 6.93
C LYS B 376 -40.41 -20.27 5.47
N LYS B 377 -40.75 -21.39 4.86
CA LYS B 377 -41.31 -21.44 3.49
C LYS B 377 -42.80 -21.10 3.56
N GLN B 378 -43.09 -19.83 3.75
CA GLN B 378 -44.47 -19.32 3.93
C GLN B 378 -44.42 -17.81 3.72
N GLY B 379 -45.60 -17.21 3.54
CA GLY B 379 -45.76 -15.76 3.41
C GLY B 379 -45.37 -15.28 2.03
N ARG B 380 -45.14 -13.97 1.92
CA ARG B 380 -44.84 -13.27 0.65
C ARG B 380 -43.40 -12.75 0.77
N ILE B 381 -42.52 -13.24 -0.09
CA ILE B 381 -41.07 -12.91 -0.03
C ILE B 381 -40.73 -12.13 -1.28
N ALA B 382 -40.39 -10.85 -1.15
CA ALA B 382 -39.90 -10.03 -2.28
C ALA B 382 -38.46 -10.44 -2.56
N VAL B 383 -38.14 -10.73 -3.82
CA VAL B 383 -36.75 -11.10 -4.27
C VAL B 383 -36.35 -9.99 -5.21
N ILE B 384 -35.43 -9.13 -4.74
CA ILE B 384 -35.18 -7.86 -5.48
C ILE B 384 -33.68 -7.74 -5.71
N GLY B 385 -33.29 -7.30 -6.89
CA GLY B 385 -31.91 -6.84 -7.13
C GLY B 385 -31.38 -7.41 -8.43
N PRO B 386 -30.33 -6.76 -8.94
CA PRO B 386 -29.81 -7.12 -10.26
C PRO B 386 -29.13 -8.48 -10.33
N LEU B 387 -28.75 -9.06 -9.18
CA LEU B 387 -28.04 -10.38 -9.19
C LEU B 387 -29.03 -11.52 -8.94
N ALA B 388 -30.28 -11.22 -8.64
CA ALA B 388 -31.29 -12.26 -8.28
C ALA B 388 -31.49 -13.26 -9.42
N LYS B 389 -31.56 -12.78 -10.68
CA LYS B 389 -31.85 -13.63 -11.86
C LYS B 389 -30.62 -13.78 -12.74
N SER B 390 -29.41 -13.55 -12.21
CA SER B 390 -28.17 -13.54 -13.03
C SER B 390 -27.53 -14.95 -13.08
N GLN B 391 -27.62 -15.60 -14.24
CA GLN B 391 -26.91 -16.88 -14.49
C GLN B 391 -25.42 -16.60 -14.80
N ARG B 392 -25.15 -15.50 -15.48
CA ARG B 392 -23.75 -15.16 -15.88
C ARG B 392 -22.91 -14.90 -14.62
N ASP B 393 -23.48 -14.23 -13.62
CA ASP B 393 -22.69 -13.81 -12.43
C ASP B 393 -22.52 -14.96 -11.43
N VAL B 394 -23.51 -15.85 -11.27
CA VAL B 394 -23.46 -16.89 -10.21
C VAL B 394 -22.27 -17.82 -10.47
N ILE B 395 -21.85 -18.03 -11.72
CA ILE B 395 -20.71 -18.95 -12.00
C ILE B 395 -19.37 -18.23 -11.84
N GLY B 396 -19.36 -16.90 -11.64
CA GLY B 396 -18.13 -16.18 -11.29
C GLY B 396 -17.19 -15.94 -12.46
N SER B 397 -16.04 -15.29 -12.17
CA SER B 397 -14.91 -15.13 -13.12
C SER B 397 -14.20 -16.47 -13.29
N TRP B 398 -13.45 -16.62 -14.39
CA TRP B 398 -12.68 -17.83 -14.72
C TRP B 398 -13.59 -19.06 -14.62
N SER B 399 -14.69 -19.01 -15.34
CA SER B 399 -15.77 -20.02 -15.29
C SER B 399 -15.55 -21.11 -16.34
N ALA B 400 -14.36 -21.17 -16.94
CA ALA B 400 -13.92 -22.28 -17.81
C ALA B 400 -14.98 -22.55 -18.87
N ALA B 401 -15.41 -23.81 -19.04
CA ALA B 401 -16.43 -24.20 -20.01
C ALA B 401 -17.84 -24.19 -19.40
N GLY B 402 -18.01 -23.51 -18.26
CA GLY B 402 -19.33 -23.32 -17.64
C GLY B 402 -20.30 -22.63 -18.60
N VAL B 403 -21.52 -23.15 -18.67
CA VAL B 403 -22.63 -22.62 -19.50
C VAL B 403 -23.59 -21.86 -18.58
N PRO B 404 -23.64 -20.51 -18.65
CA PRO B 404 -24.58 -19.76 -17.82
C PRO B 404 -26.01 -20.31 -17.83
N ARG B 405 -26.53 -20.75 -18.97
CA ARG B 405 -27.93 -21.22 -19.07
C ARG B 405 -28.14 -22.49 -18.24
N GLN B 406 -27.07 -23.19 -17.85
CA GLN B 406 -27.19 -24.41 -17.01
C GLN B 406 -27.16 -24.05 -15.52
N ALA B 407 -26.90 -22.77 -15.16
CA ALA B 407 -26.70 -22.35 -13.75
C ALA B 407 -28.05 -22.06 -13.08
N VAL B 408 -28.12 -22.28 -11.77
CA VAL B 408 -29.32 -22.00 -10.93
C VAL B 408 -29.12 -20.63 -10.28
N THR B 409 -30.00 -19.69 -10.62
CA THR B 409 -29.94 -18.34 -10.05
C THR B 409 -30.45 -18.36 -8.60
N VAL B 410 -30.23 -17.29 -7.87
CA VAL B 410 -30.77 -17.16 -6.49
C VAL B 410 -32.31 -17.21 -6.57
N TYR B 411 -32.91 -16.51 -7.52
CA TYR B 411 -34.37 -16.50 -7.68
C TYR B 411 -34.87 -17.93 -7.92
N GLN B 412 -34.26 -18.63 -8.87
CA GLN B 412 -34.67 -20.02 -9.19
C GLN B 412 -34.41 -20.94 -7.99
N GLY B 413 -33.31 -20.77 -7.27
CA GLY B 413 -33.07 -21.55 -6.05
C GLY B 413 -34.19 -21.36 -5.03
N LEU B 414 -34.61 -20.12 -4.79
CA LEU B 414 -35.74 -19.84 -3.88
C LEU B 414 -37.03 -20.48 -4.42
N ALA B 415 -37.31 -20.37 -5.73
CA ALA B 415 -38.53 -20.94 -6.36
C ALA B 415 -38.52 -22.46 -6.18
N ASN B 416 -37.35 -23.10 -6.37
CA ASN B 416 -37.22 -24.57 -6.21
C ASN B 416 -37.52 -24.95 -4.77
N ALA B 417 -37.05 -24.15 -3.81
CA ALA B 417 -37.10 -24.44 -2.36
C ALA B 417 -38.56 -24.35 -1.88
N VAL B 418 -39.29 -23.31 -2.29
CA VAL B 418 -40.66 -23.03 -1.75
C VAL B 418 -41.69 -23.85 -2.54
N GLY B 419 -41.43 -24.17 -3.80
CA GLY B 419 -42.40 -24.87 -4.66
C GLY B 419 -43.70 -24.09 -4.67
N GLU B 420 -44.78 -24.70 -4.21
CA GLU B 420 -46.13 -24.06 -4.16
C GLU B 420 -46.31 -23.26 -2.86
N ARG B 421 -45.49 -23.50 -1.83
CA ARG B 421 -45.51 -22.74 -0.55
C ARG B 421 -45.03 -21.31 -0.80
N ALA B 422 -45.38 -20.38 0.06
CA ALA B 422 -44.96 -18.97 -0.04
C ALA B 422 -45.33 -18.41 -1.42
N THR B 423 -45.10 -17.13 -1.60
CA THR B 423 -45.25 -16.41 -2.87
C THR B 423 -43.99 -15.57 -3.05
N LEU B 424 -43.22 -15.81 -4.12
CA LEU B 424 -42.03 -14.99 -4.45
C LEU B 424 -42.51 -13.84 -5.34
N LEU B 425 -42.07 -12.62 -5.03
CA LEU B 425 -42.36 -11.41 -5.82
C LEU B 425 -41.04 -10.87 -6.33
N TYR B 426 -40.87 -10.83 -7.64
CA TYR B 426 -39.60 -10.40 -8.25
C TYR B 426 -39.68 -8.95 -8.74
N ALA B 427 -38.61 -8.19 -8.49
CA ALA B 427 -38.33 -6.90 -9.16
C ALA B 427 -36.81 -6.77 -9.27
N LYS B 428 -36.33 -6.34 -10.42
CA LYS B 428 -34.87 -6.16 -10.64
C LYS B 428 -34.34 -5.04 -9.75
N GLY B 429 -35.10 -3.96 -9.59
CA GLY B 429 -34.81 -2.90 -8.60
C GLY B 429 -33.74 -1.92 -9.04
N ALA B 430 -32.62 -2.38 -9.64
CA ALA B 430 -31.54 -1.51 -10.15
C ALA B 430 -30.69 -2.32 -11.13
N ASN B 431 -30.00 -1.63 -12.01
CA ASN B 431 -28.93 -2.25 -12.81
C ASN B 431 -27.73 -2.48 -11.89
N VAL B 432 -26.83 -3.36 -12.29
CA VAL B 432 -25.66 -3.72 -11.45
C VAL B 432 -24.84 -2.44 -11.21
N SER B 433 -24.87 -1.50 -12.14
CA SER B 433 -24.17 -0.19 -12.01
C SER B 433 -25.02 0.90 -12.67
N GLY B 434 -24.97 2.11 -12.11
CA GLY B 434 -25.60 3.32 -12.69
C GLY B 434 -24.65 4.06 -13.61
N ASP B 435 -23.39 3.63 -13.66
CA ASP B 435 -22.31 4.35 -14.39
C ASP B 435 -22.19 3.73 -15.77
N GLN B 436 -22.59 4.46 -16.82
CA GLN B 436 -22.62 3.93 -18.20
C GLN B 436 -21.21 3.51 -18.61
N ALA B 437 -20.17 4.23 -18.21
CA ALA B 437 -18.77 3.89 -18.58
C ALA B 437 -18.40 2.52 -17.97
N ILE B 438 -18.88 2.21 -16.78
CA ILE B 438 -18.66 0.88 -16.11
C ILE B 438 -19.45 -0.20 -16.87
N LEU B 439 -20.70 0.08 -17.23
CA LEU B 439 -21.52 -0.92 -17.96
C LEU B 439 -20.85 -1.19 -19.31
N ASP B 440 -20.32 -0.15 -19.97
CA ASP B 440 -19.63 -0.29 -21.29
C ASP B 440 -18.34 -1.07 -21.12
N TYR B 441 -17.60 -0.89 -20.03
CA TYR B 441 -16.40 -1.71 -19.76
C TYR B 441 -16.81 -3.18 -19.60
N LEU B 442 -17.85 -3.44 -18.82
CA LEU B 442 -18.21 -4.84 -18.49
C LEU B 442 -18.75 -5.55 -19.74
N ASN B 443 -19.36 -4.79 -20.65
CA ASN B 443 -19.97 -5.33 -21.89
C ASN B 443 -19.03 -5.11 -23.09
N SER B 444 -17.76 -4.75 -22.89
CA SER B 444 -16.85 -4.26 -23.97
C SER B 444 -16.50 -5.39 -24.95
N TYR B 445 -16.42 -6.63 -24.48
CA TYR B 445 -16.04 -7.78 -25.33
C TYR B 445 -17.26 -8.67 -25.57
N ASN B 446 -17.96 -9.03 -24.52
CA ASN B 446 -19.16 -9.89 -24.58
C ASN B 446 -20.29 -9.21 -23.81
N PRO B 447 -21.57 -9.55 -24.09
CA PRO B 447 -22.69 -9.04 -23.32
C PRO B 447 -22.70 -9.76 -21.96
N GLU B 448 -22.16 -9.15 -20.92
CA GLU B 448 -21.96 -9.82 -19.60
C GLU B 448 -23.06 -9.36 -18.63
N VAL B 449 -23.57 -8.15 -18.80
CA VAL B 449 -24.48 -7.48 -17.84
C VAL B 449 -25.71 -7.01 -18.62
N GLU B 450 -26.87 -7.52 -18.24
CA GLU B 450 -28.16 -7.12 -18.84
C GLU B 450 -28.48 -5.72 -18.33
N VAL B 451 -28.55 -4.75 -19.23
CA VAL B 451 -28.87 -3.35 -18.86
C VAL B 451 -30.36 -3.17 -19.10
N ASP B 452 -31.11 -3.03 -18.01
CA ASP B 452 -32.56 -2.76 -18.09
C ASP B 452 -32.71 -1.38 -18.68
N PRO B 453 -33.48 -1.25 -19.79
CA PRO B 453 -33.63 0.04 -20.46
C PRO B 453 -34.42 1.07 -19.62
N ARG B 454 -35.16 0.61 -18.59
CA ARG B 454 -35.97 1.48 -17.70
C ARG B 454 -35.03 2.43 -16.94
N SER B 455 -35.55 3.59 -16.55
CA SER B 455 -34.80 4.55 -15.70
C SER B 455 -34.59 3.89 -14.33
N ALA B 456 -33.58 4.32 -13.59
CA ALA B 456 -33.32 3.91 -12.19
C ALA B 456 -34.59 4.16 -11.36
N GLU B 457 -35.22 5.32 -11.56
CA GLU B 457 -36.40 5.77 -10.77
C GLU B 457 -37.56 4.78 -10.97
N ALA B 458 -37.87 4.39 -12.21
CA ALA B 458 -38.94 3.43 -12.56
C ALA B 458 -38.66 2.08 -11.90
N MET B 459 -37.41 1.62 -11.94
CA MET B 459 -37.03 0.32 -11.34
C MET B 459 -37.20 0.40 -9.82
N LEU B 460 -36.83 1.53 -9.22
CA LEU B 460 -36.95 1.75 -7.77
C LEU B 460 -38.43 1.74 -7.38
N GLU B 461 -39.30 2.43 -8.14
CA GLU B 461 -40.74 2.53 -7.83
C GLU B 461 -41.33 1.11 -7.91
N GLU B 462 -40.91 0.31 -8.88
CA GLU B 462 -41.39 -1.09 -9.03
C GLU B 462 -40.95 -1.91 -7.82
N ALA B 463 -39.68 -1.80 -7.42
CA ALA B 463 -39.13 -2.53 -6.25
C ALA B 463 -39.88 -2.12 -4.99
N LEU B 464 -40.19 -0.83 -4.81
CA LEU B 464 -40.88 -0.37 -3.58
C LEU B 464 -42.32 -0.91 -3.54
N ARG B 465 -42.99 -0.92 -4.68
CA ARG B 465 -44.35 -1.51 -4.81
C ARG B 465 -44.29 -2.98 -4.42
N THR B 466 -43.25 -3.69 -4.86
CA THR B 466 -43.06 -5.14 -4.62
C THR B 466 -42.82 -5.34 -3.12
N ALA B 467 -41.91 -4.56 -2.51
CA ALA B 467 -41.60 -4.68 -1.07
C ALA B 467 -42.88 -4.41 -0.25
N ARG B 468 -43.65 -3.40 -0.61
CA ARG B 468 -44.94 -3.05 0.07
C ARG B 468 -45.90 -4.27 0.05
N ASP B 469 -45.89 -5.06 -1.02
CA ASP B 469 -46.81 -6.21 -1.21
C ASP B 469 -46.25 -7.46 -0.51
N ALA B 470 -45.08 -7.38 0.14
CA ALA B 470 -44.40 -8.56 0.71
C ALA B 470 -44.30 -8.48 2.24
N ASP B 471 -43.98 -9.62 2.86
CA ASP B 471 -43.73 -9.78 4.32
C ASP B 471 -42.26 -9.48 4.63
N LEU B 472 -41.37 -9.78 3.71
CA LEU B 472 -39.92 -9.48 3.91
C LEU B 472 -39.26 -9.43 2.55
N VAL B 473 -38.07 -8.82 2.52
CA VAL B 473 -37.33 -8.55 1.26
C VAL B 473 -36.00 -9.31 1.30
N VAL B 474 -35.75 -10.11 0.29
CA VAL B 474 -34.43 -10.75 0.01
C VAL B 474 -33.78 -9.94 -1.11
N ALA B 475 -32.82 -9.07 -0.77
CA ALA B 475 -32.12 -8.20 -1.73
C ALA B 475 -30.87 -8.96 -2.20
N VAL B 476 -30.78 -9.21 -3.49
CA VAL B 476 -29.65 -9.99 -4.07
C VAL B 476 -28.81 -8.97 -4.81
N VAL B 477 -27.67 -8.60 -4.22
CA VAL B 477 -26.89 -7.38 -4.55
C VAL B 477 -25.41 -7.71 -4.51
N GLY B 478 -24.58 -6.82 -5.05
CA GLY B 478 -23.12 -6.96 -5.02
C GLY B 478 -22.51 -6.66 -6.38
N GLU B 479 -21.46 -7.40 -6.72
CA GLU B 479 -20.68 -7.19 -7.95
C GLU B 479 -21.14 -8.17 -9.02
N SER B 480 -21.02 -7.75 -10.27
CA SER B 480 -20.99 -8.68 -11.42
C SER B 480 -19.63 -9.36 -11.47
N GLN B 481 -19.53 -10.55 -12.05
CA GLN B 481 -18.30 -11.35 -12.01
C GLN B 481 -17.18 -10.60 -12.75
N GLY B 482 -17.50 -9.77 -13.74
CA GLY B 482 -16.48 -9.00 -14.47
C GLY B 482 -15.83 -7.91 -13.62
N MET B 483 -16.41 -7.59 -12.46
CA MET B 483 -15.83 -6.59 -11.53
C MET B 483 -14.70 -7.18 -10.68
N ALA B 484 -14.57 -8.49 -10.63
CA ALA B 484 -13.59 -9.23 -9.81
C ALA B 484 -12.95 -10.28 -10.71
N HIS B 485 -12.20 -9.79 -11.68
CA HIS B 485 -11.57 -10.59 -12.75
C HIS B 485 -10.16 -10.05 -12.96
N GLU B 486 -9.39 -10.72 -13.81
CA GLU B 486 -8.10 -10.19 -14.30
C GLU B 486 -8.32 -8.75 -14.78
N ALA B 487 -7.44 -7.87 -14.36
CA ALA B 487 -7.35 -6.45 -14.78
C ALA B 487 -8.57 -5.63 -14.29
N SER B 488 -9.47 -6.19 -13.46
CA SER B 488 -10.66 -5.44 -12.94
C SER B 488 -10.41 -4.95 -11.51
N SER B 489 -9.45 -4.05 -11.31
CA SER B 489 -9.13 -3.49 -9.99
C SER B 489 -10.11 -2.36 -9.69
N ARG B 490 -10.58 -2.30 -8.45
CA ARG B 490 -11.57 -1.32 -7.95
C ARG B 490 -10.91 -0.31 -7.02
N THR B 491 -11.37 0.94 -7.08
CA THR B 491 -10.96 2.03 -6.17
C THR B 491 -11.99 2.21 -5.04
N ASP B 492 -13.07 1.43 -5.06
CA ASP B 492 -14.26 1.54 -4.16
C ASP B 492 -14.66 0.11 -3.83
N LEU B 493 -14.76 -0.25 -2.55
CA LEU B 493 -15.08 -1.64 -2.13
C LEU B 493 -16.56 -1.76 -1.75
N ARG B 494 -17.35 -0.72 -1.96
CA ARG B 494 -18.78 -0.78 -1.56
C ARG B 494 -19.57 -1.55 -2.63
N ILE B 495 -20.74 -2.03 -2.25
CA ILE B 495 -21.77 -2.40 -3.26
C ILE B 495 -21.91 -1.21 -4.20
N PRO B 496 -22.06 -1.40 -5.53
CA PRO B 496 -22.29 -0.29 -6.45
C PRO B 496 -23.40 0.70 -6.05
N ALA B 497 -23.17 1.97 -6.36
CA ALA B 497 -24.04 3.09 -5.92
C ALA B 497 -25.50 2.83 -6.34
N SER B 498 -25.73 2.33 -7.56
CA SER B 498 -27.10 2.05 -8.05
C SER B 498 -27.82 1.09 -7.10
N GLN B 499 -27.11 0.11 -6.56
CA GLN B 499 -27.73 -0.92 -5.70
C GLN B 499 -27.82 -0.40 -4.27
N ARG B 500 -26.90 0.48 -3.85
CA ARG B 500 -26.97 1.05 -2.48
C ARG B 500 -28.17 2.00 -2.40
N ARG B 501 -28.46 2.70 -3.49
CA ARG B 501 -29.67 3.57 -3.53
C ARG B 501 -30.91 2.69 -3.35
N LEU B 502 -30.96 1.55 -4.04
CA LEU B 502 -32.05 0.54 -3.92
C LEU B 502 -32.14 0.07 -2.47
N LEU B 503 -31.00 -0.31 -1.88
CA LEU B 503 -31.04 -0.83 -0.48
C LEU B 503 -31.61 0.23 0.47
N LYS B 504 -31.22 1.49 0.33
CA LYS B 504 -31.67 2.56 1.27
C LYS B 504 -33.18 2.76 1.11
N ALA B 505 -33.68 2.72 -0.12
CA ALA B 505 -35.13 2.81 -0.42
C ALA B 505 -35.86 1.60 0.21
N LEU B 506 -35.33 0.39 0.06
CA LEU B 506 -35.97 -0.83 0.64
C LEU B 506 -35.97 -0.76 2.17
N LYS B 507 -34.89 -0.23 2.76
CA LYS B 507 -34.79 -0.11 4.23
C LYS B 507 -35.94 0.79 4.73
N ALA B 508 -36.21 1.88 4.00
CA ALA B 508 -37.21 2.91 4.38
C ALA B 508 -38.63 2.33 4.34
N THR B 509 -38.87 1.17 3.73
CA THR B 509 -40.22 0.54 3.74
C THR B 509 -40.54 -0.04 5.11
N GLY B 510 -39.53 -0.26 5.96
CA GLY B 510 -39.69 -0.92 7.27
C GLY B 510 -39.78 -2.43 7.16
N LYS B 511 -39.72 -3.02 5.97
CA LYS B 511 -39.83 -4.49 5.83
C LYS B 511 -38.52 -5.13 6.30
N PRO B 512 -38.56 -6.33 6.91
CA PRO B 512 -37.34 -7.05 7.24
C PRO B 512 -36.52 -7.22 5.95
N LEU B 513 -35.22 -6.97 6.05
CA LEU B 513 -34.34 -6.88 4.88
C LEU B 513 -33.20 -7.89 5.05
N VAL B 514 -33.17 -8.88 4.17
CA VAL B 514 -32.14 -9.96 4.09
C VAL B 514 -31.25 -9.65 2.88
N LEU B 515 -29.95 -9.45 3.10
CA LEU B 515 -29.00 -9.23 1.99
C LEU B 515 -28.35 -10.55 1.62
N VAL B 516 -28.47 -10.92 0.36
CA VAL B 516 -27.68 -12.02 -0.26
C VAL B 516 -26.62 -11.35 -1.12
N LEU B 517 -25.36 -11.42 -0.68
CA LEU B 517 -24.23 -10.76 -1.38
C LEU B 517 -23.62 -11.73 -2.40
N MET B 518 -23.43 -11.26 -3.61
CA MET B 518 -22.53 -11.89 -4.61
C MET B 518 -21.38 -10.95 -4.87
N ASN B 519 -20.17 -11.47 -4.84
CA ASN B 519 -18.97 -10.63 -4.94
C ASN B 519 -17.76 -11.55 -5.01
N GLY B 520 -16.68 -11.05 -5.57
CA GLY B 520 -15.44 -11.82 -5.76
C GLY B 520 -14.31 -11.24 -4.95
N ARG B 521 -14.60 -10.29 -4.08
CA ARG B 521 -13.60 -9.69 -3.19
C ARG B 521 -14.31 -9.25 -1.90
N PRO B 522 -13.56 -9.04 -0.79
CA PRO B 522 -14.10 -8.36 0.37
C PRO B 522 -14.78 -7.06 -0.07
N LEU B 523 -15.92 -6.76 0.55
CA LEU B 523 -16.66 -5.52 0.32
C LEU B 523 -16.68 -4.69 1.61
N SER B 524 -16.79 -3.38 1.44
CA SER B 524 -17.04 -2.39 2.52
CA SER B 524 -17.04 -2.41 2.53
C SER B 524 -18.54 -2.37 2.81
N LEU B 525 -18.95 -2.86 3.98
CA LEU B 525 -20.38 -3.14 4.30
C LEU B 525 -20.83 -2.42 5.58
N GLY B 526 -20.28 -1.23 5.87
CA GLY B 526 -20.63 -0.45 7.07
C GLY B 526 -22.13 -0.16 7.16
N TRP B 527 -22.74 0.37 6.10
CA TRP B 527 -24.18 0.72 6.10
C TRP B 527 -25.02 -0.56 6.26
N GLU B 528 -24.64 -1.62 5.57
CA GLU B 528 -25.40 -2.91 5.55
C GLU B 528 -25.34 -3.54 6.94
N GLN B 529 -24.17 -3.53 7.59
CA GLN B 529 -24.02 -4.12 8.93
C GLN B 529 -24.91 -3.36 9.92
N GLU B 530 -25.07 -2.07 9.73
CA GLU B 530 -25.91 -1.21 10.60
C GLU B 530 -27.39 -1.46 10.28
N ASN B 531 -27.77 -1.62 9.02
CA ASN B 531 -29.18 -1.43 8.59
C ASN B 531 -29.87 -2.75 8.17
N ALA B 532 -29.16 -3.71 7.57
CA ALA B 532 -29.80 -4.97 7.14
C ALA B 532 -30.19 -5.78 8.38
N ASP B 533 -31.22 -6.59 8.26
CA ASP B 533 -31.64 -7.50 9.35
C ASP B 533 -30.79 -8.78 9.29
N ALA B 534 -30.44 -9.27 8.11
CA ALA B 534 -29.50 -10.41 7.99
C ALA B 534 -28.63 -10.21 6.74
N ILE B 535 -27.46 -10.80 6.74
CA ILE B 535 -26.47 -10.67 5.63
C ILE B 535 -25.87 -12.06 5.41
N LEU B 536 -26.00 -12.57 4.20
CA LEU B 536 -25.39 -13.84 3.78
C LEU B 536 -24.40 -13.53 2.66
N GLU B 537 -23.13 -13.82 2.91
CA GLU B 537 -22.07 -13.75 1.89
C GLU B 537 -22.10 -15.03 1.05
N THR B 538 -22.30 -14.90 -0.27
CA THR B 538 -22.42 -16.09 -1.15
C THR B 538 -21.31 -16.11 -2.22
N TRP B 539 -20.40 -15.12 -2.19
CA TRP B 539 -19.29 -15.05 -3.18
C TRP B 539 -19.90 -15.11 -4.60
N PHE B 540 -19.34 -15.93 -5.50
CA PHE B 540 -20.04 -16.47 -6.68
C PHE B 540 -20.07 -18.00 -6.47
N SER B 541 -21.26 -18.57 -6.27
CA SER B 541 -21.41 -19.93 -5.70
CA SER B 541 -21.42 -19.93 -5.70
C SER B 541 -21.53 -21.02 -6.78
N GLY B 542 -21.48 -20.65 -8.07
CA GLY B 542 -21.34 -21.59 -9.21
C GLY B 542 -22.66 -22.13 -9.75
N THR B 543 -22.56 -23.22 -10.52
CA THR B 543 -23.67 -23.82 -11.31
C THR B 543 -24.86 -24.14 -10.38
N GLU B 544 -24.62 -24.59 -9.16
CA GLU B 544 -25.74 -24.91 -8.22
C GLU B 544 -25.89 -23.83 -7.17
N GLY B 545 -25.31 -22.66 -7.40
CA GLY B 545 -25.26 -21.61 -6.37
C GLY B 545 -26.64 -21.32 -5.80
N GLY B 546 -27.63 -21.07 -6.65
CA GLY B 546 -28.98 -20.68 -6.18
C GLY B 546 -29.56 -21.73 -5.26
N ASN B 547 -29.30 -23.01 -5.54
CA ASN B 547 -29.87 -24.09 -4.70
C ASN B 547 -29.17 -24.14 -3.33
N ALA B 548 -27.85 -24.03 -3.30
CA ALA B 548 -27.04 -23.98 -2.06
C ALA B 548 -27.48 -22.78 -1.22
N ILE B 549 -27.69 -21.62 -1.84
CA ILE B 549 -28.08 -20.37 -1.11
C ILE B 549 -29.48 -20.57 -0.49
N ALA B 550 -30.44 -21.12 -1.25
CA ALA B 550 -31.79 -21.39 -0.70
C ALA B 550 -31.73 -22.41 0.43
N ASP B 551 -30.85 -23.41 0.31
CA ASP B 551 -30.63 -24.45 1.36
C ASP B 551 -30.30 -23.75 2.69
N VAL B 552 -29.42 -22.74 2.66
CA VAL B 552 -29.02 -22.00 3.88
C VAL B 552 -30.16 -21.06 4.34
N LEU B 553 -30.77 -20.33 3.43
CA LEU B 553 -31.81 -19.32 3.78
C LEU B 553 -33.00 -19.98 4.48
N PHE B 554 -33.36 -21.19 4.09
CA PHE B 554 -34.51 -21.94 4.67
C PHE B 554 -34.06 -22.94 5.73
N GLY B 555 -32.76 -23.01 6.04
CA GLY B 555 -32.25 -23.76 7.20
C GLY B 555 -32.07 -25.26 6.93
N GLU B 556 -32.13 -25.69 5.67
CA GLU B 556 -31.75 -27.09 5.31
C GLU B 556 -30.26 -27.28 5.61
N HIS B 557 -29.46 -26.25 5.47
CA HIS B 557 -28.03 -26.25 5.84
C HIS B 557 -27.80 -25.11 6.82
N ASN B 558 -27.22 -25.42 7.96
CA ASN B 558 -26.86 -24.41 8.98
C ASN B 558 -25.55 -23.76 8.53
N PRO B 559 -25.53 -22.45 8.20
CA PRO B 559 -24.32 -21.83 7.69
C PRO B 559 -23.11 -22.16 8.57
N SER B 560 -22.01 -22.55 7.89
CA SER B 560 -20.77 -22.99 8.57
C SER B 560 -19.55 -22.29 7.95
N GLY B 561 -19.73 -21.43 6.95
CA GLY B 561 -18.61 -20.75 6.28
C GLY B 561 -18.00 -19.72 7.21
N LYS B 562 -16.69 -19.50 7.06
CA LYS B 562 -15.97 -18.48 7.86
C LYS B 562 -15.00 -17.76 6.94
N LEU B 563 -14.86 -16.45 7.10
CA LEU B 563 -14.04 -15.62 6.20
C LEU B 563 -12.58 -16.09 6.25
N THR B 564 -11.91 -16.09 5.10
CA THR B 564 -10.43 -16.32 5.01
C THR B 564 -9.71 -15.03 4.60
N MET B 565 -10.45 -13.94 4.54
CA MET B 565 -9.88 -12.62 4.23
C MET B 565 -10.66 -11.58 5.03
N SER B 566 -9.94 -10.66 5.67
CA SER B 566 -10.47 -9.56 6.48
C SER B 566 -11.28 -8.62 5.59
N PHE B 567 -12.45 -8.19 6.05
CA PHE B 567 -13.29 -7.26 5.29
C PHE B 567 -12.98 -5.86 5.83
N PRO B 568 -12.34 -5.00 5.04
CA PRO B 568 -12.02 -3.63 5.48
C PRO B 568 -13.28 -2.81 5.63
N ARG B 569 -13.26 -1.82 6.52
CA ARG B 569 -14.42 -0.88 6.66
C ARG B 569 -14.54 0.01 5.41
N SER B 570 -13.44 0.34 4.75
CA SER B 570 -13.42 1.16 3.51
C SER B 570 -12.11 0.90 2.77
N VAL B 571 -12.08 1.26 1.51
CA VAL B 571 -10.86 1.08 0.67
C VAL B 571 -9.69 1.89 1.24
N GLY B 572 -9.98 2.96 1.98
CA GLY B 572 -8.94 3.83 2.54
C GLY B 572 -8.17 3.16 3.69
N GLN B 573 -8.60 1.98 4.13
CA GLN B 573 -7.93 1.22 5.22
C GLN B 573 -7.00 0.15 4.66
N VAL B 574 -6.95 -0.05 3.34
CA VAL B 574 -6.18 -1.16 2.74
C VAL B 574 -4.69 -0.91 2.99
N PRO B 575 -3.89 -1.94 3.33
CA PRO B 575 -4.39 -3.27 3.65
C PRO B 575 -4.79 -3.47 5.12
N VAL B 576 -5.75 -4.35 5.34
CA VAL B 576 -6.12 -4.88 6.68
C VAL B 576 -6.04 -6.40 6.58
N TYR B 577 -5.37 -7.00 7.55
CA TYR B 577 -5.21 -8.47 7.63
C TYR B 577 -4.91 -8.78 9.08
N TYR B 578 -5.26 -10.00 9.51
CA TYR B 578 -5.31 -10.34 10.96
C TYR B 578 -3.88 -10.52 11.49
N ASN B 579 -2.96 -11.02 10.67
CA ASN B 579 -1.59 -11.39 11.11
C ASN B 579 -0.65 -10.21 10.86
N HIS B 580 -1.03 -9.04 11.36
CA HIS B 580 -0.24 -7.80 11.31
C HIS B 580 0.72 -7.73 12.50
N LEU B 581 1.68 -6.84 12.43
CA LEU B 581 2.61 -6.57 13.53
C LEU B 581 1.94 -5.61 14.52
N ASN B 582 2.41 -5.61 15.76
CA ASN B 582 1.81 -4.82 16.84
C ASN B 582 2.11 -3.33 16.69
N THR B 583 3.29 -2.99 16.17
CA THR B 583 3.91 -1.64 16.19
C THR B 583 4.27 -1.27 17.64
N GLY B 584 4.95 -0.13 17.82
CA GLY B 584 5.34 0.36 19.15
C GLY B 584 4.20 1.09 19.82
N ARG B 585 3.14 1.41 19.09
CA ARG B 585 1.99 2.21 19.59
C ARG B 585 0.70 1.58 19.07
N PRO B 586 0.38 0.35 19.49
CA PRO B 586 -0.79 -0.35 18.98
C PRO B 586 -2.08 0.36 19.38
N MET B 587 -3.07 0.34 18.50
CA MET B 587 -4.42 0.88 18.77
C MET B 587 -5.14 -0.09 19.71
N ASP B 588 -5.89 0.44 20.68
CA ASP B 588 -6.66 -0.35 21.67
C ASP B 588 -8.15 -0.21 21.35
N GLY B 593 -4.79 7.60 23.58
CA GLY B 593 -5.35 6.72 22.52
C GLY B 593 -5.29 7.34 21.14
N LYS B 594 -5.10 8.66 21.07
CA LYS B 594 -4.87 9.37 19.79
C LYS B 594 -3.49 8.97 19.24
N TYR B 595 -2.42 8.87 20.06
CA TYR B 595 -1.05 8.62 19.56
C TYR B 595 -0.81 7.12 19.42
N THR B 596 -1.63 6.51 18.56
CA THR B 596 -1.53 5.07 18.23
C THR B 596 -1.62 4.92 16.74
N SER B 597 -1.37 3.70 16.26
CA SER B 597 -1.39 3.36 14.82
C SER B 597 -2.84 3.13 14.39
N ARG B 598 -3.47 4.16 13.83
CA ARG B 598 -4.93 4.18 13.60
C ARG B 598 -5.30 5.29 12.61
N TYR B 599 -6.52 5.25 12.11
CA TYR B 599 -7.14 6.37 11.38
C TYR B 599 -8.02 7.14 12.35
N PHE B 600 -8.26 8.42 12.08
CA PHE B 600 -9.09 9.28 12.97
C PHE B 600 -10.48 9.51 12.35
N ASP B 601 -10.68 9.25 11.06
CA ASP B 601 -11.94 9.64 10.36
C ASP B 601 -12.87 8.44 10.13
N GLU B 602 -12.60 7.29 10.74
CA GLU B 602 -13.39 6.05 10.58
C GLU B 602 -13.06 5.12 11.75
N ALA B 603 -13.99 4.25 12.13
CA ALA B 603 -13.71 3.20 13.15
C ALA B 603 -12.56 2.35 12.61
N ASN B 604 -11.77 1.80 13.54
CA ASN B 604 -10.54 1.05 13.21
C ASN B 604 -10.77 -0.45 13.33
N GLY B 605 -9.85 -1.20 12.73
CA GLY B 605 -9.91 -2.66 12.60
C GLY B 605 -10.85 -3.03 11.47
N PRO B 606 -10.91 -4.33 11.11
CA PRO B 606 -11.78 -4.77 10.04
C PRO B 606 -13.24 -4.71 10.50
N LEU B 607 -14.16 -4.61 9.56
CA LEU B 607 -15.58 -4.73 9.93
C LEU B 607 -15.84 -6.17 10.33
N TYR B 608 -15.29 -7.11 9.57
CA TYR B 608 -15.39 -8.56 9.86
C TYR B 608 -14.01 -9.16 9.82
N PRO B 609 -13.58 -9.80 10.91
CA PRO B 609 -12.23 -10.32 11.01
C PRO B 609 -12.06 -11.69 10.36
N PHE B 610 -10.81 -12.00 10.10
CA PHE B 610 -10.40 -13.34 9.62
C PHE B 610 -11.05 -14.40 10.53
N GLY B 611 -11.64 -15.43 9.92
CA GLY B 611 -12.21 -16.57 10.68
C GLY B 611 -13.64 -16.30 11.14
N TYR B 612 -14.22 -15.16 10.80
CA TYR B 612 -15.58 -14.77 11.29
C TYR B 612 -16.66 -15.47 10.47
N GLY B 613 -17.70 -15.93 11.15
CA GLY B 613 -18.94 -16.38 10.51
C GLY B 613 -19.91 -16.91 11.53
N LEU B 614 -21.18 -16.63 11.35
CA LEU B 614 -22.21 -16.92 12.36
C LEU B 614 -22.86 -18.27 12.04
N SER B 615 -23.64 -18.74 12.99
CA SER B 615 -24.42 -19.99 12.86
C SER B 615 -25.88 -19.74 13.26
N TYR B 616 -26.76 -20.67 12.92
CA TYR B 616 -28.14 -20.70 13.44
C TYR B 616 -28.18 -21.36 14.82
N THR B 617 -27.10 -21.98 15.27
CA THR B 617 -27.02 -22.51 16.65
C THR B 617 -25.94 -21.77 17.40
N GLU B 618 -25.71 -22.15 18.66
CA GLU B 618 -24.71 -21.54 19.56
C GLU B 618 -23.69 -22.64 19.89
N PHE B 619 -22.40 -22.28 19.93
CA PHE B 619 -21.32 -23.18 20.34
C PHE B 619 -20.62 -22.61 21.56
N SER B 620 -20.17 -23.49 22.43
CA SER B 620 -19.37 -23.13 23.63
C SER B 620 -18.03 -23.85 23.58
N LEU B 621 -16.97 -23.17 24.03
CA LEU B 621 -15.65 -23.77 24.19
C LEU B 621 -15.35 -23.83 25.69
N SER B 622 -14.86 -24.98 26.16
CA SER B 622 -14.30 -25.16 27.53
C SER B 622 -12.97 -24.42 27.58
N PRO B 623 -12.41 -24.21 28.80
CA PRO B 623 -11.09 -23.59 28.91
C PRO B 623 -10.01 -24.34 28.12
N LEU B 624 -9.11 -23.57 27.50
CA LEU B 624 -7.96 -24.13 26.77
C LEU B 624 -7.02 -24.75 27.80
N ARG B 625 -6.55 -25.97 27.55
CA ARG B 625 -5.58 -26.68 28.41
C ARG B 625 -4.39 -27.10 27.55
N LEU B 626 -3.17 -26.71 27.95
CA LEU B 626 -1.92 -27.18 27.33
C LEU B 626 -1.40 -28.39 28.12
N SER B 627 -0.75 -29.32 27.43
CA SER B 627 -0.23 -30.58 28.03
C SER B 627 0.98 -30.28 28.94
N SER B 628 1.64 -29.14 28.78
CA SER B 628 2.75 -28.72 29.68
C SER B 628 2.96 -27.21 29.58
N GLU B 629 3.64 -26.63 30.56
CA GLU B 629 4.00 -25.19 30.53
C GLU B 629 5.38 -25.04 29.87
N ARG B 630 6.11 -26.13 29.70
CA ARG B 630 7.47 -26.13 29.08
C ARG B 630 7.47 -27.18 27.99
N LEU B 631 8.07 -26.89 26.84
CA LEU B 631 8.18 -27.81 25.69
C LEU B 631 9.66 -28.02 25.38
N ALA B 632 10.11 -29.27 25.41
CA ALA B 632 11.49 -29.65 25.05
C ALA B 632 11.63 -29.63 23.53
N ARG B 633 12.83 -29.28 23.04
CA ARG B 633 13.18 -29.40 21.60
C ARG B 633 12.85 -30.82 21.13
N GLY B 634 12.16 -30.93 19.99
CA GLY B 634 11.84 -32.22 19.34
C GLY B 634 10.67 -32.92 19.99
N ALA B 635 10.03 -32.31 20.99
CA ALA B 635 8.82 -32.82 21.65
C ALA B 635 7.58 -32.15 21.04
N THR B 636 6.40 -32.69 21.35
CA THR B 636 5.08 -32.22 20.85
C THR B 636 4.30 -31.66 22.04
N LEU B 637 3.58 -30.57 21.82
CA LEU B 637 2.65 -30.01 22.82
C LEU B 637 1.25 -30.30 22.34
N GLU B 638 0.32 -30.60 23.25
CA GLU B 638 -1.11 -30.73 22.90
C GLU B 638 -1.87 -29.57 23.52
N ALA B 639 -2.68 -28.90 22.72
CA ALA B 639 -3.68 -27.91 23.17
C ALA B 639 -5.06 -28.55 23.05
N ARG B 640 -5.78 -28.66 24.16
CA ARG B 640 -7.11 -29.30 24.18
C ARG B 640 -8.19 -28.28 24.55
N VAL B 641 -9.31 -28.36 23.86
CA VAL B 641 -10.53 -27.65 24.22
C VAL B 641 -11.71 -28.61 23.95
N THR B 642 -12.83 -28.43 24.62
CA THR B 642 -14.05 -29.18 24.28
C THR B 642 -15.03 -28.20 23.65
N LEU B 643 -15.49 -28.53 22.45
CA LEU B 643 -16.55 -27.79 21.73
C LEU B 643 -17.89 -28.48 21.97
N SER B 644 -18.90 -27.69 22.31
CA SER B 644 -20.28 -28.16 22.55
C SER B 644 -21.25 -27.37 21.70
N ASN B 645 -22.29 -28.04 21.23
CA ASN B 645 -23.44 -27.38 20.59
C ASN B 645 -24.44 -27.07 21.70
N SER B 646 -24.51 -25.80 22.10
CA SER B 646 -25.31 -25.33 23.25
C SER B 646 -26.64 -24.75 22.76
N GLY B 647 -26.97 -24.91 21.48
CA GLY B 647 -28.20 -24.34 20.90
C GLY B 647 -29.18 -25.41 20.48
N LYS B 648 -30.11 -25.03 19.59
CA LYS B 648 -31.33 -25.84 19.29
C LYS B 648 -31.22 -26.51 17.92
N ARG B 649 -30.18 -26.23 17.15
CA ARG B 649 -30.06 -26.75 15.75
C ARG B 649 -28.71 -27.42 15.57
N ALA B 650 -28.69 -28.51 14.82
CA ALA B 650 -27.43 -29.14 14.39
C ALA B 650 -26.65 -28.14 13.55
N GLY B 651 -25.34 -28.18 13.60
CA GLY B 651 -24.52 -27.28 12.77
C GLY B 651 -23.06 -27.47 13.02
N ALA B 652 -22.25 -26.93 12.11
CA ALA B 652 -20.78 -27.03 12.17
C ALA B 652 -20.24 -25.66 12.50
N THR B 653 -19.05 -25.68 13.07
CA THR B 653 -18.24 -24.47 13.24
C THR B 653 -16.79 -24.86 13.04
N VAL B 654 -15.93 -23.86 13.08
CA VAL B 654 -14.49 -24.08 12.82
C VAL B 654 -13.75 -23.58 14.04
N VAL B 655 -13.15 -24.49 14.79
CA VAL B 655 -12.28 -24.12 15.93
C VAL B 655 -10.90 -23.81 15.37
N GLN B 656 -10.39 -22.63 15.69
CA GLN B 656 -9.15 -22.08 15.10
C GLN B 656 -8.11 -21.96 16.20
N LEU B 657 -6.89 -22.33 15.88
CA LEU B 657 -5.72 -22.23 16.77
C LEU B 657 -4.73 -21.24 16.15
N TYR B 658 -4.38 -20.25 16.95
CA TYR B 658 -3.42 -19.19 16.60
C TYR B 658 -2.27 -19.24 17.57
N LEU B 659 -1.11 -18.82 17.10
CA LEU B 659 0.14 -18.77 17.88
C LEU B 659 0.72 -17.37 17.81
N GLN B 660 1.21 -16.86 18.92
CA GLN B 660 2.03 -15.62 18.93
C GLN B 660 3.39 -15.95 19.56
N ASP B 661 4.46 -15.42 18.98
CA ASP B 661 5.83 -15.43 19.53
C ASP B 661 6.12 -14.02 20.02
N PRO B 662 5.79 -13.68 21.28
CA PRO B 662 5.73 -12.28 21.70
C PRO B 662 7.08 -11.58 21.88
N VAL B 663 8.19 -12.34 21.93
CA VAL B 663 9.56 -11.75 21.98
C VAL B 663 10.39 -12.50 20.96
N ALA B 664 10.95 -11.81 19.96
CA ALA B 664 11.71 -12.51 18.90
C ALA B 664 12.74 -11.57 18.28
N SER B 665 13.66 -12.12 17.49
CA SER B 665 14.75 -11.41 16.74
CA SER B 665 14.73 -11.32 16.83
C SER B 665 14.17 -10.48 15.66
N LEU B 666 12.93 -10.75 15.23
CA LEU B 666 12.09 -9.90 14.36
C LEU B 666 10.77 -9.65 15.09
N SER B 667 10.12 -8.54 14.80
CA SER B 667 8.73 -8.27 15.26
C SER B 667 7.83 -9.30 14.57
N ARG B 668 7.17 -10.15 15.34
CA ARG B 668 6.31 -11.23 14.79
C ARG B 668 4.85 -10.81 14.94
N PRO B 669 3.99 -11.37 14.07
CA PRO B 669 2.57 -11.03 14.06
C PRO B 669 1.92 -11.25 15.42
N VAL B 670 0.89 -10.45 15.69
CA VAL B 670 0.06 -10.52 16.93
C VAL B 670 -0.56 -11.92 17.03
N LYS B 671 -0.80 -12.57 15.91
CA LYS B 671 -1.18 -14.01 15.91
C LYS B 671 -1.08 -14.55 14.50
N GLU B 672 -0.89 -15.87 14.41
CA GLU B 672 -0.71 -16.58 13.13
C GLU B 672 -1.51 -17.87 13.25
N LEU B 673 -2.34 -18.19 12.28
CA LEU B 673 -3.11 -19.46 12.25
C LEU B 673 -2.14 -20.65 12.20
N ARG B 674 -2.31 -21.64 13.08
CA ARG B 674 -1.45 -22.85 13.05
C ARG B 674 -2.30 -24.12 13.06
N GLY B 675 -3.62 -24.02 13.08
CA GLY B 675 -4.44 -25.23 12.99
C GLY B 675 -5.89 -24.90 13.08
N PHE B 676 -6.74 -25.85 12.74
CA PHE B 676 -8.19 -25.63 12.83
C PHE B 676 -8.86 -27.00 12.73
N ARG B 677 -10.09 -27.04 13.18
CA ARG B 677 -10.92 -28.28 13.13
C ARG B 677 -12.32 -27.84 12.82
N LYS B 678 -12.87 -28.32 11.71
CA LYS B 678 -14.30 -28.10 11.40
C LYS B 678 -15.09 -29.25 12.00
N VAL B 679 -16.06 -28.93 12.84
CA VAL B 679 -16.78 -29.97 13.62
C VAL B 679 -18.29 -29.77 13.44
N MET B 680 -18.98 -30.80 12.99
CA MET B 680 -20.46 -30.84 12.88
C MET B 680 -21.01 -31.47 14.16
N LEU B 681 -21.94 -30.80 14.86
CA LEU B 681 -22.49 -31.29 16.15
C LEU B 681 -24.01 -31.20 16.13
N GLU B 682 -24.67 -32.26 16.57
CA GLU B 682 -26.10 -32.19 16.94
C GLU B 682 -26.22 -31.40 18.24
N PRO B 683 -27.41 -30.81 18.53
CA PRO B 683 -27.62 -30.14 19.80
C PRO B 683 -27.22 -31.02 21.00
N GLY B 684 -26.43 -30.47 21.92
CA GLY B 684 -25.98 -31.15 23.14
C GLY B 684 -24.81 -32.08 22.91
N GLU B 685 -24.32 -32.21 21.68
CA GLU B 685 -23.12 -33.05 21.42
C GLU B 685 -21.88 -32.23 21.79
N SER B 686 -20.81 -32.95 22.13
CA SER B 686 -19.49 -32.39 22.46
C SER B 686 -18.45 -33.13 21.64
N ARG B 687 -17.33 -32.47 21.39
CA ARG B 687 -16.12 -33.15 20.88
C ARG B 687 -14.93 -32.54 21.61
N GLU B 688 -14.04 -33.40 22.12
CA GLU B 688 -12.72 -32.98 22.62
C GLU B 688 -11.84 -32.74 21.40
N ILE B 689 -11.36 -31.51 21.24
CA ILE B 689 -10.44 -31.17 20.11
C ILE B 689 -9.03 -31.17 20.67
N VAL B 690 -8.11 -31.85 20.00
CA VAL B 690 -6.68 -31.94 20.39
C VAL B 690 -5.86 -31.39 19.23
N PHE B 691 -5.25 -30.23 19.44
CA PHE B 691 -4.25 -29.66 18.50
C PHE B 691 -2.86 -30.12 18.91
N ARG B 692 -2.06 -30.49 17.92
CA ARG B 692 -0.63 -30.88 18.09
C ARG B 692 0.22 -29.70 17.62
N LEU B 693 1.17 -29.26 18.45
CA LEU B 693 2.15 -28.21 18.08
C LEU B 693 3.56 -28.79 18.20
N GLY B 694 4.39 -28.55 17.18
CA GLY B 694 5.79 -28.98 17.12
C GLY B 694 6.69 -27.81 16.84
N GLU B 695 7.99 -28.06 16.80
CA GLU B 695 9.01 -27.02 16.54
C GLU B 695 8.72 -26.37 15.18
N ALA B 696 8.27 -27.14 14.19
CA ALA B 696 8.00 -26.63 12.83
C ALA B 696 6.93 -25.52 12.90
N ASP B 697 6.00 -25.59 13.84
CA ASP B 697 4.95 -24.55 14.03
C ASP B 697 5.54 -23.25 14.61
N LEU B 698 6.73 -23.33 15.20
CA LEU B 698 7.28 -22.23 16.04
C LEU B 698 8.39 -21.50 15.30
N LYS B 699 8.87 -22.07 14.19
CA LYS B 699 9.99 -21.51 13.41
C LYS B 699 9.53 -20.29 12.62
N PHE B 700 10.47 -19.38 12.35
CA PHE B 700 10.24 -18.22 11.49
C PHE B 700 11.56 -17.81 10.84
N TYR B 701 11.46 -17.05 9.74
CA TYR B 701 12.62 -16.46 9.03
C TYR B 701 12.99 -15.16 9.71
N ASP B 702 14.24 -15.06 10.17
CA ASP B 702 14.72 -13.80 10.79
C ASP B 702 15.30 -12.91 9.69
N SER B 703 15.94 -11.82 10.08
CA SER B 703 16.50 -10.81 9.15
C SER B 703 17.47 -11.46 8.15
N GLN B 704 18.20 -12.51 8.55
CA GLN B 704 19.20 -13.18 7.68
C GLN B 704 18.59 -14.40 7.03
N LEU B 705 17.27 -14.62 7.18
CA LEU B 705 16.54 -15.80 6.64
C LEU B 705 17.01 -17.07 7.34
N ARG B 706 17.52 -17.01 8.57
CA ARG B 706 17.67 -18.23 9.38
C ARG B 706 16.25 -18.68 9.74
N HIS B 707 15.92 -19.94 9.44
CA HIS B 707 14.58 -20.51 9.66
C HIS B 707 14.66 -21.40 10.92
N THR B 708 14.40 -20.86 12.09
CA THR B 708 14.53 -21.61 13.36
C THR B 708 13.45 -21.12 14.34
N ALA B 709 13.30 -21.88 15.41
CA ALA B 709 12.44 -21.54 16.55
C ALA B 709 13.35 -21.11 17.69
N GLU B 710 13.08 -19.93 18.26
CA GLU B 710 13.88 -19.40 19.37
C GLU B 710 13.23 -19.81 20.67
N PRO B 711 14.02 -20.21 21.68
CA PRO B 711 13.48 -20.51 23.00
C PRO B 711 12.83 -19.23 23.56
N GLY B 712 11.82 -19.40 24.39
CA GLY B 712 11.03 -18.30 24.95
C GLY B 712 9.55 -18.64 24.98
N GLU B 713 8.75 -17.65 25.36
CA GLU B 713 7.28 -17.82 25.49
C GLU B 713 6.64 -17.94 24.10
N PHE B 714 5.60 -18.77 24.02
CA PHE B 714 4.62 -18.80 22.90
C PHE B 714 3.24 -18.68 23.51
N LYS B 715 2.37 -17.89 22.88
CA LYS B 715 0.98 -17.71 23.31
C LYS B 715 0.10 -18.49 22.33
N VAL B 716 -0.75 -19.35 22.87
CA VAL B 716 -1.70 -20.21 22.11
C VAL B 716 -3.08 -19.64 22.30
N PHE B 717 -3.77 -19.36 21.20
CA PHE B 717 -5.14 -18.82 21.23
C PHE B 717 -6.05 -19.82 20.51
N VAL B 718 -7.22 -20.10 21.10
CA VAL B 718 -8.25 -20.93 20.45
C VAL B 718 -9.58 -20.19 20.51
N GLY B 719 -10.33 -20.23 19.42
CA GLY B 719 -11.61 -19.53 19.32
C GLY B 719 -12.32 -19.90 18.05
N LEU B 720 -13.49 -19.32 17.84
CA LEU B 720 -14.29 -19.57 16.63
C LEU B 720 -14.04 -18.45 15.61
N ASP B 721 -13.18 -17.48 15.92
CA ASP B 721 -12.65 -16.51 14.93
C ASP B 721 -11.37 -15.90 15.48
N SER B 722 -10.70 -15.08 14.68
CA SER B 722 -9.38 -14.52 15.05
C SER B 722 -9.51 -13.46 16.16
N ALA B 723 -10.72 -12.95 16.40
CA ALA B 723 -10.97 -11.78 17.29
C ALA B 723 -11.46 -12.22 18.67
N GLN B 724 -12.06 -13.42 18.77
CA GLN B 724 -12.72 -13.89 20.00
C GLN B 724 -12.04 -15.19 20.42
N THR B 725 -10.91 -15.06 21.13
CA THR B 725 -10.09 -16.22 21.55
C THR B 725 -9.86 -16.20 23.06
N GLU B 726 -9.50 -17.37 23.59
CA GLU B 726 -8.89 -17.52 24.93
C GLU B 726 -7.44 -18.00 24.72
N SER B 727 -6.53 -17.55 25.56
CA SER B 727 -5.08 -17.75 25.37
C SER B 727 -4.44 -18.39 26.61
N ARG B 728 -3.45 -19.24 26.35
CA ARG B 728 -2.53 -19.79 27.38
C ARG B 728 -1.12 -19.78 26.81
N SER B 729 -0.11 -19.62 27.66
CA SER B 729 1.30 -19.60 27.20
C SER B 729 2.02 -20.88 27.62
N PHE B 730 3.05 -21.23 26.87
CA PHE B 730 4.07 -22.22 27.24
C PHE B 730 5.43 -21.64 26.89
N THR B 731 6.50 -22.27 27.36
CA THR B 731 7.88 -21.82 27.07
C THR B 731 8.58 -22.93 26.32
N LEU B 732 9.13 -22.61 25.15
CA LEU B 732 10.03 -23.52 24.41
C LEU B 732 11.41 -23.46 25.07
N LEU B 733 11.96 -24.61 25.44
CA LEU B 733 13.30 -24.70 26.08
C LEU B 733 14.41 -24.61 25.02
S SO4 C . 9.69 14.46 18.89
O1 SO4 C . 8.98 15.03 20.01
O2 SO4 C . 8.78 13.77 18.03
O3 SO4 C . 10.68 13.54 19.35
O4 SO4 C . 10.34 15.52 18.15
MG MG D . 20.19 1.01 -19.73
S SO4 E . -12.01 3.42 16.92
O1 SO4 E . -12.14 3.22 18.33
O2 SO4 E . -12.29 2.16 16.27
O3 SO4 E . -10.65 3.86 16.62
O4 SO4 E . -12.96 4.42 16.50
S SO4 F . -3.77 -18.13 -18.54
O1 SO4 F . -3.77 -18.57 -17.16
O2 SO4 F . -3.92 -19.30 -19.38
O3 SO4 F . -4.88 -17.25 -18.75
O4 SO4 F . -2.54 -17.44 -18.84
MG MG G . 10.22 -15.80 21.18
#